data_4XM2
#
_entry.id   4XM2
#
_cell.length_a   81.634
_cell.length_b   121.825
_cell.length_c   92.133
_cell.angle_alpha   90.00
_cell.angle_beta   113.88
_cell.angle_gamma   90.00
#
_symmetry.space_group_name_H-M   'P 1 21 1'
#
loop_
_entity.id
_entity.type
_entity.pdbx_description
1 polymer 'Uncharacterized protein'
2 non-polymer 'ZINC ION'
3 water water
#
_entity_poly.entity_id   1
_entity_poly.type   'polypeptide(L)'
_entity_poly.pdbx_seq_one_letter_code
;MFENVSTFEEAFNKLLKEVLEFNLENPFEDAKKVICIEPHPDDCAIGMGGTIKKLSDEGVEVIYICMTDGYMGTTDEKLS
GHELALIRRREEEESAKLLGVRKIYWLNYRDTELPYSREVRKDLVKIIRKEKPDGVFAPDPWLPYESHPDHRRTGFLAIE
SVAFSQLPNFSNIDIDIGLKPHSVSFIALYYTHKPNYIVDITDLMELKLKAIRAHRSQFTDDIWETWEPFLRTVTMFYGE
KIGVRYGEGFRVMPGLFYHITPFADLI
;
_entity_poly.pdbx_strand_id   A,B,C,D,E,F
#
# COMPACT_ATOMS: atom_id res chain seq x y z
N PHE A 2 -20.91 26.58 33.20
CA PHE A 2 -19.48 26.64 33.60
C PHE A 2 -18.89 28.08 33.61
N GLU A 3 -19.74 29.07 33.32
CA GLU A 3 -19.35 30.51 33.26
C GLU A 3 -18.82 31.08 34.58
N ASN A 4 -18.94 30.32 35.68
CA ASN A 4 -18.69 30.86 37.02
C ASN A 4 -17.24 30.94 37.50
N VAL A 5 -16.34 30.47 36.65
CA VAL A 5 -14.92 30.29 36.98
C VAL A 5 -14.07 31.52 36.62
N SER A 6 -12.92 31.64 37.29
CA SER A 6 -12.10 32.85 37.21
C SER A 6 -10.73 32.66 36.54
N THR A 7 -9.94 31.72 37.05
CA THR A 7 -8.68 31.39 36.40
C THR A 7 -8.82 30.07 35.65
N PHE A 8 -7.90 29.83 34.72
CA PHE A 8 -7.73 28.51 34.11
C PHE A 8 -7.48 27.42 35.18
N GLU A 9 -6.64 27.70 36.19
CA GLU A 9 -6.28 26.70 37.19
C GLU A 9 -7.48 26.17 37.98
N GLU A 10 -8.41 27.06 38.29
CA GLU A 10 -9.70 26.73 38.88
C GLU A 10 -10.54 25.87 37.91
N ALA A 11 -10.74 26.39 36.70
CA ALA A 11 -11.34 25.66 35.57
C ALA A 11 -10.80 24.22 35.42
N PHE A 12 -9.47 24.10 35.29
CA PHE A 12 -8.74 22.81 35.24
C PHE A 12 -9.05 21.84 36.41
N ASN A 13 -9.01 22.33 37.66
CA ASN A 13 -9.32 21.47 38.82
C ASN A 13 -10.78 21.03 38.87
N LYS A 14 -11.70 21.93 38.50
CA LYS A 14 -13.15 21.61 38.51
C LYS A 14 -13.52 20.62 37.39
N LEU A 15 -12.89 20.78 36.23
CA LEU A 15 -13.05 19.81 35.15
C LEU A 15 -12.51 18.44 35.58
N LEU A 16 -11.35 18.42 36.22
CA LEU A 16 -10.74 17.18 36.69
C LEU A 16 -11.51 16.46 37.82
N LYS A 17 -11.79 17.15 38.93
CA LYS A 17 -12.49 16.53 40.08
C LYS A 17 -14.02 16.34 39.91
N GLU A 18 -14.71 17.32 39.33
CA GLU A 18 -16.17 17.37 39.34
C GLU A 18 -16.85 16.95 38.05
N VAL A 19 -16.23 17.30 36.91
CA VAL A 19 -16.75 16.97 35.58
C VAL A 19 -16.26 15.61 35.10
N LEU A 20 -14.95 15.38 35.16
CA LEU A 20 -14.35 14.12 34.68
C LEU A 20 -14.27 12.99 35.73
N GLU A 21 -14.33 13.36 37.01
CA GLU A 21 -14.26 12.41 38.12
C GLU A 21 -12.96 11.61 38.08
N PHE A 22 -11.89 12.31 37.76
CA PHE A 22 -10.60 11.68 37.52
C PHE A 22 -9.62 11.89 38.68
N ASN A 23 -9.15 10.76 39.23
CA ASN A 23 -8.10 10.74 40.27
C ASN A 23 -7.09 9.63 39.99
N LEU A 24 -5.90 9.76 40.56
CA LEU A 24 -4.88 8.72 40.42
C LEU A 24 -4.46 8.06 41.73
N GLU A 25 -5.32 8.21 42.75
CA GLU A 25 -5.05 7.58 44.06
C GLU A 25 -4.90 6.08 43.91
N ASN A 26 -5.71 5.48 43.01
CA ASN A 26 -5.74 4.02 42.82
C ASN A 26 -6.38 3.54 41.50
N PRO A 27 -5.90 4.03 40.33
CA PRO A 27 -6.61 3.84 39.04
C PRO A 27 -7.08 2.43 38.66
N PHE A 28 -6.42 1.41 39.19
CA PHE A 28 -6.71 0.01 38.86
C PHE A 28 -7.68 -0.71 39.84
N GLU A 29 -8.23 0.00 40.81
CA GLU A 29 -8.91 -0.65 41.94
C GLU A 29 -10.12 -1.52 41.56
N ASP A 30 -10.89 -1.07 40.57
CA ASP A 30 -12.11 -1.75 40.14
C ASP A 30 -11.94 -2.85 39.05
N ALA A 31 -10.69 -3.11 38.64
CA ALA A 31 -10.41 -4.03 37.52
C ALA A 31 -10.77 -5.49 37.76
N LYS A 32 -11.73 -6.01 36.99
CA LYS A 32 -12.04 -7.44 36.98
C LYS A 32 -11.31 -8.19 35.86
N LYS A 33 -11.05 -7.48 34.75
CA LYS A 33 -10.30 -8.02 33.59
C LYS A 33 -9.58 -6.95 32.75
N VAL A 34 -8.29 -7.17 32.52
CA VAL A 34 -7.52 -6.26 31.68
C VAL A 34 -6.77 -6.97 30.55
N ILE A 35 -6.52 -6.21 29.48
CA ILE A 35 -5.65 -6.69 28.41
C ILE A 35 -4.34 -5.93 28.39
N CYS A 36 -3.23 -6.68 28.34
CA CYS A 36 -1.91 -6.07 28.25
C CYS A 36 -1.36 -6.32 26.85
N ILE A 37 -1.11 -5.26 26.07
CA ILE A 37 -0.81 -5.43 24.63
C ILE A 37 0.67 -5.31 24.44
N GLU A 38 1.35 -6.33 23.89
CA GLU A 38 2.80 -6.18 23.68
C GLU A 38 3.20 -6.25 22.20
N PRO A 39 4.19 -5.45 21.76
CA PRO A 39 4.74 -5.57 20.38
C PRO A 39 5.39 -6.91 20.11
N HIS A 40 6.21 -7.38 21.05
CA HIS A 40 6.95 -8.65 20.91
C HIS A 40 6.83 -9.47 22.17
N PRO A 41 7.03 -10.80 22.08
CA PRO A 41 7.11 -11.60 23.32
C PRO A 41 8.19 -11.04 24.27
N ASP A 42 7.86 -10.87 25.55
CA ASP A 42 8.75 -10.32 26.61
C ASP A 42 8.41 -8.89 27.02
N ASP A 43 7.62 -8.18 26.20
CA ASP A 43 7.43 -6.74 26.47
C ASP A 43 6.49 -6.50 27.66
N CYS A 44 5.43 -7.27 27.74
CA CYS A 44 4.58 -7.28 28.96
C CYS A 44 5.40 -7.55 30.27
N ALA A 45 6.21 -8.60 30.27
CA ALA A 45 7.08 -8.95 31.40
C ALA A 45 8.05 -7.81 31.76
N ILE A 46 8.85 -7.38 30.78
CA ILE A 46 9.76 -6.26 30.99
C ILE A 46 9.11 -4.97 31.45
N GLY A 47 7.94 -4.66 30.92
CA GLY A 47 7.40 -3.32 31.05
C GLY A 47 6.56 -3.22 32.28
N MET A 48 5.89 -4.32 32.61
CA MET A 48 4.92 -4.28 33.67
C MET A 48 4.67 -5.62 34.33
N GLY A 49 5.63 -6.53 34.26
CA GLY A 49 5.46 -7.89 34.79
C GLY A 49 5.17 -7.86 36.29
N GLY A 50 5.95 -7.09 37.04
CA GLY A 50 5.58 -6.79 38.42
C GLY A 50 4.09 -6.46 38.68
N THR A 51 3.53 -5.55 37.87
CA THR A 51 2.17 -5.06 38.07
C THR A 51 1.19 -6.11 37.62
N ILE A 52 1.63 -7.02 36.76
CA ILE A 52 0.77 -8.08 36.28
C ILE A 52 0.59 -9.11 37.41
N LYS A 53 1.72 -9.53 38.00
CA LYS A 53 1.67 -10.41 39.18
C LYS A 53 0.75 -9.86 40.23
N LYS A 54 0.96 -8.60 40.62
CA LYS A 54 0.10 -7.92 41.56
C LYS A 54 -1.36 -8.07 41.16
N LEU A 55 -1.63 -7.96 39.87
CA LEU A 55 -3.03 -8.00 39.38
C LEU A 55 -3.61 -9.39 39.38
N SER A 56 -2.85 -10.37 38.88
CA SER A 56 -3.22 -11.77 39.04
C SER A 56 -3.46 -12.14 40.49
N ASP A 57 -2.47 -11.92 41.36
CA ASP A 57 -2.63 -12.20 42.81
C ASP A 57 -3.97 -11.70 43.29
N GLU A 58 -4.28 -10.44 42.99
CA GLU A 58 -5.52 -9.83 43.43
C GLU A 58 -6.79 -10.37 42.77
N GLY A 59 -6.66 -11.35 41.87
CA GLY A 59 -7.84 -11.99 41.20
C GLY A 59 -8.28 -11.37 39.87
N VAL A 60 -7.57 -10.34 39.40
CA VAL A 60 -7.89 -9.73 38.09
C VAL A 60 -7.47 -10.67 36.94
N GLU A 61 -8.41 -10.98 36.05
CA GLU A 61 -8.05 -11.81 34.90
C GLU A 61 -7.21 -10.95 33.94
N VAL A 62 -5.97 -11.35 33.77
CA VAL A 62 -5.06 -10.64 32.90
C VAL A 62 -4.89 -11.36 31.56
N ILE A 63 -5.16 -10.64 30.47
CA ILE A 63 -4.98 -11.14 29.06
C ILE A 63 -3.87 -10.42 28.29
N TYR A 64 -3.01 -11.19 27.64
CA TYR A 64 -2.14 -10.63 26.63
C TYR A 64 -2.77 -10.62 25.23
N ILE A 65 -2.48 -9.53 24.51
CA ILE A 65 -2.42 -9.56 23.03
C ILE A 65 -0.96 -9.37 22.61
N CYS A 66 -0.37 -10.33 21.88
CA CYS A 66 0.98 -10.15 21.36
C CYS A 66 0.94 -9.79 19.87
N MET A 67 1.48 -8.63 19.53
CA MET A 67 1.28 -8.06 18.17
C MET A 67 1.99 -8.88 17.15
N THR A 68 3.23 -9.28 17.45
CA THR A 68 4.13 -9.91 16.47
C THR A 68 4.68 -11.24 17.00
N ASP A 69 5.48 -11.93 16.20
CA ASP A 69 5.96 -13.27 16.57
C ASP A 69 7.44 -13.36 17.03
N GLY A 70 8.15 -12.24 17.12
CA GLY A 70 9.54 -12.25 17.53
C GLY A 70 10.53 -12.88 16.57
N TYR A 71 10.10 -13.05 15.33
CA TYR A 71 10.85 -13.70 14.30
C TYR A 71 12.25 -13.12 14.07
N MET A 72 12.49 -11.85 14.41
CA MET A 72 13.73 -11.25 14.03
C MET A 72 14.80 -11.27 15.11
N GLY A 73 14.39 -11.47 16.36
CA GLY A 73 15.29 -11.27 17.51
C GLY A 73 16.39 -12.31 17.75
N THR A 74 17.36 -12.40 16.84
CA THR A 74 18.52 -13.27 17.05
C THR A 74 19.74 -12.83 16.25
N THR A 75 20.92 -13.21 16.76
CA THR A 75 22.21 -13.00 16.10
C THR A 75 22.71 -14.29 15.44
N ASP A 76 22.09 -15.41 15.79
CA ASP A 76 22.54 -16.74 15.35
C ASP A 76 22.19 -17.04 13.89
N GLU A 77 23.18 -16.85 13.01
CA GLU A 77 23.08 -17.08 11.56
C GLU A 77 22.67 -18.50 11.21
N LYS A 78 22.34 -19.30 12.22
CA LYS A 78 21.89 -20.68 11.97
C LYS A 78 20.53 -20.95 12.61
N LEU A 79 19.91 -19.90 13.16
CA LEU A 79 18.56 -20.04 13.68
C LEU A 79 17.57 -19.23 12.82
N SER A 80 16.65 -19.94 12.21
CA SER A 80 15.65 -19.37 11.30
C SER A 80 14.57 -18.72 12.11
N GLY A 81 13.79 -17.87 11.43
CA GLY A 81 12.87 -16.99 12.10
C GLY A 81 11.68 -17.81 12.45
N HIS A 82 11.38 -18.83 11.66
CA HIS A 82 10.24 -19.67 12.01
C HIS A 82 10.57 -20.43 13.32
N GLU A 83 11.83 -20.79 13.49
CA GLU A 83 12.16 -21.55 14.67
C GLU A 83 12.01 -20.65 15.91
N LEU A 84 12.66 -19.49 15.83
CA LEU A 84 12.65 -18.51 16.87
C LEU A 84 11.24 -18.25 17.35
N ALA A 85 10.29 -18.22 16.43
CA ALA A 85 8.91 -17.88 16.80
C ALA A 85 8.23 -19.03 17.52
N LEU A 86 8.50 -20.26 17.06
CA LEU A 86 8.12 -21.44 17.82
C LEU A 86 8.67 -21.32 19.23
N ILE A 87 9.97 -21.09 19.30
CA ILE A 87 10.69 -20.97 20.57
C ILE A 87 10.20 -19.81 21.42
N ARG A 88 9.89 -18.69 20.79
CA ARG A 88 9.53 -17.52 21.56
C ARG A 88 8.14 -17.61 22.12
N ARG A 89 7.28 -18.39 21.47
CA ARG A 89 5.95 -18.55 21.97
C ARG A 89 5.99 -19.40 23.27
N ARG A 90 6.80 -20.46 23.26
CA ARG A 90 6.99 -21.33 24.44
C ARG A 90 7.57 -20.52 25.59
N GLU A 91 8.62 -19.76 25.29
CA GLU A 91 9.19 -18.80 26.21
C GLU A 91 8.14 -17.83 26.80
N GLU A 92 7.15 -17.42 26.00
CA GLU A 92 6.05 -16.58 26.50
C GLU A 92 5.09 -17.33 27.38
N GLU A 93 4.81 -18.58 27.02
CA GLU A 93 3.85 -19.39 27.78
C GLU A 93 4.38 -19.64 29.22
N GLU A 94 5.70 -19.86 29.33
CA GLU A 94 6.38 -19.97 30.62
C GLU A 94 6.23 -18.66 31.42
N SER A 95 6.89 -17.62 30.96
CA SER A 95 6.75 -16.27 31.52
C SER A 95 5.37 -15.97 32.09
N ALA A 96 4.35 -16.20 31.29
CA ALA A 96 2.98 -15.88 31.65
C ALA A 96 2.44 -16.71 32.84
N LYS A 97 2.55 -18.04 32.73
CA LYS A 97 2.36 -18.98 33.86
C LYS A 97 2.81 -18.31 35.17
N LEU A 98 4.00 -17.72 35.15
CA LEU A 98 4.60 -17.08 36.31
C LEU A 98 3.86 -15.85 36.84
N LEU A 99 3.24 -15.06 35.95
CA LEU A 99 2.56 -13.88 36.41
C LEU A 99 1.07 -14.13 36.59
N GLY A 100 0.64 -15.36 36.35
CA GLY A 100 -0.79 -15.70 36.52
C GLY A 100 -1.65 -15.23 35.35
N VAL A 101 -1.08 -15.33 34.16
CA VAL A 101 -1.75 -14.85 32.96
C VAL A 101 -2.43 -16.04 32.36
N ARG A 102 -3.75 -15.88 32.22
CA ARG A 102 -4.63 -16.94 31.78
C ARG A 102 -4.51 -17.26 30.28
N LYS A 103 -4.17 -16.25 29.47
CA LYS A 103 -4.43 -16.28 28.04
C LYS A 103 -3.66 -15.24 27.20
N ILE A 104 -3.12 -15.72 26.07
CA ILE A 104 -2.50 -14.91 25.06
C ILE A 104 -3.20 -15.03 23.71
N TYR A 105 -3.54 -13.88 23.11
CA TYR A 105 -3.80 -13.79 21.65
C TYR A 105 -2.51 -13.50 20.90
N TRP A 106 -2.19 -14.37 19.94
CA TRP A 106 -1.11 -14.11 19.00
C TRP A 106 -1.68 -13.56 17.70
N LEU A 107 -1.28 -12.33 17.35
CA LEU A 107 -1.71 -11.71 16.10
C LEU A 107 -0.85 -12.21 14.98
N ASN A 108 0.40 -12.56 15.30
CA ASN A 108 1.36 -13.19 14.38
C ASN A 108 1.83 -12.37 13.20
N TYR A 109 1.76 -11.04 13.29
CA TYR A 109 2.47 -10.24 12.31
C TYR A 109 3.96 -10.39 12.55
N ARG A 110 4.74 -10.40 11.47
CA ARG A 110 6.14 -10.59 11.58
C ARG A 110 6.79 -9.41 12.29
N ASP A 111 7.48 -9.74 13.36
CA ASP A 111 8.50 -8.86 13.95
C ASP A 111 9.15 -7.97 12.89
N THR A 112 9.20 -6.67 13.18
CA THR A 112 9.69 -5.56 12.30
C THR A 112 8.75 -5.18 11.14
N GLU A 113 7.57 -5.79 11.06
CA GLU A 113 6.65 -5.63 9.90
C GLU A 113 5.25 -5.38 10.40
N LEU A 114 5.11 -4.91 11.64
CA LEU A 114 3.79 -4.66 12.17
C LEU A 114 3.20 -3.55 11.31
N PRO A 115 2.04 -3.79 10.67
CA PRO A 115 1.54 -2.68 9.79
C PRO A 115 0.95 -1.61 10.66
N TYR A 116 0.92 -0.38 10.17
CA TYR A 116 0.08 0.62 10.81
C TYR A 116 -1.14 0.84 9.91
N SER A 117 -2.23 0.15 10.20
CA SER A 117 -3.38 0.25 9.34
C SER A 117 -4.66 -0.17 10.04
N ARG A 118 -5.77 0.08 9.34
CA ARG A 118 -7.12 -0.26 9.76
C ARG A 118 -7.22 -1.74 10.00
N GLU A 119 -6.59 -2.53 9.13
CA GLU A 119 -6.63 -3.96 9.33
C GLU A 119 -6.21 -4.35 10.76
N VAL A 120 -5.10 -3.88 11.28
CA VAL A 120 -4.69 -4.23 12.60
C VAL A 120 -5.65 -3.67 13.73
N ARG A 121 -6.12 -2.45 13.58
CA ARG A 121 -7.15 -1.99 14.46
C ARG A 121 -8.29 -2.99 14.53
N LYS A 122 -8.70 -3.58 13.41
CA LYS A 122 -9.84 -4.53 13.40
C LYS A 122 -9.58 -5.79 14.25
N ASP A 123 -8.37 -6.32 14.14
CA ASP A 123 -7.90 -7.29 15.08
C ASP A 123 -8.07 -6.84 16.55
N LEU A 124 -7.62 -5.64 16.90
CA LEU A 124 -7.66 -5.32 18.32
C LEU A 124 -9.06 -5.08 18.77
N VAL A 125 -9.84 -4.45 17.90
CA VAL A 125 -11.24 -4.12 18.19
C VAL A 125 -12.02 -5.40 18.36
N LYS A 126 -11.65 -6.42 17.58
CA LYS A 126 -12.32 -7.67 17.69
C LYS A 126 -12.03 -8.42 19.01
N ILE A 127 -10.82 -8.33 19.53
CA ILE A 127 -10.55 -8.96 20.79
C ILE A 127 -11.09 -8.13 21.99
N ILE A 128 -11.07 -6.80 21.85
CA ILE A 128 -11.59 -5.93 22.88
C ILE A 128 -13.12 -6.12 23.02
N ARG A 129 -13.84 -6.16 21.92
CA ARG A 129 -15.29 -6.36 21.95
C ARG A 129 -15.67 -7.75 22.49
N LYS A 130 -14.83 -8.75 22.21
CA LYS A 130 -15.05 -10.09 22.71
C LYS A 130 -14.80 -10.21 24.21
N GLU A 131 -13.70 -9.65 24.71
CA GLU A 131 -13.32 -9.89 26.09
C GLU A 131 -13.94 -8.87 27.03
N LYS A 132 -14.38 -7.76 26.47
CA LYS A 132 -14.84 -6.62 27.25
C LYS A 132 -13.92 -6.36 28.45
N PRO A 133 -12.65 -5.94 28.21
CA PRO A 133 -11.77 -5.70 29.35
C PRO A 133 -12.09 -4.37 30.02
N ASP A 134 -11.78 -4.25 31.31
CA ASP A 134 -11.95 -2.98 32.04
C ASP A 134 -10.81 -2.05 31.77
N GLY A 135 -9.63 -2.62 31.59
CA GLY A 135 -8.47 -1.79 31.33
C GLY A 135 -7.64 -2.45 30.26
N VAL A 136 -6.99 -1.59 29.47
CA VAL A 136 -6.07 -2.03 28.42
C VAL A 136 -4.72 -1.41 28.70
N PHE A 137 -3.67 -2.20 28.74
CA PHE A 137 -2.36 -1.62 28.90
C PHE A 137 -1.59 -1.67 27.57
N ALA A 138 -0.81 -0.61 27.25
CA ALA A 138 0.06 -0.60 26.03
C ALA A 138 1.23 0.33 26.23
N PRO A 139 2.29 0.17 25.43
CA PRO A 139 3.43 1.10 25.52
C PRO A 139 2.96 2.48 25.16
N ASP A 140 3.58 3.47 25.79
CA ASP A 140 3.49 4.88 25.45
C ASP A 140 4.14 5.12 24.07
N PRO A 141 3.37 5.60 23.09
CA PRO A 141 3.96 5.67 21.76
C PRO A 141 4.76 6.94 21.61
N TRP A 142 4.74 7.80 22.63
CA TRP A 142 5.44 9.08 22.57
C TRP A 142 6.72 9.10 23.39
N LEU A 143 7.15 7.90 23.83
CA LEU A 143 8.42 7.68 24.49
C LEU A 143 9.52 8.30 23.66
N PRO A 144 10.18 9.34 24.16
CA PRO A 144 11.25 9.96 23.37
C PRO A 144 12.30 8.96 22.97
N TYR A 145 12.87 9.13 21.78
CA TYR A 145 13.95 8.29 21.23
C TYR A 145 13.61 6.83 21.01
N GLU A 146 12.32 6.48 21.15
CA GLU A 146 11.96 5.10 20.87
C GLU A 146 12.04 4.84 19.39
N SER A 147 12.80 3.83 19.00
CA SER A 147 13.22 3.64 17.61
C SER A 147 12.74 2.39 16.96
N HIS A 148 11.97 1.57 17.69
CA HIS A 148 11.36 0.42 17.13
C HIS A 148 9.94 0.69 16.52
N PRO A 149 9.84 0.74 15.18
CA PRO A 149 8.49 0.82 14.59
C PRO A 149 7.42 -0.03 15.26
N ASP A 150 7.64 -1.31 15.51
CA ASP A 150 6.64 -2.13 16.21
C ASP A 150 6.16 -1.55 17.57
N HIS A 151 7.00 -0.86 18.31
CA HIS A 151 6.56 -0.39 19.63
C HIS A 151 5.71 0.85 19.50
N ARG A 152 6.18 1.76 18.68
CA ARG A 152 5.40 2.96 18.38
C ARG A 152 4.00 2.62 17.85
N ARG A 153 4.00 1.80 16.82
CA ARG A 153 2.76 1.42 16.14
C ARG A 153 1.85 0.64 17.08
N THR A 154 2.43 -0.18 17.95
CA THR A 154 1.58 -0.89 18.91
C THR A 154 0.84 0.08 19.84
N GLY A 155 1.59 0.97 20.46
CA GLY A 155 1.01 2.02 21.32
C GLY A 155 -0.10 2.77 20.62
N PHE A 156 0.13 3.29 19.39
CA PHE A 156 -0.89 4.09 18.65
C PHE A 156 -2.12 3.29 18.32
N LEU A 157 -1.91 2.05 17.81
CA LEU A 157 -3.04 1.20 17.37
C LEU A 157 -3.87 0.85 18.59
N ALA A 158 -3.17 0.63 19.69
CA ALA A 158 -3.83 0.26 20.94
C ALA A 158 -4.78 1.35 21.41
N ILE A 159 -4.29 2.57 21.52
CA ILE A 159 -5.13 3.69 21.95
C ILE A 159 -6.27 3.90 20.98
N GLU A 160 -5.96 3.86 19.70
CA GLU A 160 -6.96 4.10 18.68
C GLU A 160 -8.01 3.02 18.69
N SER A 161 -7.62 1.75 18.91
CA SER A 161 -8.57 0.65 18.87
C SER A 161 -9.47 0.66 20.06
N VAL A 162 -8.94 1.11 21.19
CA VAL A 162 -9.78 1.33 22.38
C VAL A 162 -10.87 2.34 22.10
N ALA A 163 -10.52 3.44 21.45
CA ALA A 163 -11.53 4.44 21.19
C ALA A 163 -12.51 3.95 20.11
N PHE A 164 -12.02 3.18 19.15
CA PHE A 164 -12.86 2.80 18.00
C PHE A 164 -13.78 1.61 18.30
N SER A 165 -13.41 0.88 19.34
CA SER A 165 -14.12 -0.28 19.86
C SER A 165 -15.55 0.02 20.27
N GLN A 166 -15.81 1.27 20.65
CA GLN A 166 -17.13 1.82 20.99
C GLN A 166 -17.90 2.28 19.80
N LEU A 167 -17.33 2.19 18.60
CA LEU A 167 -18.02 2.79 17.45
C LEU A 167 -18.63 1.71 16.61
N PRO A 168 -19.98 1.63 16.57
CA PRO A 168 -20.61 0.50 15.87
C PRO A 168 -20.45 0.54 14.34
N ASN A 169 -20.21 1.70 13.75
CA ASN A 169 -19.90 1.73 12.30
C ASN A 169 -18.48 1.27 11.99
N PHE A 170 -17.69 1.09 13.08
CA PHE A 170 -16.31 0.67 12.94
C PHE A 170 -16.22 -0.79 13.03
N SER A 171 -15.66 -1.35 11.98
CA SER A 171 -15.58 -2.80 11.76
C SER A 171 -16.98 -3.39 11.96
N ASN A 172 -17.88 -3.09 11.02
CA ASN A 172 -19.32 -3.25 11.24
C ASN A 172 -19.81 -4.66 11.18
N ILE A 173 -18.94 -5.58 10.79
CA ILE A 173 -19.33 -6.95 10.63
C ILE A 173 -19.27 -7.66 11.98
N ASP A 174 -18.42 -7.16 12.87
CA ASP A 174 -18.51 -7.54 14.27
C ASP A 174 -19.91 -7.38 14.92
N ILE A 175 -20.48 -6.18 14.82
CA ILE A 175 -21.84 -5.96 15.32
C ILE A 175 -22.77 -7.02 14.71
N ASP A 176 -22.73 -7.16 13.38
CA ASP A 176 -23.60 -8.15 12.69
C ASP A 176 -23.33 -9.60 13.08
N ILE A 177 -22.29 -9.92 13.84
CA ILE A 177 -22.06 -11.34 14.27
C ILE A 177 -22.11 -11.54 15.78
N GLY A 178 -22.72 -10.58 16.47
CA GLY A 178 -22.93 -10.68 17.93
C GLY A 178 -21.91 -9.97 18.79
N LEU A 179 -20.85 -9.43 18.16
CA LEU A 179 -19.82 -8.66 18.88
C LEU A 179 -20.21 -7.19 18.97
N LYS A 180 -20.83 -6.80 20.08
CA LYS A 180 -21.31 -5.42 20.30
C LYS A 180 -20.16 -4.47 20.60
N PRO A 181 -20.41 -3.15 20.49
CA PRO A 181 -19.40 -2.23 20.96
C PRO A 181 -19.06 -2.49 22.42
N HIS A 182 -17.95 -1.89 22.86
CA HIS A 182 -17.50 -2.00 24.21
C HIS A 182 -16.81 -0.71 24.54
N SER A 183 -17.00 -0.27 25.79
CA SER A 183 -16.41 0.94 26.27
C SER A 183 -15.52 0.55 27.43
N VAL A 184 -14.21 0.56 27.17
CA VAL A 184 -13.18 0.23 28.15
C VAL A 184 -13.15 1.34 29.21
N SER A 185 -12.73 1.04 30.44
CA SER A 185 -12.77 2.04 31.53
C SER A 185 -11.52 2.92 31.62
N PHE A 186 -10.35 2.31 31.50
CA PHE A 186 -9.14 3.08 31.51
C PHE A 186 -8.09 2.48 30.59
N ILE A 187 -7.20 3.34 30.12
CA ILE A 187 -6.00 2.93 29.39
C ILE A 187 -4.84 3.26 30.30
N ALA A 188 -3.82 2.41 30.30
CA ALA A 188 -2.59 2.73 30.99
C ALA A 188 -1.40 2.50 30.11
N LEU A 189 -0.57 3.52 29.99
CA LEU A 189 0.61 3.44 29.17
C LEU A 189 1.85 3.09 29.97
N TYR A 190 2.50 1.97 29.60
CA TYR A 190 3.76 1.65 30.23
C TYR A 190 4.93 2.07 29.32
N TYR A 191 6.14 1.66 29.64
CA TYR A 191 7.30 2.18 28.97
C TYR A 191 7.15 3.68 28.79
N THR A 192 6.80 4.40 29.85
CA THR A 192 6.54 5.83 29.69
C THR A 192 7.62 6.68 30.32
N HIS A 193 7.86 7.85 29.73
CA HIS A 193 8.78 8.83 30.30
C HIS A 193 7.94 9.91 30.98
N LYS A 194 6.63 9.69 30.99
CA LYS A 194 5.72 10.57 31.73
C LYS A 194 4.74 9.83 32.65
N PRO A 195 5.24 8.98 33.56
CA PRO A 195 4.27 8.37 34.48
C PRO A 195 3.49 9.36 35.39
N ASN A 196 2.27 9.01 35.72
CA ASN A 196 1.59 9.74 36.77
C ASN A 196 1.04 8.83 37.88
N TYR A 197 1.36 7.55 37.78
CA TYR A 197 0.96 6.56 38.73
C TYR A 197 2.07 5.53 38.73
N ILE A 198 2.59 5.20 39.91
CA ILE A 198 3.63 4.21 40.01
C ILE A 198 3.11 3.13 40.94
N VAL A 199 3.32 1.88 40.52
CA VAL A 199 3.06 0.71 41.35
C VAL A 199 4.36 0.35 42.02
N ASP A 200 4.29 0.10 43.32
CA ASP A 200 5.40 -0.41 44.10
C ASP A 200 5.51 -1.92 43.87
N ILE A 201 6.66 -2.34 43.39
CA ILE A 201 6.89 -3.71 43.00
C ILE A 201 8.20 -4.18 43.68
N THR A 202 8.64 -3.39 44.66
CA THR A 202 9.89 -3.65 45.37
C THR A 202 9.90 -5.13 45.81
N ASP A 203 8.80 -5.59 46.40
CA ASP A 203 8.70 -7.00 46.80
C ASP A 203 8.82 -7.98 45.62
N LEU A 204 8.05 -7.73 44.56
CA LEU A 204 7.94 -8.68 43.47
C LEU A 204 9.05 -8.55 42.47
N MET A 205 10.01 -7.68 42.75
CA MET A 205 11.07 -7.43 41.77
C MET A 205 11.83 -8.69 41.32
N GLU A 206 12.12 -9.60 42.24
CA GLU A 206 12.94 -10.76 41.91
C GLU A 206 12.27 -11.75 40.95
N LEU A 207 10.95 -11.86 41.06
CA LEU A 207 10.17 -12.79 40.25
C LEU A 207 9.99 -12.21 38.85
N LYS A 208 10.19 -10.90 38.73
CA LYS A 208 10.01 -10.17 37.49
C LYS A 208 11.18 -10.45 36.59
N LEU A 209 12.41 -10.35 37.14
CA LEU A 209 13.62 -10.73 36.42
C LEU A 209 13.64 -12.20 36.08
N LYS A 210 12.88 -13.00 36.83
CA LYS A 210 12.78 -14.42 36.53
C LYS A 210 11.77 -14.64 35.37
N ALA A 211 10.72 -13.83 35.34
CA ALA A 211 9.71 -13.97 34.27
C ALA A 211 10.32 -13.49 32.94
N ILE A 212 11.17 -12.46 33.05
CA ILE A 212 11.95 -11.96 31.98
C ILE A 212 12.97 -12.98 31.48
N ARG A 213 13.83 -13.50 32.38
CA ARG A 213 14.85 -14.51 31.99
C ARG A 213 14.24 -15.78 31.37
N ALA A 214 12.95 -16.05 31.65
CA ALA A 214 12.22 -17.14 31.00
C ALA A 214 12.27 -17.04 29.46
N HIS A 215 12.53 -15.83 28.95
CA HIS A 215 12.74 -15.65 27.54
C HIS A 215 14.23 -15.88 27.30
N ARG A 216 14.61 -17.16 27.34
CA ARG A 216 16.01 -17.58 27.21
C ARG A 216 16.69 -17.04 25.94
N SER A 217 15.92 -16.97 24.83
CA SER A 217 16.46 -16.65 23.50
C SER A 217 16.97 -15.22 23.41
N GLN A 218 16.37 -14.35 24.22
CA GLN A 218 16.67 -12.92 24.26
C GLN A 218 17.72 -12.56 25.27
N PHE A 219 17.85 -13.45 26.26
CA PHE A 219 18.55 -13.14 27.50
C PHE A 219 19.48 -14.27 27.88
N THR A 220 20.63 -14.28 27.21
CA THR A 220 21.71 -15.19 27.51
C THR A 220 22.38 -14.61 28.75
N ASP A 221 23.28 -15.36 29.37
CA ASP A 221 23.97 -14.87 30.56
C ASP A 221 24.73 -13.60 30.15
N ASP A 222 25.31 -13.65 28.95
CA ASP A 222 26.13 -12.58 28.40
C ASP A 222 25.35 -11.24 28.33
N ILE A 223 24.34 -11.19 27.48
CA ILE A 223 23.48 -10.02 27.37
C ILE A 223 22.91 -9.62 28.76
N TRP A 224 22.66 -10.61 29.62
CA TRP A 224 22.12 -10.32 30.97
C TRP A 224 23.08 -9.49 31.82
N GLU A 225 24.38 -9.57 31.50
CA GLU A 225 25.39 -8.79 32.22
C GLU A 225 25.20 -7.30 31.94
N THR A 226 24.54 -6.96 30.83
CA THR A 226 24.12 -5.58 30.55
C THR A 226 22.66 -5.29 31.00
N TRP A 227 21.78 -6.28 30.87
CA TRP A 227 20.34 -6.09 31.06
C TRP A 227 19.79 -6.08 32.50
N GLU A 228 20.32 -6.92 33.40
CA GLU A 228 20.00 -6.79 34.84
C GLU A 228 20.31 -5.37 35.34
N PRO A 229 21.51 -4.86 35.05
CA PRO A 229 21.75 -3.47 35.46
C PRO A 229 20.70 -2.47 34.91
N PHE A 230 20.43 -2.57 33.60
CA PHE A 230 19.52 -1.68 32.90
C PHE A 230 18.13 -1.75 33.49
N LEU A 231 17.61 -2.97 33.62
CA LEU A 231 16.29 -3.20 34.21
C LEU A 231 16.16 -2.70 35.65
N ARG A 232 17.22 -2.89 36.44
CA ARG A 232 17.31 -2.38 37.81
C ARG A 232 17.31 -0.84 37.80
N THR A 233 18.10 -0.25 36.89
CA THR A 233 18.11 1.21 36.71
C THR A 233 16.75 1.72 36.30
N VAL A 234 16.03 0.95 35.49
CA VAL A 234 14.71 1.36 35.02
C VAL A 234 13.73 1.39 36.19
N THR A 235 13.71 0.32 36.98
CA THR A 235 12.76 0.22 38.10
C THR A 235 13.03 1.24 39.22
N MET A 236 14.25 1.75 39.29
CA MET A 236 14.64 2.75 40.30
C MET A 236 14.15 4.15 39.92
N PHE A 237 14.30 4.50 38.64
CA PHE A 237 13.79 5.77 38.07
C PHE A 237 12.31 5.94 38.45
N TYR A 238 11.55 4.85 38.37
CA TYR A 238 10.09 4.84 38.65
C TYR A 238 9.90 4.73 40.16
N GLY A 239 10.63 3.81 40.79
CA GLY A 239 10.64 3.68 42.25
C GLY A 239 10.88 4.98 43.03
N GLU A 240 11.97 5.68 42.66
CA GLU A 240 12.47 6.90 43.35
C GLU A 240 11.65 8.15 43.09
N LYS A 241 10.43 7.93 42.60
CA LYS A 241 9.47 9.02 42.39
C LYS A 241 8.35 8.94 43.40
N ILE A 242 8.05 7.74 43.89
CA ILE A 242 7.12 7.61 45.03
C ILE A 242 7.88 7.14 46.24
N GLY A 243 9.20 7.36 46.18
CA GLY A 243 10.13 6.94 47.21
C GLY A 243 10.00 5.49 47.63
N VAL A 244 10.05 4.56 46.67
CA VAL A 244 10.29 3.15 47.00
C VAL A 244 11.52 2.64 46.21
N ARG A 245 11.98 1.41 46.45
CA ARG A 245 13.20 0.95 45.75
C ARG A 245 12.96 0.57 44.28
N TYR A 246 11.94 -0.27 44.07
CA TYR A 246 11.61 -0.72 42.72
C TYR A 246 10.17 -0.34 42.35
N GLY A 247 10.04 0.39 41.25
CA GLY A 247 8.74 0.80 40.72
C GLY A 247 8.52 0.45 39.27
N GLU A 248 7.24 0.42 38.91
CA GLU A 248 6.82 0.29 37.54
C GLU A 248 5.88 1.45 37.36
N GLY A 249 6.14 2.23 36.31
CA GLY A 249 5.39 3.44 36.03
C GLY A 249 4.39 3.28 34.91
N PHE A 250 3.31 4.07 34.96
CA PHE A 250 2.23 4.06 33.98
C PHE A 250 1.73 5.46 33.80
N ARG A 251 1.28 5.73 32.59
CA ARG A 251 0.60 6.99 32.34
C ARG A 251 -0.84 6.71 32.10
N VAL A 252 -1.67 7.41 32.87
CA VAL A 252 -3.12 7.34 32.83
C VAL A 252 -3.65 8.77 32.72
N MET A 253 -4.54 9.01 31.77
CA MET A 253 -5.08 10.33 31.55
C MET A 253 -6.52 10.05 31.32
N PRO A 254 -7.38 11.06 31.55
CA PRO A 254 -8.78 10.83 31.22
C PRO A 254 -8.94 10.76 29.69
N GLY A 255 -9.83 9.89 29.23
CA GLY A 255 -10.10 9.74 27.81
C GLY A 255 -10.07 11.03 26.99
N LEU A 256 -10.60 12.10 27.55
CA LEU A 256 -10.74 13.36 26.83
C LEU A 256 -9.40 13.99 26.44
N PHE A 257 -8.36 13.65 27.17
CA PHE A 257 -7.05 14.26 27.01
C PHE A 257 -6.26 13.68 25.84
N TYR A 258 -6.77 12.59 25.25
CA TYR A 258 -6.14 11.89 24.13
C TYR A 258 -6.48 12.56 22.78
N HIS A 259 -7.14 13.71 22.88
CA HIS A 259 -7.71 14.39 21.75
C HIS A 259 -7.77 15.90 22.02
N ILE A 260 -7.21 16.68 21.06
CA ILE A 260 -7.27 18.16 21.04
C ILE A 260 -7.07 18.85 22.42
N THR A 261 -6.22 18.28 23.27
CA THR A 261 -6.07 18.78 24.65
C THR A 261 -4.68 19.41 24.83
N PRO A 262 -4.65 20.75 24.76
CA PRO A 262 -3.37 21.48 24.77
C PRO A 262 -2.66 21.49 26.13
N PHE A 263 -3.41 21.18 27.21
CA PHE A 263 -2.85 21.17 28.55
C PHE A 263 -2.77 19.74 29.12
N ALA A 264 -2.70 18.76 28.23
CA ALA A 264 -2.69 17.35 28.63
C ALA A 264 -1.43 16.99 29.42
N ASP A 265 -0.31 17.65 29.11
CA ASP A 265 0.95 17.39 29.80
C ASP A 265 0.97 17.92 31.25
N LEU A 266 -0.08 18.65 31.63
CA LEU A 266 -0.19 19.17 33.00
C LEU A 266 -0.61 18.15 34.07
N ILE A 267 -1.38 17.12 33.69
CA ILE A 267 -1.62 15.99 34.61
C ILE A 267 -0.52 14.92 34.50
N GLU B 9 21.54 35.15 21.20
CA GLU B 9 20.40 36.04 20.87
C GLU B 9 20.87 37.28 20.11
N GLU B 10 22.14 37.23 19.69
CA GLU B 10 22.81 38.30 18.95
C GLU B 10 22.61 38.07 17.45
N ALA B 11 22.73 36.80 17.03
CA ALA B 11 22.45 36.39 15.66
C ALA B 11 20.95 36.12 15.46
N PHE B 12 20.36 35.41 16.43
CA PHE B 12 18.95 35.01 16.37
C PHE B 12 18.02 36.22 16.11
N ASN B 13 18.08 37.22 16.99
CA ASN B 13 17.28 38.45 16.87
C ASN B 13 17.35 39.11 15.49
N LYS B 14 18.55 39.11 14.91
CA LYS B 14 18.82 39.79 13.65
C LYS B 14 18.25 39.03 12.43
N LEU B 15 18.42 37.72 12.39
CA LEU B 15 17.81 36.87 11.36
C LEU B 15 16.29 37.08 11.31
N LEU B 16 15.67 37.16 12.49
CA LEU B 16 14.23 37.30 12.61
C LEU B 16 13.68 38.67 12.24
N LYS B 17 14.47 39.72 12.46
CA LYS B 17 13.99 41.09 12.24
C LYS B 17 14.51 41.74 10.96
N GLU B 18 15.66 41.28 10.45
CA GLU B 18 16.32 41.91 9.28
C GLU B 18 16.55 41.04 8.02
N VAL B 19 16.02 39.81 8.02
CA VAL B 19 16.25 38.85 6.91
C VAL B 19 14.94 38.17 6.49
N LEU B 20 14.19 37.70 7.50
CA LEU B 20 12.91 37.07 7.29
C LEU B 20 11.75 38.01 7.56
N GLU B 21 12.02 39.09 8.31
CA GLU B 21 11.06 40.18 8.57
C GLU B 21 9.74 39.69 9.13
N PHE B 22 9.79 39.16 10.34
CA PHE B 22 8.66 38.42 10.89
C PHE B 22 8.25 38.92 12.28
N ASN B 23 6.93 38.94 12.55
CA ASN B 23 6.44 39.24 13.90
C ASN B 23 5.11 38.62 14.32
N LEU B 24 4.92 38.56 15.64
CA LEU B 24 3.70 38.08 16.28
C LEU B 24 2.71 39.22 16.52
N GLU B 25 2.84 40.30 15.73
CA GLU B 25 2.05 41.52 15.93
C GLU B 25 0.57 41.37 15.52
N ASN B 26 0.29 41.52 14.22
CA ASN B 26 -1.01 41.15 13.70
C ASN B 26 -0.83 40.49 12.34
N PRO B 27 -0.60 39.16 12.35
CA PRO B 27 -0.23 38.42 11.14
C PRO B 27 -1.39 38.18 10.20
N PHE B 28 -2.61 38.26 10.70
CA PHE B 28 -3.73 37.98 9.82
C PHE B 28 -4.18 39.22 9.06
N GLU B 29 -3.87 40.42 9.58
CA GLU B 29 -4.37 41.71 9.04
C GLU B 29 -4.34 41.83 7.50
N ASP B 30 -3.21 41.48 6.88
CA ASP B 30 -2.99 41.56 5.43
C ASP B 30 -4.02 40.79 4.61
N ALA B 31 -4.65 39.79 5.22
CA ALA B 31 -5.39 38.75 4.47
C ALA B 31 -6.60 39.23 3.68
N LYS B 32 -7.04 38.41 2.73
CA LYS B 32 -8.26 38.62 1.96
C LYS B 32 -9.03 37.28 1.79
N LYS B 33 -8.24 36.23 1.53
CA LYS B 33 -8.71 34.85 1.45
C LYS B 33 -7.85 33.91 2.30
N VAL B 34 -8.47 33.21 3.24
CA VAL B 34 -7.78 32.16 4.01
C VAL B 34 -8.55 30.85 3.88
N ILE B 35 -7.84 29.74 3.98
CA ILE B 35 -8.41 28.41 3.92
C ILE B 35 -8.25 27.77 5.28
N CYS B 36 -9.31 27.20 5.81
CA CYS B 36 -9.29 26.57 7.10
C CYS B 36 -9.47 25.08 6.89
N ILE B 37 -8.41 24.30 7.16
CA ILE B 37 -8.45 22.85 7.04
C ILE B 37 -8.86 22.15 8.33
N GLU B 38 -9.94 21.35 8.25
CA GLU B 38 -10.38 20.52 9.37
C GLU B 38 -10.31 19.07 8.97
N PRO B 39 -9.87 18.21 9.88
CA PRO B 39 -9.96 16.74 9.74
C PRO B 39 -11.38 16.24 9.58
N HIS B 40 -12.28 16.68 10.47
CA HIS B 40 -13.71 16.26 10.52
C HIS B 40 -14.63 17.49 10.58
N PRO B 41 -15.92 17.31 10.28
CA PRO B 41 -16.93 18.35 10.46
C PRO B 41 -17.01 18.69 11.93
N ASP B 42 -16.79 19.96 12.25
CA ASP B 42 -16.81 20.58 13.59
C ASP B 42 -15.47 21.10 14.11
N ASP B 43 -14.38 20.65 13.50
CA ASP B 43 -13.03 20.96 14.04
C ASP B 43 -12.62 22.41 13.87
N CYS B 44 -13.05 23.05 12.77
CA CYS B 44 -12.82 24.48 12.59
C CYS B 44 -13.63 25.28 13.63
N ALA B 45 -14.92 24.94 13.73
CA ALA B 45 -15.80 25.57 14.69
C ALA B 45 -15.20 25.36 16.08
N ILE B 46 -14.99 24.12 16.50
CA ILE B 46 -14.30 23.86 17.78
C ILE B 46 -12.94 24.58 17.99
N GLY B 47 -12.05 24.47 17.01
CA GLY B 47 -10.68 24.95 17.16
C GLY B 47 -10.47 26.43 16.91
N MET B 48 -11.36 27.05 16.13
CA MET B 48 -11.17 28.46 15.76
C MET B 48 -12.41 29.23 15.28
N GLY B 49 -13.59 28.77 15.70
CA GLY B 49 -14.87 29.45 15.40
C GLY B 49 -14.84 30.96 15.69
N GLY B 50 -14.37 31.33 16.88
CA GLY B 50 -14.16 32.76 17.21
C GLY B 50 -13.35 33.58 16.18
N THR B 51 -12.30 32.97 15.64
CA THR B 51 -11.45 33.70 14.75
C THR B 51 -12.03 33.69 13.37
N ILE B 52 -12.73 32.61 13.04
CA ILE B 52 -13.38 32.50 11.76
C ILE B 52 -14.34 33.67 11.70
N LYS B 53 -15.29 33.71 12.64
CA LYS B 53 -16.24 34.81 12.73
C LYS B 53 -15.58 36.16 12.66
N LYS B 54 -14.60 36.39 13.54
CA LYS B 54 -13.84 37.64 13.46
C LYS B 54 -13.50 37.88 12.01
N LEU B 55 -12.53 37.15 11.48
CA LEU B 55 -12.04 37.31 10.11
C LEU B 55 -13.11 37.63 9.11
N SER B 56 -14.26 36.98 9.28
CA SER B 56 -15.42 37.11 8.38
C SER B 56 -16.06 38.51 8.40
N ASP B 57 -16.25 39.01 9.61
CA ASP B 57 -16.69 40.37 9.87
C ASP B 57 -15.71 41.43 9.31
N GLU B 58 -14.41 41.25 9.57
CA GLU B 58 -13.38 42.17 9.04
C GLU B 58 -13.20 42.16 7.49
N GLY B 59 -14.09 41.48 6.76
CA GLY B 59 -14.00 41.40 5.29
C GLY B 59 -13.33 40.18 4.65
N VAL B 60 -12.79 39.28 5.47
CA VAL B 60 -12.06 38.09 4.94
C VAL B 60 -12.98 36.98 4.39
N GLU B 61 -12.58 36.46 3.24
CA GLU B 61 -13.22 35.28 2.67
C GLU B 61 -12.62 34.00 3.34
N VAL B 62 -13.48 33.27 4.04
CA VAL B 62 -13.05 32.03 4.71
C VAL B 62 -13.62 30.82 3.99
N ILE B 63 -12.71 29.97 3.51
CA ILE B 63 -13.10 28.71 2.87
C ILE B 63 -12.63 27.55 3.70
N TYR B 64 -13.51 26.55 3.82
CA TYR B 64 -13.15 25.32 4.51
C TYR B 64 -12.64 24.25 3.53
N ILE B 65 -11.66 23.46 3.97
CA ILE B 65 -11.50 22.11 3.43
C ILE B 65 -11.77 21.07 4.52
N CYS B 66 -12.74 20.18 4.32
CA CYS B 66 -12.94 19.11 5.27
C CYS B 66 -12.30 17.85 4.66
N MET B 67 -11.34 17.26 5.36
CA MET B 67 -10.68 16.05 4.91
C MET B 67 -11.59 14.83 4.83
N THR B 68 -12.39 14.62 5.89
CA THR B 68 -13.18 13.39 5.99
C THR B 68 -14.68 13.72 6.06
N ASP B 69 -15.53 12.68 6.09
CA ASP B 69 -16.98 12.79 6.14
C ASP B 69 -17.63 12.62 7.53
N GLY B 70 -16.83 12.23 8.52
CA GLY B 70 -17.33 12.09 9.86
C GLY B 70 -18.18 10.84 9.96
N TYR B 71 -18.05 9.94 8.99
CA TYR B 71 -18.81 8.72 8.94
C TYR B 71 -18.87 7.92 10.25
N MET B 72 -17.85 8.02 11.12
CA MET B 72 -17.75 7.11 12.25
C MET B 72 -18.27 7.70 13.57
N GLY B 73 -18.55 9.01 13.63
CA GLY B 73 -18.82 9.68 14.90
C GLY B 73 -20.22 9.53 15.53
N THR B 74 -20.61 8.30 15.86
CA THR B 74 -21.88 8.03 16.53
C THR B 74 -21.74 6.73 17.32
N THR B 75 -22.53 6.60 18.40
CA THR B 75 -22.57 5.34 19.19
C THR B 75 -23.91 4.58 18.99
N ASP B 76 -24.79 5.21 18.23
CA ASP B 76 -26.10 4.68 17.91
C ASP B 76 -26.04 3.65 16.79
N GLU B 77 -26.35 2.40 17.12
CA GLU B 77 -26.25 1.30 16.17
C GLU B 77 -27.25 1.38 15.03
N LYS B 78 -28.31 2.17 15.19
CA LYS B 78 -29.36 2.30 14.19
C LYS B 78 -28.96 3.25 13.08
N LEU B 79 -27.96 4.08 13.32
CA LEU B 79 -27.52 5.07 12.33
C LEU B 79 -26.31 4.55 11.47
N SER B 80 -26.55 4.26 10.19
CA SER B 80 -25.46 3.93 9.27
C SER B 80 -24.56 5.13 9.06
N GLY B 81 -23.27 4.86 8.86
CA GLY B 81 -22.28 5.88 8.53
C GLY B 81 -22.61 6.76 7.35
N HIS B 82 -23.16 6.22 6.28
CA HIS B 82 -23.65 7.07 5.17
C HIS B 82 -24.73 8.10 5.60
N GLU B 83 -25.67 7.68 6.45
CA GLU B 83 -26.65 8.65 6.91
C GLU B 83 -25.90 9.67 7.71
N LEU B 84 -25.04 9.23 8.63
CA LEU B 84 -24.41 10.19 9.54
C LEU B 84 -23.64 11.26 8.73
N ALA B 85 -23.03 10.85 7.62
CA ALA B 85 -22.19 11.75 6.85
C ALA B 85 -23.04 12.81 6.16
N LEU B 86 -24.26 12.44 5.79
CA LEU B 86 -25.25 13.34 5.23
C LEU B 86 -25.64 14.32 6.29
N ILE B 87 -25.97 13.78 7.45
CA ILE B 87 -26.40 14.60 8.55
C ILE B 87 -25.33 15.58 8.82
N ARG B 88 -24.11 15.09 8.99
CA ARG B 88 -23.05 15.95 9.47
C ARG B 88 -22.69 16.99 8.47
N ARG B 89 -23.04 16.74 7.21
CA ARG B 89 -22.78 17.73 6.19
C ARG B 89 -23.76 18.92 6.29
N ARG B 90 -25.03 18.65 6.56
CA ARG B 90 -25.96 19.76 6.80
C ARG B 90 -25.64 20.49 8.14
N GLU B 91 -25.09 19.77 9.12
CA GLU B 91 -24.63 20.42 10.37
C GLU B 91 -23.49 21.41 10.15
N GLU B 92 -22.48 21.00 9.37
CA GLU B 92 -21.35 21.92 9.03
C GLU B 92 -21.77 23.14 8.20
N GLU B 93 -22.71 22.96 7.27
CA GLU B 93 -23.26 24.04 6.45
C GLU B 93 -24.02 25.03 7.36
N GLU B 94 -24.78 24.48 8.31
CA GLU B 94 -25.48 25.30 9.30
C GLU B 94 -24.46 26.04 10.18
N SER B 95 -23.52 25.26 10.70
CA SER B 95 -22.48 25.77 11.58
C SER B 95 -21.66 26.87 10.90
N ALA B 96 -21.31 26.68 9.63
CA ALA B 96 -20.43 27.62 8.97
C ALA B 96 -21.15 28.92 8.59
N LYS B 97 -22.43 28.79 8.24
CA LYS B 97 -23.31 29.93 7.95
C LYS B 97 -23.26 30.92 9.11
N LEU B 98 -23.52 30.40 10.31
CA LEU B 98 -23.36 31.17 11.55
C LEU B 98 -22.07 31.97 11.62
N LEU B 99 -20.98 31.40 11.09
CA LEU B 99 -19.64 32.01 11.22
C LEU B 99 -19.23 32.75 9.97
N GLY B 100 -20.08 32.76 8.94
CA GLY B 100 -19.83 33.59 7.75
C GLY B 100 -18.92 32.98 6.68
N VAL B 101 -18.65 31.69 6.81
CA VAL B 101 -17.91 30.90 5.82
C VAL B 101 -18.84 30.61 4.66
N ARG B 102 -18.37 30.72 3.41
CA ARG B 102 -19.29 30.39 2.29
C ARG B 102 -18.96 29.25 1.31
N LYS B 103 -17.70 28.84 1.25
CA LYS B 103 -17.43 27.62 0.51
C LYS B 103 -16.73 26.53 1.35
N ILE B 104 -17.26 25.31 1.23
CA ILE B 104 -16.64 24.16 1.85
C ILE B 104 -16.32 23.15 0.77
N TYR B 105 -15.02 22.87 0.60
CA TYR B 105 -14.55 21.78 -0.24
C TYR B 105 -14.59 20.55 0.64
N TRP B 106 -15.27 19.50 0.22
CA TRP B 106 -15.28 18.22 0.90
C TRP B 106 -14.45 17.13 0.21
N LEU B 107 -13.47 16.56 0.91
CA LEU B 107 -12.52 15.61 0.31
C LEU B 107 -13.13 14.25 0.29
N ASN B 108 -14.02 14.02 1.29
CA ASN B 108 -14.78 12.79 1.52
C ASN B 108 -13.92 11.54 1.72
N TYR B 109 -12.72 11.70 2.30
CA TYR B 109 -12.03 10.46 2.67
C TYR B 109 -12.87 9.95 3.82
N ARG B 110 -12.97 8.66 4.01
CA ARG B 110 -13.66 8.16 5.19
C ARG B 110 -12.96 8.41 6.57
N ASP B 111 -13.75 8.95 7.46
CA ASP B 111 -13.43 9.23 8.86
C ASP B 111 -12.78 8.00 9.42
N THR B 112 -11.63 8.15 10.06
CA THR B 112 -10.76 7.07 10.51
C THR B 112 -9.78 6.45 9.47
N GLU B 113 -9.94 6.81 8.20
CA GLU B 113 -9.14 6.25 7.11
C GLU B 113 -8.48 7.32 6.27
N LEU B 114 -8.22 8.51 6.82
CA LEU B 114 -7.61 9.55 6.01
C LEU B 114 -6.19 9.05 5.64
N PRO B 115 -5.91 8.83 4.34
CA PRO B 115 -4.55 8.39 4.04
C PRO B 115 -3.52 9.43 4.34
N TYR B 116 -2.29 8.94 4.60
CA TYR B 116 -1.09 9.87 4.61
C TYR B 116 -0.34 9.56 3.36
N SER B 117 -0.55 10.32 2.29
CA SER B 117 0.10 9.98 1.00
C SER B 117 0.18 11.15 0.01
N ARG B 118 0.98 11.02 -1.04
CA ARG B 118 1.03 11.98 -2.10
C ARG B 118 -0.36 12.33 -2.63
N GLU B 119 -1.25 11.35 -2.75
CA GLU B 119 -2.54 11.58 -3.40
C GLU B 119 -3.30 12.64 -2.64
N VAL B 120 -3.33 12.59 -1.30
CA VAL B 120 -3.99 13.65 -0.57
C VAL B 120 -3.27 15.02 -0.69
N ARG B 121 -1.96 15.07 -0.51
CA ARG B 121 -1.24 16.28 -0.91
C ARG B 121 -1.84 16.76 -2.23
N LYS B 122 -1.99 15.88 -3.24
CA LYS B 122 -2.46 16.48 -4.54
C LYS B 122 -3.86 17.15 -4.53
N ASP B 123 -4.83 16.60 -3.78
CA ASP B 123 -6.08 17.34 -3.54
C ASP B 123 -5.88 18.72 -2.87
N LEU B 124 -4.99 18.77 -1.90
CA LEU B 124 -4.84 19.99 -1.16
C LEU B 124 -4.21 21.02 -2.06
N VAL B 125 -3.22 20.58 -2.80
CA VAL B 125 -2.45 21.49 -3.64
C VAL B 125 -3.32 21.96 -4.82
N LYS B 126 -4.23 21.10 -5.28
CA LYS B 126 -5.03 21.51 -6.39
C LYS B 126 -5.94 22.71 -5.95
N ILE B 127 -6.53 22.57 -4.76
CA ILE B 127 -7.39 23.58 -4.22
C ILE B 127 -6.64 24.85 -3.84
N ILE B 128 -5.36 24.71 -3.48
CA ILE B 128 -4.62 25.86 -2.99
C ILE B 128 -4.16 26.68 -4.17
N ARG B 129 -3.77 25.99 -5.22
CA ARG B 129 -3.47 26.66 -6.45
C ARG B 129 -4.73 27.22 -7.03
N LYS B 130 -5.85 26.52 -6.88
CA LYS B 130 -7.08 27.08 -7.37
C LYS B 130 -7.46 28.38 -6.63
N GLU B 131 -7.38 28.39 -5.31
CA GLU B 131 -7.95 29.46 -4.50
C GLU B 131 -6.99 30.58 -4.20
N LYS B 132 -5.72 30.36 -4.49
CA LYS B 132 -4.72 31.39 -4.24
C LYS B 132 -4.97 32.13 -2.90
N PRO B 133 -4.99 31.38 -1.79
CA PRO B 133 -5.22 31.99 -0.46
C PRO B 133 -3.99 32.65 0.13
N ASP B 134 -4.21 33.61 1.00
CA ASP B 134 -3.11 34.30 1.67
C ASP B 134 -2.68 33.45 2.84
N GLY B 135 -3.67 32.87 3.50
CA GLY B 135 -3.45 32.06 4.67
C GLY B 135 -4.18 30.73 4.65
N VAL B 136 -3.56 29.77 5.35
CA VAL B 136 -4.16 28.49 5.58
C VAL B 136 -4.10 28.19 7.06
N PHE B 137 -5.20 27.67 7.60
CA PHE B 137 -5.19 27.22 8.97
C PHE B 137 -5.34 25.70 9.03
N ALA B 138 -4.61 25.08 9.94
CA ALA B 138 -4.60 23.62 10.10
C ALA B 138 -4.26 23.22 11.52
N PRO B 139 -4.60 22.00 11.91
CA PRO B 139 -4.24 21.49 13.22
C PRO B 139 -2.75 21.32 13.34
N ASP B 140 -2.23 21.58 14.55
CA ASP B 140 -0.86 21.37 14.85
C ASP B 140 -0.56 19.86 14.95
N PRO B 141 0.20 19.31 13.99
CA PRO B 141 0.37 17.87 14.04
C PRO B 141 1.31 17.48 15.18
N TRP B 142 1.89 18.45 15.90
CA TRP B 142 2.78 18.14 17.05
C TRP B 142 2.06 18.24 18.44
N LEU B 143 0.75 18.46 18.44
CA LEU B 143 -0.03 18.50 19.66
C LEU B 143 0.27 17.25 20.48
N PRO B 144 0.93 17.42 21.63
CA PRO B 144 1.30 16.23 22.42
C PRO B 144 0.09 15.41 22.74
N TYR B 145 0.24 14.07 22.75
CA TYR B 145 -0.83 13.09 23.07
C TYR B 145 -2.07 13.09 22.14
N GLU B 146 -2.00 13.81 21.04
CA GLU B 146 -3.13 13.80 20.14
C GLU B 146 -3.18 12.38 19.57
N SER B 147 -4.30 11.71 19.75
CA SER B 147 -4.41 10.30 19.43
C SER B 147 -5.27 10.00 18.19
N HIS B 148 -5.77 11.03 17.53
CA HIS B 148 -6.52 10.72 16.30
C HIS B 148 -5.61 10.82 15.06
N PRO B 149 -5.38 9.70 14.33
CA PRO B 149 -4.63 9.75 13.06
C PRO B 149 -5.12 10.76 12.06
N ASP B 150 -6.42 10.97 11.93
CA ASP B 150 -6.94 11.94 11.00
C ASP B 150 -6.45 13.37 11.39
N HIS B 151 -6.28 13.58 12.69
CA HIS B 151 -5.94 14.90 13.13
C HIS B 151 -4.46 15.15 12.79
N ARG B 152 -3.61 14.21 13.15
CA ARG B 152 -2.16 14.36 12.92
C ARG B 152 -1.83 14.51 11.44
N ARG B 153 -2.31 13.55 10.67
CA ARG B 153 -2.19 13.58 9.22
C ARG B 153 -2.69 14.90 8.57
N THR B 154 -3.86 15.42 8.98
CA THR B 154 -4.34 16.73 8.42
C THR B 154 -3.26 17.82 8.62
N GLY B 155 -2.75 17.92 9.83
CA GLY B 155 -1.70 18.89 10.11
C GLY B 155 -0.49 18.70 9.20
N PHE B 156 0.14 17.51 9.24
CA PHE B 156 1.31 17.28 8.41
C PHE B 156 1.01 17.60 6.97
N LEU B 157 -0.11 17.07 6.46
CA LEU B 157 -0.41 17.14 5.01
C LEU B 157 -0.65 18.57 4.64
N ALA B 158 -1.27 19.35 5.55
CA ALA B 158 -1.55 20.77 5.29
C ALA B 158 -0.30 21.55 5.13
N ILE B 159 0.63 21.35 6.04
CA ILE B 159 1.93 22.03 5.99
C ILE B 159 2.75 21.62 4.73
N GLU B 160 2.82 20.32 4.47
CA GLU B 160 3.50 19.83 3.28
C GLU B 160 2.84 20.38 2.07
N SER B 161 1.51 20.32 1.98
CA SER B 161 0.86 20.76 0.74
C SER B 161 1.08 22.24 0.53
N VAL B 162 1.07 23.02 1.61
CA VAL B 162 1.36 24.42 1.47
C VAL B 162 2.77 24.66 0.87
N ALA B 163 3.76 23.91 1.32
CA ALA B 163 5.11 24.04 0.82
C ALA B 163 5.25 23.60 -0.66
N PHE B 164 4.48 22.58 -1.06
CA PHE B 164 4.69 21.97 -2.37
C PHE B 164 3.85 22.68 -3.45
N SER B 165 2.83 23.43 -3.03
CA SER B 165 1.94 24.17 -3.95
C SER B 165 2.74 25.09 -4.84
N GLN B 166 3.89 25.48 -4.31
CA GLN B 166 4.82 26.41 -4.99
C GLN B 166 5.71 25.72 -5.98
N LEU B 167 5.67 24.39 -6.03
CA LEU B 167 6.70 23.71 -6.82
C LEU B 167 6.06 23.11 -8.04
N PRO B 168 6.44 23.64 -9.24
CA PRO B 168 5.96 23.29 -10.59
C PRO B 168 6.15 21.82 -10.99
N ASN B 169 7.07 21.11 -10.34
CA ASN B 169 7.22 19.68 -10.62
C ASN B 169 6.38 18.81 -9.69
N PHE B 170 5.74 19.44 -8.69
CA PHE B 170 4.92 18.67 -7.79
C PHE B 170 3.56 18.81 -8.37
N SER B 171 2.93 17.66 -8.56
CA SER B 171 1.64 17.56 -9.24
C SER B 171 1.56 18.34 -10.56
N ASN B 172 2.30 17.91 -11.57
CA ASN B 172 2.60 18.79 -12.71
C ASN B 172 1.50 18.96 -13.75
N ILE B 173 0.45 18.18 -13.64
CA ILE B 173 -0.67 18.26 -14.54
C ILE B 173 -1.57 19.46 -14.15
N ASP B 174 -1.47 19.89 -12.91
CA ASP B 174 -2.10 21.15 -12.49
C ASP B 174 -1.66 22.36 -13.35
N ILE B 175 -0.36 22.44 -13.51
CA ILE B 175 0.27 23.43 -14.36
C ILE B 175 -0.34 23.30 -15.77
N ASP B 176 -0.13 22.13 -16.38
CA ASP B 176 -0.52 21.88 -17.79
C ASP B 176 -1.99 22.20 -18.07
N ILE B 177 -2.81 22.37 -17.02
CA ILE B 177 -4.22 22.71 -17.19
C ILE B 177 -4.55 24.09 -16.65
N GLY B 178 -3.51 24.86 -16.33
CA GLY B 178 -3.66 26.27 -15.94
C GLY B 178 -3.73 26.69 -14.48
N LEU B 179 -3.58 25.75 -13.55
CA LEU B 179 -3.44 26.09 -12.13
C LEU B 179 -1.97 26.23 -11.82
N LYS B 180 -1.53 27.47 -11.64
CA LYS B 180 -0.12 27.77 -11.53
C LYS B 180 0.32 27.49 -10.10
N PRO B 181 1.63 27.48 -9.85
CA PRO B 181 2.09 27.52 -8.47
C PRO B 181 1.46 28.67 -7.66
N HIS B 182 1.32 28.48 -6.35
CA HIS B 182 0.91 29.54 -5.44
C HIS B 182 1.83 29.57 -4.22
N SER B 183 1.97 30.77 -3.61
CA SER B 183 2.78 30.95 -2.41
C SER B 183 1.95 31.57 -1.31
N VAL B 184 1.45 30.73 -0.42
CA VAL B 184 0.63 31.16 0.69
C VAL B 184 1.50 32.13 1.49
N SER B 185 0.90 33.16 2.07
CA SER B 185 1.67 34.09 2.89
C SER B 185 2.01 33.54 4.28
N PHE B 186 1.11 32.79 4.90
CA PHE B 186 1.41 32.26 6.23
C PHE B 186 0.65 30.99 6.52
N ILE B 187 1.14 30.20 7.47
CA ILE B 187 0.42 29.03 7.95
C ILE B 187 0.06 29.31 9.39
N ALA B 188 -1.16 28.98 9.78
CA ALA B 188 -1.48 29.13 11.18
C ALA B 188 -2.01 27.84 11.73
N LEU B 189 -1.38 27.38 12.82
CA LEU B 189 -1.73 26.11 13.41
C LEU B 189 -2.63 26.22 14.63
N TYR B 190 -3.83 25.68 14.56
CA TYR B 190 -4.66 25.69 15.74
C TYR B 190 -4.62 24.36 16.48
N TYR B 191 -5.36 24.26 17.57
CA TYR B 191 -5.24 23.11 18.44
C TYR B 191 -3.78 22.90 18.77
N THR B 192 -3.07 23.96 19.14
CA THR B 192 -1.63 23.89 19.45
C THR B 192 -1.44 24.15 20.91
N HIS B 193 -0.48 23.45 21.51
CA HIS B 193 -0.15 23.69 22.90
C HIS B 193 1.04 24.64 23.04
N LYS B 194 1.65 25.03 21.92
CA LYS B 194 2.69 26.02 21.96
C LYS B 194 2.32 27.26 21.13
N PRO B 195 1.26 27.96 21.52
CA PRO B 195 0.87 29.14 20.76
C PRO B 195 1.76 30.36 20.98
N ASN B 196 1.91 31.18 19.94
CA ASN B 196 2.67 32.42 20.01
C ASN B 196 1.86 33.60 19.43
N TYR B 197 0.56 33.41 19.26
CA TYR B 197 -0.33 34.51 18.97
C TYR B 197 -1.72 34.11 19.44
N ILE B 198 -2.35 34.97 20.22
CA ILE B 198 -3.68 34.68 20.75
C ILE B 198 -4.66 35.72 20.20
N VAL B 199 -5.92 35.29 20.04
CA VAL B 199 -6.99 36.16 19.57
C VAL B 199 -8.13 36.20 20.59
N ASP B 200 -8.57 37.43 20.93
CA ASP B 200 -9.66 37.69 21.86
C ASP B 200 -11.02 37.25 21.34
N ILE B 201 -11.66 36.31 22.02
CA ILE B 201 -12.96 35.86 21.57
C ILE B 201 -14.05 35.93 22.66
N THR B 202 -13.84 36.73 23.70
CA THR B 202 -14.88 36.88 24.74
C THR B 202 -16.21 37.42 24.17
N ASP B 203 -16.15 38.41 23.28
CA ASP B 203 -17.33 38.96 22.58
C ASP B 203 -18.10 37.86 21.83
N LEU B 204 -17.39 36.83 21.39
CA LEU B 204 -17.89 35.88 20.38
C LEU B 204 -18.07 34.45 20.86
N MET B 205 -17.92 34.24 22.17
CA MET B 205 -17.92 32.91 22.74
C MET B 205 -19.27 32.16 22.68
N GLU B 206 -20.36 32.83 23.06
CA GLU B 206 -21.69 32.18 22.99
C GLU B 206 -22.01 31.79 21.53
N LEU B 207 -21.60 32.64 20.58
CA LEU B 207 -21.83 32.36 19.15
C LEU B 207 -21.01 31.14 18.72
N LYS B 208 -19.69 31.18 18.97
CA LYS B 208 -18.84 30.03 18.82
C LYS B 208 -19.59 28.80 19.35
N LEU B 209 -19.98 28.81 20.64
CA LEU B 209 -20.59 27.63 21.22
C LEU B 209 -21.83 27.25 20.46
N LYS B 210 -22.47 28.26 19.87
CA LYS B 210 -23.68 28.01 19.12
C LYS B 210 -23.32 27.40 17.74
N ALA B 211 -22.33 27.96 17.07
CA ALA B 211 -21.74 27.32 15.88
C ALA B 211 -21.27 25.88 16.22
N ILE B 212 -20.71 25.69 17.41
CA ILE B 212 -20.34 24.38 17.85
C ILE B 212 -21.54 23.51 18.11
N ARG B 213 -22.58 24.05 18.77
CA ARG B 213 -23.74 23.20 19.07
C ARG B 213 -24.53 22.80 17.83
N ALA B 214 -24.36 23.56 16.73
CA ALA B 214 -24.99 23.22 15.44
C ALA B 214 -24.63 21.80 14.93
N HIS B 215 -23.53 21.22 15.43
CA HIS B 215 -23.21 19.81 15.15
C HIS B 215 -23.96 18.94 16.16
N ARG B 216 -25.27 18.87 15.91
CA ARG B 216 -26.19 18.27 16.87
C ARG B 216 -25.90 16.81 17.10
N SER B 217 -25.62 16.06 16.02
CA SER B 217 -25.24 14.66 16.12
C SER B 217 -24.12 14.45 17.15
N GLN B 218 -23.19 15.39 17.24
CA GLN B 218 -21.99 15.26 18.09
C GLN B 218 -22.22 15.71 19.55
N PHE B 219 -22.98 16.79 19.70
CA PHE B 219 -23.14 17.42 21.01
C PHE B 219 -24.57 17.34 21.54
N THR B 220 -24.92 16.18 22.06
CA THR B 220 -26.21 16.00 22.70
C THR B 220 -26.17 16.81 23.99
N ASP B 221 -27.28 16.84 24.72
CA ASP B 221 -27.28 17.59 25.96
C ASP B 221 -26.40 16.89 27.00
N ASP B 222 -26.37 15.55 26.91
CA ASP B 222 -25.61 14.68 27.80
C ASP B 222 -24.11 14.87 27.61
N ILE B 223 -23.71 15.00 26.35
CA ILE B 223 -22.32 15.16 26.00
C ILE B 223 -21.94 16.61 26.28
N TRP B 224 -22.89 17.50 26.09
CA TRP B 224 -22.63 18.90 26.31
C TRP B 224 -22.36 19.16 27.78
N GLU B 225 -22.92 18.32 28.66
CA GLU B 225 -22.59 18.38 30.09
C GLU B 225 -21.07 18.25 30.33
N THR B 226 -20.43 17.34 29.59
CA THR B 226 -18.97 17.16 29.65
C THR B 226 -18.18 18.19 28.80
N TRP B 227 -18.66 18.52 27.59
CA TRP B 227 -17.89 19.37 26.64
C TRP B 227 -17.96 20.88 26.78
N GLU B 228 -19.10 21.45 27.11
CA GLU B 228 -19.08 22.90 27.42
C GLU B 228 -18.08 23.26 28.54
N PRO B 229 -17.94 22.39 29.58
CA PRO B 229 -16.84 22.62 30.54
C PRO B 229 -15.46 22.52 29.88
N PHE B 230 -15.25 21.42 29.17
CA PHE B 230 -14.00 21.18 28.42
C PHE B 230 -13.63 22.39 27.56
N LEU B 231 -14.58 22.88 26.78
CA LEU B 231 -14.33 23.95 25.80
C LEU B 231 -14.19 25.32 26.47
N ARG B 232 -14.83 25.50 27.61
CA ARG B 232 -14.71 26.80 28.29
C ARG B 232 -13.32 26.85 28.90
N THR B 233 -12.95 25.73 29.53
CA THR B 233 -11.60 25.47 30.06
C THR B 233 -10.45 25.61 29.07
N VAL B 234 -10.62 25.05 27.86
CA VAL B 234 -9.62 25.27 26.81
C VAL B 234 -9.48 26.79 26.51
N THR B 235 -10.58 27.49 26.20
CA THR B 235 -10.41 28.88 25.76
C THR B 235 -9.95 29.81 26.89
N MET B 236 -10.16 29.43 28.14
CA MET B 236 -9.45 30.12 29.24
C MET B 236 -7.94 29.91 29.19
N PHE B 237 -7.52 28.68 28.90
CA PHE B 237 -6.10 28.32 28.84
C PHE B 237 -5.33 29.24 27.92
N TYR B 238 -5.94 29.58 26.80
CA TYR B 238 -5.30 30.43 25.84
C TYR B 238 -5.45 31.91 26.22
N GLY B 239 -6.65 32.29 26.66
CA GLY B 239 -6.98 33.71 26.90
C GLY B 239 -6.19 34.30 28.05
N GLU B 240 -6.05 33.49 29.09
CA GLU B 240 -5.20 33.83 30.21
C GLU B 240 -3.81 34.29 29.74
N LYS B 241 -3.24 33.62 28.74
CA LYS B 241 -1.89 33.93 28.24
C LYS B 241 -1.72 35.38 27.79
N ILE B 242 -2.83 36.06 27.48
CA ILE B 242 -2.75 37.47 27.13
C ILE B 242 -3.64 38.31 28.05
N GLY B 243 -4.01 37.70 29.18
CA GLY B 243 -4.80 38.34 30.23
C GLY B 243 -6.20 38.81 29.84
N VAL B 244 -6.89 38.03 29.00
CA VAL B 244 -8.33 38.21 28.69
C VAL B 244 -9.06 36.91 29.06
N ARG B 245 -10.36 36.82 28.81
CA ARG B 245 -11.15 35.74 29.41
C ARG B 245 -11.17 34.49 28.53
N TYR B 246 -11.46 34.74 27.25
CA TYR B 246 -11.60 33.70 26.25
C TYR B 246 -10.75 33.99 25.04
N GLY B 247 -9.84 33.07 24.75
CA GLY B 247 -9.03 33.15 23.52
C GLY B 247 -8.93 31.82 22.81
N GLU B 248 -8.77 31.90 21.50
CA GLU B 248 -8.35 30.78 20.69
C GLU B 248 -6.91 31.12 20.35
N GLY B 249 -6.01 30.12 20.45
CA GLY B 249 -4.58 30.32 20.17
C GLY B 249 -4.05 29.66 18.89
N PHE B 250 -2.92 30.18 18.39
CA PHE B 250 -2.34 29.83 17.10
C PHE B 250 -0.83 29.83 17.16
N ARG B 251 -0.20 28.89 16.47
CA ARG B 251 1.24 28.94 16.25
C ARG B 251 1.49 29.38 14.81
N VAL B 252 2.24 30.46 14.66
CA VAL B 252 2.66 30.93 13.35
C VAL B 252 4.17 31.00 13.39
N MET B 253 4.83 30.56 12.33
CA MET B 253 6.27 30.72 12.20
C MET B 253 6.59 31.10 10.73
N PRO B 254 7.77 31.72 10.51
CA PRO B 254 8.22 32.00 9.13
C PRO B 254 8.48 30.69 8.38
N GLY B 255 8.07 30.64 7.11
CA GLY B 255 8.23 29.44 6.26
C GLY B 255 9.48 28.61 6.57
N LEU B 256 10.60 29.29 6.79
CA LEU B 256 11.90 28.62 6.99
C LEU B 256 12.09 27.81 8.30
N PHE B 257 11.34 28.16 9.33
CA PHE B 257 11.45 27.53 10.65
C PHE B 257 10.77 26.15 10.76
N TYR B 258 10.11 25.74 9.66
CA TYR B 258 9.51 24.42 9.49
C TYR B 258 10.51 23.43 8.88
N HIS B 259 11.75 23.88 8.66
CA HIS B 259 12.76 23.00 8.11
C HIS B 259 14.11 23.19 8.81
N ILE B 260 14.72 22.06 9.16
CA ILE B 260 16.04 21.96 9.81
C ILE B 260 16.46 23.07 10.76
N THR B 261 15.47 23.70 11.40
CA THR B 261 15.68 24.80 12.36
C THR B 261 15.71 24.29 13.80
N PRO B 262 16.92 24.19 14.37
CA PRO B 262 17.11 23.55 15.67
C PRO B 262 16.70 24.46 16.81
N PHE B 263 16.51 25.75 16.49
CA PHE B 263 16.04 26.78 17.44
C PHE B 263 14.60 27.27 17.20
N ALA B 264 13.83 26.53 16.41
CA ALA B 264 12.43 26.87 16.14
C ALA B 264 11.55 26.98 17.40
N ASP B 265 11.94 26.36 18.53
CA ASP B 265 11.16 26.43 19.79
C ASP B 265 11.26 27.75 20.59
N LEU B 266 12.12 28.66 20.15
CA LEU B 266 12.38 29.90 20.88
C LEU B 266 11.40 31.02 20.53
N ILE B 267 10.55 30.79 19.51
CA ILE B 267 9.47 31.71 19.17
C ILE B 267 8.10 31.10 19.50
N PHE C 2 24.31 -5.04 40.39
CA PHE C 2 23.66 -3.71 40.58
C PHE C 2 22.68 -3.68 41.74
N GLU C 3 22.25 -4.88 42.15
CA GLU C 3 21.36 -5.08 43.32
C GLU C 3 21.94 -4.51 44.63
N ASN C 4 22.62 -3.35 44.57
CA ASN C 4 23.39 -2.81 45.70
C ASN C 4 23.57 -1.29 45.81
N VAL C 5 23.23 -0.60 44.72
CA VAL C 5 23.41 0.84 44.56
C VAL C 5 22.33 1.65 45.30
N SER C 6 22.59 2.92 45.58
CA SER C 6 21.68 3.72 46.40
C SER C 6 20.50 4.34 45.65
N THR C 7 20.70 5.54 45.11
CA THR C 7 19.66 6.23 44.37
C THR C 7 19.73 5.81 42.89
N PHE C 8 18.75 6.24 42.10
CA PHE C 8 18.77 6.02 40.66
C PHE C 8 19.93 6.78 40.04
N GLU C 9 20.24 7.96 40.61
CA GLU C 9 21.37 8.77 40.14
C GLU C 9 22.68 8.00 40.14
N GLU C 10 22.97 7.30 41.23
CA GLU C 10 24.16 6.44 41.29
C GLU C 10 24.11 5.38 40.17
N ALA C 11 23.05 4.58 40.17
CA ALA C 11 22.86 3.51 39.16
C ALA C 11 23.02 3.98 37.70
N PHE C 12 22.45 5.15 37.40
CA PHE C 12 22.60 5.81 36.10
C PHE C 12 24.06 5.87 35.64
N ASN C 13 24.89 6.56 36.44
CA ASN C 13 26.32 6.75 36.13
C ASN C 13 27.11 5.47 36.03
N LYS C 14 26.78 4.48 36.87
CA LYS C 14 27.41 3.15 36.84
C LYS C 14 27.01 2.38 35.56
N LEU C 15 25.76 2.54 35.16
CA LEU C 15 25.29 2.01 33.88
C LEU C 15 26.04 2.63 32.69
N LEU C 16 26.09 3.96 32.62
CA LEU C 16 26.91 4.68 31.62
C LEU C 16 28.38 4.28 31.74
N LYS C 17 28.96 4.54 32.91
CA LYS C 17 30.39 4.39 33.16
C LYS C 17 30.90 2.94 33.04
N GLU C 18 30.32 2.02 33.81
CA GLU C 18 30.91 0.67 33.94
C GLU C 18 30.35 -0.41 33.01
N VAL C 19 29.03 -0.38 32.76
CA VAL C 19 28.42 -1.42 31.92
C VAL C 19 28.56 -1.13 30.41
N LEU C 20 28.26 0.10 30.02
CA LEU C 20 28.20 0.47 28.60
C LEU C 20 29.46 1.21 28.18
N GLU C 21 30.21 1.67 29.19
CA GLU C 21 31.47 2.42 28.97
C GLU C 21 31.22 3.58 28.03
N PHE C 22 30.20 4.36 28.35
CA PHE C 22 29.81 5.42 27.47
C PHE C 22 30.37 6.77 27.89
N ASN C 23 31.11 7.40 26.98
CA ASN C 23 31.50 8.80 27.11
C ASN C 23 31.59 9.56 25.76
N LEU C 24 31.61 10.88 25.87
CA LEU C 24 31.55 11.81 24.74
C LEU C 24 32.80 12.66 24.63
N GLU C 25 33.99 12.09 24.79
CA GLU C 25 35.18 12.92 24.70
C GLU C 25 35.72 13.06 23.26
N ASN C 26 35.91 11.92 22.59
CA ASN C 26 35.93 11.93 21.13
C ASN C 26 35.42 10.61 20.56
N PRO C 27 34.08 10.44 20.57
CA PRO C 27 33.40 9.23 20.13
C PRO C 27 33.78 8.89 18.70
N PHE C 28 34.18 9.90 17.93
CA PHE C 28 34.64 9.73 16.56
C PHE C 28 36.13 9.35 16.46
N GLU C 29 36.78 9.12 17.61
CA GLU C 29 38.24 8.91 17.70
C GLU C 29 38.77 7.76 16.84
N ASP C 30 38.14 6.59 16.99
CA ASP C 30 38.59 5.28 16.43
C ASP C 30 38.04 4.94 15.04
N ALA C 31 37.54 5.92 14.31
CA ALA C 31 36.73 5.61 13.14
C ALA C 31 37.55 5.56 11.87
N LYS C 32 37.46 4.42 11.18
CA LYS C 32 38.18 4.16 9.94
C LYS C 32 37.29 4.41 8.71
N LYS C 33 36.02 4.00 8.85
CA LYS C 33 35.00 4.15 7.79
C LYS C 33 33.61 4.54 8.36
N VAL C 34 33.07 5.67 7.88
CA VAL C 34 31.72 6.14 8.23
C VAL C 34 30.79 6.42 7.04
N ILE C 35 29.51 6.05 7.23
CA ILE C 35 28.44 6.38 6.24
C ILE C 35 27.72 7.65 6.69
N CYS C 36 27.62 8.63 5.82
CA CYS C 36 26.78 9.78 6.13
C CYS C 36 25.48 9.72 5.27
N ILE C 37 24.30 9.68 5.93
CA ILE C 37 23.05 9.45 5.19
C ILE C 37 22.33 10.77 5.10
N GLU C 38 21.96 11.16 3.89
CA GLU C 38 21.27 12.43 3.70
C GLU C 38 19.97 12.20 2.93
N PRO C 39 18.88 12.91 3.32
CA PRO C 39 17.63 12.78 2.57
C PRO C 39 17.77 13.31 1.14
N HIS C 40 18.37 14.48 0.97
CA HIS C 40 18.48 15.13 -0.36
C HIS C 40 19.93 15.55 -0.53
N PRO C 41 20.40 15.63 -1.80
CA PRO C 41 21.77 16.09 -1.99
C PRO C 41 21.85 17.49 -1.48
N ASP C 42 22.99 17.80 -0.86
CA ASP C 42 23.22 19.03 -0.11
C ASP C 42 22.98 18.94 1.41
N ASP C 43 22.57 17.79 1.94
CA ASP C 43 22.12 17.80 3.35
C ASP C 43 23.28 17.51 4.30
N CYS C 44 24.15 16.58 3.90
CA CYS C 44 25.43 16.31 4.54
C CYS C 44 26.30 17.56 4.70
N ALA C 45 26.37 18.33 3.61
CA ALA C 45 27.10 19.56 3.61
C ALA C 45 26.43 20.50 4.59
N ILE C 46 25.18 20.88 4.34
CA ILE C 46 24.53 21.88 5.17
C ILE C 46 24.67 21.58 6.65
N GLY C 47 24.44 20.32 7.00
CA GLY C 47 24.32 19.96 8.39
C GLY C 47 25.62 19.51 9.02
N MET C 48 26.59 19.05 8.23
CA MET C 48 27.80 18.45 8.82
C MET C 48 29.08 18.36 7.92
N GLY C 49 29.12 19.13 6.82
CA GLY C 49 30.29 19.18 5.93
C GLY C 49 31.53 19.54 6.76
N GLY C 50 31.41 20.58 7.58
CA GLY C 50 32.34 20.80 8.70
C GLY C 50 33.03 19.54 9.22
N THR C 51 32.24 18.59 9.70
CA THR C 51 32.82 17.42 10.28
C THR C 51 33.30 16.52 9.18
N ILE C 52 32.68 16.60 8.02
CA ILE C 52 33.04 15.64 6.97
C ILE C 52 34.49 15.87 6.49
N LYS C 53 34.82 17.14 6.21
CA LYS C 53 36.21 17.56 5.93
C LYS C 53 37.16 17.05 7.03
N LYS C 54 36.88 17.46 8.27
CA LYS C 54 37.73 17.09 9.40
C LYS C 54 37.99 15.61 9.52
N LEU C 55 37.21 14.78 8.84
CA LEU C 55 37.31 13.33 8.99
C LEU C 55 37.97 12.67 7.79
N SER C 56 37.78 13.27 6.61
CA SER C 56 38.52 12.81 5.46
C SER C 56 39.99 13.05 5.81
N ASP C 57 40.33 14.27 6.22
CA ASP C 57 41.67 14.60 6.73
C ASP C 57 42.22 13.46 7.60
N GLU C 58 41.69 13.32 8.81
CA GLU C 58 42.14 12.33 9.77
C GLU C 58 42.13 10.88 9.28
N GLY C 59 42.04 10.67 7.95
CA GLY C 59 42.09 9.33 7.34
C GLY C 59 40.82 8.49 7.41
N VAL C 60 39.68 9.15 7.65
CA VAL C 60 38.39 8.43 7.67
C VAL C 60 37.89 8.31 6.24
N GLU C 61 37.61 7.09 5.78
CA GLU C 61 36.90 6.98 4.49
C GLU C 61 35.45 7.33 4.73
N VAL C 62 34.99 8.43 4.14
CA VAL C 62 33.61 8.88 4.30
C VAL C 62 32.70 8.53 3.09
N ILE C 63 31.65 7.75 3.38
CA ILE C 63 30.68 7.26 2.37
C ILE C 63 29.30 7.88 2.60
N TYR C 64 28.83 8.59 1.56
CA TYR C 64 27.48 9.14 1.49
C TYR C 64 26.44 8.10 1.06
N ILE C 65 25.27 8.08 1.72
CA ILE C 65 24.04 7.59 1.08
C ILE C 65 23.12 8.77 0.94
N CYS C 66 22.63 8.95 -0.30
CA CYS C 66 21.59 9.93 -0.58
C CYS C 66 20.27 9.18 -0.88
N MET C 67 19.24 9.55 -0.13
CA MET C 67 17.94 8.90 -0.21
C MET C 67 17.20 9.29 -1.51
N THR C 68 17.21 10.55 -1.88
CA THR C 68 16.43 10.94 -3.01
C THR C 68 17.24 11.61 -4.06
N ASP C 69 16.58 12.09 -5.11
CA ASP C 69 17.28 12.65 -6.24
C ASP C 69 17.07 14.14 -6.34
N GLY C 70 16.27 14.73 -5.47
CA GLY C 70 16.12 16.17 -5.49
C GLY C 70 15.27 16.67 -6.62
N TYR C 71 14.52 15.77 -7.25
CA TYR C 71 13.65 16.07 -8.38
C TYR C 71 12.78 17.30 -8.25
N MET C 72 12.43 17.67 -7.02
CA MET C 72 11.35 18.60 -6.81
C MET C 72 11.82 19.97 -6.43
N GLY C 73 13.09 20.11 -6.12
CA GLY C 73 13.45 21.37 -5.45
C GLY C 73 13.74 22.52 -6.40
N THR C 74 12.73 22.92 -7.18
CA THR C 74 12.86 24.11 -8.01
C THR C 74 11.55 24.86 -8.19
N THR C 75 11.66 26.18 -8.32
CA THR C 75 10.48 27.00 -8.64
C THR C 75 10.48 27.38 -10.13
N ASP C 76 11.52 26.96 -10.86
CA ASP C 76 11.61 27.26 -12.30
C ASP C 76 10.68 26.34 -13.10
N GLU C 77 9.61 26.92 -13.65
CA GLU C 77 8.61 26.20 -14.43
C GLU C 77 9.20 25.55 -15.72
N LYS C 78 10.38 25.99 -16.11
CA LYS C 78 10.98 25.49 -17.33
C LYS C 78 12.06 24.41 -17.07
N LEU C 79 12.32 24.13 -15.80
CA LEU C 79 13.19 23.03 -15.45
C LEU C 79 12.35 21.79 -15.09
N SER C 80 12.38 20.79 -15.97
CA SER C 80 11.82 19.50 -15.66
C SER C 80 12.52 18.85 -14.47
N GLY C 81 11.75 18.03 -13.76
CA GLY C 81 12.25 17.32 -12.61
C GLY C 81 13.41 16.44 -12.94
N HIS C 82 13.36 15.73 -14.06
CA HIS C 82 14.51 14.95 -14.50
C HIS C 82 15.82 15.79 -14.73
N GLU C 83 15.69 17.00 -15.27
CA GLU C 83 16.88 17.81 -15.49
C GLU C 83 17.50 18.21 -14.16
N LEU C 84 16.62 18.66 -13.26
CA LEU C 84 17.06 19.12 -11.94
C LEU C 84 17.85 18.06 -11.26
N ALA C 85 17.41 16.80 -11.41
CA ALA C 85 18.01 15.70 -10.69
C ALA C 85 19.38 15.43 -11.23
N LEU C 86 19.51 15.54 -12.53
CA LEU C 86 20.81 15.31 -13.16
C LEU C 86 21.81 16.35 -12.66
N ILE C 87 21.36 17.59 -12.57
CA ILE C 87 22.17 18.71 -12.13
C ILE C 87 22.62 18.61 -10.67
N ARG C 88 21.66 18.34 -9.78
CA ARG C 88 21.97 18.14 -8.38
C ARG C 88 22.91 16.97 -8.19
N ARG C 89 22.84 15.98 -9.05
CA ARG C 89 23.78 14.88 -8.93
C ARG C 89 25.17 15.45 -9.23
N ARG C 90 25.27 16.28 -10.27
CA ARG C 90 26.54 16.93 -10.60
C ARG C 90 27.04 17.84 -9.45
N GLU C 91 26.16 18.73 -8.98
CA GLU C 91 26.43 19.59 -7.82
C GLU C 91 26.96 18.85 -6.61
N GLU C 92 26.39 17.68 -6.32
CA GLU C 92 26.78 16.88 -5.17
C GLU C 92 28.15 16.27 -5.34
N GLU C 93 28.53 15.92 -6.57
CA GLU C 93 29.87 15.34 -6.83
C GLU C 93 30.95 16.42 -6.58
N GLU C 94 30.66 17.66 -7.00
CA GLU C 94 31.49 18.84 -6.71
C GLU C 94 31.57 19.18 -5.22
N SER C 95 30.49 18.94 -4.47
CA SER C 95 30.45 19.20 -3.03
C SER C 95 31.15 18.08 -2.26
N ALA C 96 30.94 16.85 -2.69
CA ALA C 96 31.64 15.71 -2.14
C ALA C 96 33.17 15.84 -2.35
N LYS C 97 33.58 16.42 -3.49
CA LYS C 97 35.00 16.56 -3.82
C LYS C 97 35.66 17.43 -2.77
N LEU C 98 35.32 18.71 -2.75
CA LEU C 98 35.73 19.63 -1.69
C LEU C 98 35.89 19.05 -0.25
N LEU C 99 35.12 18.03 0.10
CA LEU C 99 35.11 17.51 1.47
C LEU C 99 35.85 16.17 1.70
N GLY C 100 36.43 15.60 0.65
CA GLY C 100 37.19 14.38 0.81
C GLY C 100 36.38 13.11 0.71
N VAL C 101 35.25 13.22 0.05
CA VAL C 101 34.33 12.13 -0.12
C VAL C 101 34.49 11.61 -1.52
N ARG C 102 34.83 10.34 -1.67
CA ARG C 102 34.79 9.69 -2.99
C ARG C 102 34.02 8.36 -3.00
N LYS C 103 32.73 8.42 -2.64
CA LYS C 103 31.72 7.38 -2.95
C LYS C 103 30.32 7.72 -2.39
N ILE C 104 29.42 8.03 -3.32
CA ILE C 104 28.02 8.31 -2.99
C ILE C 104 27.13 7.24 -3.63
N TYR C 105 26.46 6.45 -2.77
CA TYR C 105 25.26 5.65 -3.16
C TYR C 105 24.00 6.51 -3.33
N TRP C 106 23.31 6.28 -4.44
CA TRP C 106 22.14 7.06 -4.82
C TRP C 106 20.99 6.11 -4.81
N LEU C 107 20.06 6.28 -3.88
CA LEU C 107 18.96 5.34 -3.79
C LEU C 107 18.00 5.64 -4.91
N ASN C 108 17.89 6.91 -5.25
CA ASN C 108 17.03 7.46 -6.31
C ASN C 108 15.49 7.54 -6.12
N TYR C 109 14.98 7.20 -4.95
CA TYR C 109 13.57 7.47 -4.65
C TYR C 109 13.42 8.94 -4.99
N ARG C 110 12.35 9.28 -5.67
CA ARG C 110 12.03 10.68 -5.96
C ARG C 110 11.80 11.67 -4.74
N ASP C 111 12.40 12.83 -4.82
CA ASP C 111 12.12 13.90 -3.85
C ASP C 111 10.59 13.97 -3.48
N THR C 112 10.28 14.00 -2.19
CA THR C 112 8.87 14.08 -1.68
C THR C 112 8.11 12.72 -1.66
N GLU C 113 8.78 11.65 -2.14
CA GLU C 113 8.17 10.36 -2.28
C GLU C 113 9.03 9.26 -1.75
N LEU C 114 9.89 9.56 -0.80
CA LEU C 114 10.65 8.52 -0.13
C LEU C 114 9.74 7.69 0.75
N PRO C 115 9.70 6.36 0.53
CA PRO C 115 8.80 5.54 1.27
C PRO C 115 9.30 5.27 2.69
N TYR C 116 8.38 5.06 3.64
CA TYR C 116 8.77 4.53 4.94
C TYR C 116 8.42 3.03 4.93
N SER C 117 9.41 2.19 4.65
CA SER C 117 9.04 0.79 4.43
C SER C 117 10.20 -0.16 4.58
N ARG C 118 9.88 -1.43 4.80
CA ARG C 118 10.86 -2.49 4.76
C ARG C 118 11.76 -2.42 3.52
N GLU C 119 11.18 -2.11 2.35
CA GLU C 119 11.96 -2.09 1.13
C GLU C 119 13.13 -1.16 1.26
N VAL C 120 12.91 0.05 1.76
CA VAL C 120 13.99 1.05 1.85
C VAL C 120 15.02 0.67 2.91
N ARG C 121 14.55 0.05 4.00
CA ARG C 121 15.37 -0.53 5.01
C ARG C 121 16.33 -1.54 4.40
N LYS C 122 15.86 -2.40 3.47
CA LYS C 122 16.72 -3.46 2.86
C LYS C 122 17.84 -2.84 2.03
N ASP C 123 17.64 -1.62 1.53
CA ASP C 123 18.61 -0.91 0.71
C ASP C 123 19.70 -0.33 1.59
N LEU C 124 19.34 0.06 2.81
CA LEU C 124 20.32 0.67 3.69
C LEU C 124 21.14 -0.44 4.28
N VAL C 125 20.44 -1.50 4.69
CA VAL C 125 21.02 -2.69 5.25
C VAL C 125 22.00 -3.34 4.25
N LYS C 126 21.75 -3.14 2.95
CA LYS C 126 22.57 -3.78 1.94
C LYS C 126 23.90 -3.05 1.87
N ILE C 127 23.82 -1.73 1.93
CA ILE C 127 25.00 -0.93 1.78
C ILE C 127 25.85 -0.97 3.07
N ILE C 128 25.17 -1.08 4.22
CA ILE C 128 25.82 -1.19 5.50
C ILE C 128 26.52 -2.55 5.71
N ARG C 129 25.88 -3.64 5.32
CA ARG C 129 26.51 -4.93 5.36
C ARG C 129 27.69 -5.05 4.37
N LYS C 130 27.65 -4.23 3.31
CA LYS C 130 28.67 -4.27 2.27
C LYS C 130 29.93 -3.60 2.77
N GLU C 131 29.78 -2.37 3.24
CA GLU C 131 30.87 -1.54 3.64
C GLU C 131 31.33 -1.76 5.09
N LYS C 132 30.60 -2.55 5.86
CA LYS C 132 30.89 -2.79 7.28
C LYS C 132 31.46 -1.54 7.99
N PRO C 133 30.76 -0.37 7.94
CA PRO C 133 31.32 0.91 8.45
C PRO C 133 31.27 1.01 9.96
N ASP C 134 32.02 1.95 10.54
CA ASP C 134 32.20 1.99 12.00
C ASP C 134 31.13 2.82 12.69
N GLY C 135 30.78 3.95 12.08
CA GLY C 135 29.67 4.77 12.56
C GLY C 135 28.80 5.29 11.40
N VAL C 136 27.51 5.46 11.65
CA VAL C 136 26.61 6.06 10.68
C VAL C 136 26.14 7.42 11.16
N PHE C 137 26.06 8.39 10.27
CA PHE C 137 25.46 9.66 10.60
C PHE C 137 24.09 9.78 9.89
N ALA C 138 23.09 10.42 10.52
CA ALA C 138 21.79 10.76 9.87
C ALA C 138 21.15 11.95 10.53
N PRO C 139 20.11 12.53 9.90
CA PRO C 139 19.27 13.54 10.57
C PRO C 139 18.54 12.96 11.79
N ASP C 140 18.29 13.82 12.76
CA ASP C 140 17.61 13.44 13.98
C ASP C 140 16.12 13.37 13.63
N PRO C 141 15.47 12.22 13.81
CA PRO C 141 14.13 12.28 13.25
C PRO C 141 13.17 13.02 14.14
N TRP C 142 13.54 13.20 15.40
CA TRP C 142 12.74 13.90 16.42
C TRP C 142 12.97 15.41 16.49
N LEU C 143 13.68 15.96 15.52
CA LEU C 143 13.86 17.38 15.45
C LEU C 143 12.51 18.14 15.45
N PRO C 144 12.24 18.99 16.47
CA PRO C 144 10.93 19.63 16.50
C PRO C 144 10.59 20.45 15.27
N TYR C 145 9.30 20.48 14.88
CA TYR C 145 8.85 21.26 13.69
C TYR C 145 9.41 20.87 12.30
N GLU C 146 10.27 19.85 12.26
CA GLU C 146 10.67 19.28 10.97
C GLU C 146 9.43 18.87 10.11
N SER C 147 9.21 19.55 9.00
CA SER C 147 8.00 19.34 8.21
C SER C 147 8.18 18.59 6.90
N HIS C 148 9.39 18.05 6.71
CA HIS C 148 9.62 17.41 5.45
C HIS C 148 9.64 15.94 5.69
N PRO C 149 8.71 15.22 5.07
CA PRO C 149 8.57 13.79 5.29
C PRO C 149 9.87 13.08 4.97
N ASP C 150 10.56 13.43 3.90
CA ASP C 150 11.87 12.76 3.54
C ASP C 150 12.89 12.85 4.69
N HIS C 151 12.84 13.90 5.51
CA HIS C 151 13.91 14.14 6.48
C HIS C 151 13.62 13.25 7.65
N ARG C 152 12.40 13.29 8.12
CA ARG C 152 12.02 12.40 9.22
C ARG C 152 12.25 10.93 8.88
N ARG C 153 11.75 10.52 7.73
CA ARG C 153 11.83 9.12 7.36
C ARG C 153 13.29 8.69 7.27
N THR C 154 14.16 9.56 6.76
CA THR C 154 15.57 9.20 6.66
C THR C 154 16.13 8.89 8.04
N GLY C 155 15.98 9.80 8.98
CA GLY C 155 16.39 9.58 10.39
C GLY C 155 15.83 8.27 10.91
N PHE C 156 14.49 8.07 10.80
CA PHE C 156 13.92 6.80 11.34
C PHE C 156 14.49 5.55 10.67
N LEU C 157 14.56 5.54 9.33
CA LEU C 157 15.01 4.33 8.60
C LEU C 157 16.52 4.06 8.86
N ALA C 158 17.30 5.12 9.00
CA ALA C 158 18.76 4.97 9.18
C ALA C 158 19.04 4.22 10.47
N ILE C 159 18.47 4.71 11.58
CA ILE C 159 18.61 4.01 12.87
C ILE C 159 18.02 2.61 12.84
N GLU C 160 16.91 2.44 12.17
CA GLU C 160 16.36 1.10 12.16
C GLU C 160 17.26 0.18 11.35
N SER C 161 17.67 0.60 10.17
CA SER C 161 18.51 -0.25 9.34
C SER C 161 19.85 -0.56 10.04
N VAL C 162 20.48 0.42 10.68
CA VAL C 162 21.67 0.12 11.52
C VAL C 162 21.40 -1.04 12.51
N ALA C 163 20.26 -1.02 13.19
CA ALA C 163 19.98 -2.08 14.14
C ALA C 163 19.62 -3.40 13.45
N PHE C 164 19.02 -3.33 12.28
CA PHE C 164 18.51 -4.56 11.65
C PHE C 164 19.63 -5.24 10.85
N SER C 165 20.63 -4.46 10.48
CA SER C 165 21.88 -4.99 9.88
C SER C 165 22.49 -6.19 10.62
N GLN C 166 22.43 -6.16 11.95
CA GLN C 166 22.92 -7.24 12.83
C GLN C 166 22.08 -8.52 12.79
N LEU C 167 20.94 -8.50 12.11
CA LEU C 167 20.02 -9.63 12.31
C LEU C 167 20.03 -10.42 11.04
N PRO C 168 20.45 -11.71 11.14
CA PRO C 168 20.56 -12.59 9.98
C PRO C 168 19.20 -12.92 9.36
N ASN C 169 18.14 -12.97 10.15
CA ASN C 169 16.81 -13.18 9.53
C ASN C 169 16.20 -11.96 8.86
N PHE C 170 16.82 -10.78 9.05
CA PHE C 170 16.42 -9.58 8.35
C PHE C 170 17.14 -9.43 7.02
N SER C 171 16.34 -9.57 5.96
CA SER C 171 16.77 -9.52 4.55
C SER C 171 17.77 -10.65 4.33
N ASN C 172 17.26 -11.87 4.51
CA ASN C 172 18.07 -13.04 4.65
C ASN C 172 18.86 -13.35 3.40
N ILE C 173 18.45 -12.76 2.27
CA ILE C 173 19.06 -13.06 0.99
C ILE C 173 20.44 -12.43 0.86
N ASP C 174 20.62 -11.25 1.44
CA ASP C 174 21.94 -10.69 1.64
C ASP C 174 22.96 -11.71 2.16
N ILE C 175 22.63 -12.35 3.29
CA ILE C 175 23.47 -13.35 3.93
C ILE C 175 23.74 -14.47 2.93
N ASP C 176 22.65 -15.11 2.49
CA ASP C 176 22.65 -16.18 1.49
C ASP C 176 23.61 -15.97 0.31
N ILE C 177 23.92 -14.72 -0.04
CA ILE C 177 24.82 -14.44 -1.18
C ILE C 177 26.16 -13.84 -0.74
N GLY C 178 26.39 -13.77 0.58
CA GLY C 178 27.69 -13.38 1.14
C GLY C 178 27.83 -11.99 1.74
N LEU C 179 26.72 -11.30 1.97
CA LEU C 179 26.76 -10.07 2.74
C LEU C 179 26.27 -10.41 4.14
N LYS C 180 27.22 -10.55 5.04
CA LYS C 180 26.99 -10.99 6.40
C LYS C 180 26.54 -9.84 7.32
N PRO C 181 26.04 -10.17 8.52
CA PRO C 181 25.65 -9.13 9.42
C PRO C 181 26.80 -8.24 9.82
N HIS C 182 26.47 -7.00 10.16
CA HIS C 182 27.47 -6.06 10.60
C HIS C 182 26.86 -5.27 11.70
N SER C 183 27.67 -5.03 12.73
CA SER C 183 27.35 -4.11 13.80
C SER C 183 28.12 -2.85 13.59
N VAL C 184 27.41 -1.73 13.47
CA VAL C 184 28.01 -0.40 13.51
C VAL C 184 28.46 -0.15 14.96
N SER C 185 29.47 0.69 15.15
CA SER C 185 29.97 0.96 16.49
C SER C 185 29.17 2.08 17.11
N PHE C 186 28.94 3.11 16.31
CA PHE C 186 28.16 4.25 16.76
C PHE C 186 27.21 4.85 15.71
N ILE C 187 26.15 5.49 16.20
CA ILE C 187 25.30 6.36 15.38
C ILE C 187 25.48 7.79 15.86
N ALA C 188 25.52 8.79 14.97
CA ALA C 188 25.38 10.18 15.43
C ALA C 188 24.34 10.98 14.63
N LEU C 189 23.42 11.61 15.35
CA LEU C 189 22.37 12.36 14.68
C LEU C 189 22.78 13.82 14.49
N TYR C 190 22.73 14.32 13.27
CA TYR C 190 22.93 15.74 13.05
C TYR C 190 21.58 16.37 12.76
N TYR C 191 21.57 17.66 12.45
CA TYR C 191 20.35 18.43 12.34
C TYR C 191 19.57 18.18 13.61
N THR C 192 20.20 18.42 14.75
CA THR C 192 19.55 18.16 16.02
C THR C 192 19.39 19.41 16.91
N HIS C 193 18.27 19.46 17.61
CA HIS C 193 18.12 20.45 18.67
C HIS C 193 18.59 19.91 20.00
N LYS C 194 19.08 18.66 20.05
CA LYS C 194 19.58 18.07 21.32
C LYS C 194 21.03 17.52 21.24
N PRO C 195 21.96 18.35 20.80
CA PRO C 195 23.31 17.83 20.67
C PRO C 195 23.96 17.55 22.06
N ASN C 196 24.74 16.48 22.16
CA ASN C 196 25.55 16.26 23.34
C ASN C 196 27.07 16.17 23.06
N TYR C 197 27.48 16.50 21.82
CA TYR C 197 28.88 16.53 21.42
C TYR C 197 28.98 17.51 20.27
N ILE C 198 29.92 18.44 20.37
CA ILE C 198 30.08 19.49 19.40
C ILE C 198 31.47 19.34 18.83
N VAL C 199 31.61 19.72 17.57
CA VAL C 199 32.87 19.66 16.84
C VAL C 199 33.20 21.08 16.42
N ASP C 200 34.47 21.47 16.63
CA ASP C 200 34.92 22.82 16.28
C ASP C 200 35.22 22.91 14.79
N ILE C 201 34.56 23.86 14.15
CA ILE C 201 34.66 23.97 12.70
C ILE C 201 34.93 25.38 12.21
N THR C 202 35.20 26.31 13.12
CA THR C 202 35.60 27.70 12.70
C THR C 202 36.85 27.68 11.79
N ASP C 203 37.76 26.74 12.02
CA ASP C 203 38.84 26.51 11.07
C ASP C 203 38.30 26.28 9.64
N LEU C 204 37.19 25.53 9.53
CA LEU C 204 36.69 25.10 8.20
C LEU C 204 35.39 25.77 7.70
N MET C 205 34.78 26.63 8.51
CA MET C 205 33.49 27.24 8.15
C MET C 205 33.48 27.83 6.76
N GLU C 206 34.64 28.24 6.30
CA GLU C 206 34.71 28.92 5.01
C GLU C 206 34.67 27.92 3.87
N LEU C 207 35.38 26.80 4.04
CA LEU C 207 35.32 25.69 3.12
C LEU C 207 33.90 25.13 3.07
N LYS C 208 33.31 24.98 4.25
CA LYS C 208 31.94 24.54 4.40
C LYS C 208 31.00 25.39 3.56
N LEU C 209 31.09 26.71 3.70
CA LEU C 209 30.19 27.57 2.93
C LEU C 209 30.31 27.39 1.42
N LYS C 210 31.50 27.06 0.94
CA LYS C 210 31.68 26.88 -0.50
C LYS C 210 31.03 25.58 -0.94
N ALA C 211 31.30 24.51 -0.19
CA ALA C 211 30.77 23.18 -0.46
C ALA C 211 29.24 23.20 -0.57
N ILE C 212 28.61 24.01 0.27
CA ILE C 212 27.20 24.34 0.15
C ILE C 212 26.88 25.12 -1.15
N ARG C 213 27.57 26.24 -1.40
CA ARG C 213 27.33 27.00 -2.64
C ARG C 213 27.47 26.20 -3.94
N ALA C 214 28.24 25.13 -3.93
CA ALA C 214 28.30 24.25 -5.10
C ALA C 214 26.90 23.69 -5.53
N HIS C 215 25.85 24.05 -4.79
CA HIS C 215 24.51 23.58 -5.07
C HIS C 215 23.80 24.78 -5.65
N ARG C 216 24.32 25.23 -6.78
CA ARG C 216 23.87 26.46 -7.43
C ARG C 216 22.36 26.50 -7.55
N SER C 217 21.76 25.35 -7.93
CA SER C 217 20.32 25.28 -8.22
C SER C 217 19.53 25.64 -6.99
N GLN C 218 20.06 25.20 -5.86
CA GLN C 218 19.48 25.45 -4.56
C GLN C 218 19.73 26.85 -4.02
N PHE C 219 20.80 27.51 -4.48
CA PHE C 219 21.22 28.80 -3.88
C PHE C 219 21.52 29.98 -4.85
N THR C 220 20.49 30.70 -5.34
CA THR C 220 20.75 31.94 -6.09
C THR C 220 21.50 32.94 -5.21
N ASP C 221 22.11 33.94 -5.86
CA ASP C 221 22.80 35.03 -5.16
C ASP C 221 21.72 35.68 -4.32
N ASP C 222 20.60 35.96 -4.99
CA ASP C 222 19.38 36.45 -4.36
C ASP C 222 18.96 35.63 -3.12
N ILE C 223 19.00 34.30 -3.22
CA ILE C 223 18.59 33.42 -2.10
C ILE C 223 19.68 33.33 -1.00
N TRP C 224 20.96 33.36 -1.39
CA TRP C 224 22.07 33.41 -0.44
C TRP C 224 21.94 34.61 0.52
N GLU C 225 21.15 35.61 0.12
CA GLU C 225 20.81 36.78 0.95
C GLU C 225 20.03 36.37 2.20
N THR C 226 19.16 35.37 2.03
CA THR C 226 18.41 34.77 3.13
C THR C 226 19.24 33.67 3.83
N TRP C 227 19.84 32.78 3.05
CA TRP C 227 20.33 31.50 3.58
C TRP C 227 21.69 31.49 4.27
N GLU C 228 22.64 32.32 3.82
CA GLU C 228 23.96 32.37 4.49
C GLU C 228 23.86 32.89 5.93
N PRO C 229 23.09 33.98 6.16
CA PRO C 229 22.89 34.41 7.55
C PRO C 229 22.15 33.35 8.37
N PHE C 230 21.21 32.65 7.74
CA PHE C 230 20.54 31.51 8.37
C PHE C 230 21.56 30.41 8.75
N LEU C 231 22.53 30.13 7.88
CA LEU C 231 23.59 29.13 8.17
C LEU C 231 24.58 29.67 9.20
N ARG C 232 24.89 30.97 9.11
CA ARG C 232 25.78 31.58 10.10
C ARG C 232 25.13 31.51 11.50
N THR C 233 23.83 31.83 11.56
CA THR C 233 23.07 31.78 12.82
C THR C 233 22.94 30.36 13.36
N VAL C 234 22.79 29.39 12.45
CA VAL C 234 22.74 27.97 12.80
C VAL C 234 24.09 27.49 13.34
N THR C 235 25.17 28.09 12.88
CA THR C 235 26.50 27.62 13.28
C THR C 235 26.90 28.18 14.64
N MET C 236 26.19 29.24 15.04
CA MET C 236 26.46 29.89 16.33
C MET C 236 25.78 29.14 17.47
N PHE C 237 24.49 28.85 17.29
CA PHE C 237 23.71 28.06 18.24
C PHE C 237 24.56 26.91 18.77
N TYR C 238 25.22 26.20 17.84
CA TYR C 238 26.07 25.07 18.16
C TYR C 238 27.46 25.56 18.63
N GLY C 239 27.94 26.65 18.04
CA GLY C 239 29.32 27.12 18.32
C GLY C 239 29.58 27.57 19.74
N GLU C 240 28.62 28.32 20.29
CA GLU C 240 28.70 28.86 21.64
C GLU C 240 28.76 27.76 22.72
N LYS C 241 27.98 26.70 22.52
CA LYS C 241 27.79 25.65 23.54
C LYS C 241 29.11 25.07 24.08
N ILE C 242 30.17 25.08 23.28
CA ILE C 242 31.45 24.54 23.74
C ILE C 242 32.60 25.55 23.69
N GLY C 243 32.26 26.80 23.44
CA GLY C 243 33.22 27.88 23.59
C GLY C 243 33.50 28.77 22.39
N VAL C 244 33.39 28.22 21.18
CA VAL C 244 33.96 28.88 19.97
C VAL C 244 32.97 29.65 19.09
N ARG C 245 33.42 30.08 17.91
CA ARG C 245 32.61 30.96 17.06
C ARG C 245 31.65 30.17 16.14
N TYR C 246 32.16 29.07 15.60
CA TYR C 246 31.38 28.21 14.70
C TYR C 246 31.39 26.73 15.09
N GLY C 247 30.19 26.15 15.15
CA GLY C 247 30.04 24.77 15.64
C GLY C 247 29.14 23.79 14.88
N GLU C 248 29.36 22.50 15.14
CA GLU C 248 28.52 21.46 14.56
C GLU C 248 28.08 20.44 15.59
N GLY C 249 26.78 20.48 15.89
CA GLY C 249 26.16 19.61 16.89
C GLY C 249 25.72 18.25 16.42
N PHE C 250 25.98 17.25 17.28
CA PHE C 250 25.48 15.89 17.12
C PHE C 250 24.92 15.34 18.42
N ARG C 251 24.00 14.39 18.29
CA ARG C 251 23.52 13.66 19.46
C ARG C 251 23.96 12.22 19.27
N VAL C 252 24.44 11.60 20.34
CA VAL C 252 25.04 10.27 20.31
C VAL C 252 24.62 9.54 21.59
N MET C 253 24.25 8.27 21.47
CA MET C 253 23.70 7.58 22.62
C MET C 253 24.19 6.16 22.66
N PRO C 254 24.22 5.57 23.87
CA PRO C 254 24.32 4.12 23.87
C PRO C 254 23.17 3.57 23.02
N GLY C 255 23.46 2.51 22.25
CA GLY C 255 22.46 1.80 21.47
C GLY C 255 21.23 1.41 22.27
N LEU C 256 21.42 1.16 23.56
CA LEU C 256 20.35 0.70 24.45
C LEU C 256 19.32 1.82 24.64
N PHE C 257 19.80 3.05 24.62
CA PHE C 257 18.94 4.22 24.76
C PHE C 257 17.92 4.46 23.61
N TYR C 258 18.07 3.76 22.49
CA TYR C 258 17.20 3.91 21.31
C TYR C 258 16.00 2.97 21.41
N HIS C 259 15.79 2.39 22.60
CA HIS C 259 14.70 1.45 22.84
C HIS C 259 14.26 1.53 24.31
N ILE C 260 12.93 1.54 24.52
CA ILE C 260 12.32 1.41 25.84
C ILE C 260 13.14 2.04 26.99
N THR C 261 13.75 3.20 26.74
CA THR C 261 14.66 3.86 27.72
C THR C 261 14.04 5.17 28.17
N PRO C 262 13.33 5.15 29.32
CA PRO C 262 12.54 6.32 29.68
C PRO C 262 13.36 7.49 30.26
N PHE C 263 14.65 7.27 30.50
CA PHE C 263 15.53 8.34 30.99
C PHE C 263 16.43 8.90 29.88
N ALA C 264 16.29 8.36 28.67
CA ALA C 264 17.08 8.81 27.49
C ALA C 264 17.43 10.32 27.36
N ASP C 265 16.52 11.23 27.76
CA ASP C 265 16.81 12.67 27.57
C ASP C 265 17.79 13.25 28.59
N LEU C 266 18.20 12.43 29.54
CA LEU C 266 19.14 12.81 30.60
C LEU C 266 20.58 12.96 30.11
N ILE C 267 20.91 12.30 28.99
CA ILE C 267 22.19 12.56 28.30
C ILE C 267 22.09 13.49 27.05
N MET D 1 -2.57 -46.27 -7.68
CA MET D 1 -3.82 -46.13 -8.51
C MET D 1 -3.55 -45.48 -9.86
N PHE D 2 -4.56 -45.50 -10.72
CA PHE D 2 -4.49 -44.89 -12.06
C PHE D 2 -3.25 -45.31 -12.84
N GLU D 3 -2.73 -46.49 -12.53
CA GLU D 3 -1.61 -47.09 -13.25
C GLU D 3 -2.15 -47.95 -14.39
N ASN D 4 -3.42 -48.33 -14.30
CA ASN D 4 -4.05 -49.20 -15.30
C ASN D 4 -4.64 -48.48 -16.51
N VAL D 5 -5.07 -47.23 -16.30
CA VAL D 5 -5.70 -46.42 -17.36
C VAL D 5 -4.72 -46.03 -18.49
N SER D 6 -5.23 -46.07 -19.72
CA SER D 6 -4.41 -46.12 -20.94
C SER D 6 -4.28 -44.83 -21.74
N THR D 7 -5.29 -43.96 -21.63
CA THR D 7 -5.26 -42.65 -22.27
C THR D 7 -5.59 -41.52 -21.29
N PHE D 8 -5.09 -40.31 -21.62
CA PHE D 8 -5.47 -39.12 -20.87
C PHE D 8 -6.99 -39.05 -20.70
N GLU D 9 -7.71 -39.18 -21.81
CA GLU D 9 -9.16 -39.02 -21.80
C GLU D 9 -9.81 -39.94 -20.75
N GLU D 10 -9.33 -41.19 -20.66
CA GLU D 10 -9.84 -42.18 -19.69
C GLU D 10 -9.58 -41.70 -18.25
N ALA D 11 -8.30 -41.36 -17.97
CA ALA D 11 -7.91 -40.82 -16.67
C ALA D 11 -8.80 -39.64 -16.28
N PHE D 12 -8.99 -38.72 -17.21
CA PHE D 12 -9.85 -37.55 -17.00
C PHE D 12 -11.29 -37.97 -16.66
N ASN D 13 -11.85 -38.87 -17.45
CA ASN D 13 -13.21 -39.35 -17.23
C ASN D 13 -13.38 -40.03 -15.86
N LYS D 14 -12.34 -40.78 -15.50
CA LYS D 14 -12.19 -41.54 -14.24
C LYS D 14 -11.95 -40.63 -13.01
N LEU D 15 -11.05 -39.65 -13.18
CA LEU D 15 -10.83 -38.64 -12.16
C LEU D 15 -12.14 -37.91 -11.83
N LEU D 16 -12.92 -37.55 -12.84
CA LEU D 16 -14.16 -36.81 -12.61
C LEU D 16 -15.27 -37.59 -11.89
N LYS D 17 -15.67 -38.74 -12.43
CA LYS D 17 -16.85 -39.47 -11.92
C LYS D 17 -16.52 -40.30 -10.69
N GLU D 18 -15.31 -40.86 -10.63
CA GLU D 18 -14.91 -41.79 -9.57
C GLU D 18 -14.17 -41.12 -8.45
N VAL D 19 -13.10 -40.39 -8.78
CA VAL D 19 -12.30 -39.70 -7.75
C VAL D 19 -13.03 -38.50 -7.10
N LEU D 20 -13.55 -37.59 -7.92
CA LEU D 20 -14.13 -36.35 -7.44
C LEU D 20 -15.65 -36.42 -7.41
N GLU D 21 -16.21 -37.53 -7.91
CA GLU D 21 -17.68 -37.71 -7.97
C GLU D 21 -18.44 -36.47 -8.41
N PHE D 22 -17.94 -35.87 -9.48
CA PHE D 22 -18.38 -34.57 -9.93
C PHE D 22 -19.53 -34.64 -10.96
N ASN D 23 -20.65 -33.96 -10.69
CA ASN D 23 -21.72 -33.85 -11.71
C ASN D 23 -22.36 -32.47 -11.89
N LEU D 24 -22.78 -32.22 -13.12
CA LEU D 24 -23.47 -30.98 -13.45
C LEU D 24 -24.99 -31.15 -13.44
N GLU D 25 -25.45 -32.36 -13.14
CA GLU D 25 -26.87 -32.69 -13.21
C GLU D 25 -27.70 -31.79 -12.27
N ASN D 26 -27.47 -31.89 -10.96
CA ASN D 26 -27.91 -30.84 -10.02
C ASN D 26 -26.80 -30.58 -9.01
N PRO D 27 -26.19 -29.38 -9.07
CA PRO D 27 -25.21 -28.95 -8.08
C PRO D 27 -25.88 -28.21 -6.92
N PHE D 28 -26.98 -27.54 -7.18
CA PHE D 28 -27.67 -26.80 -6.13
C PHE D 28 -28.63 -27.71 -5.33
N GLU D 29 -28.24 -28.99 -5.24
CA GLU D 29 -29.11 -30.09 -4.77
C GLU D 29 -29.42 -30.05 -3.26
N ASP D 30 -28.36 -30.18 -2.46
CA ASP D 30 -28.45 -30.35 -1.00
C ASP D 30 -28.32 -29.05 -0.22
N ALA D 31 -28.34 -27.93 -0.94
CA ALA D 31 -28.06 -26.64 -0.38
C ALA D 31 -29.11 -26.29 0.63
N LYS D 32 -28.68 -26.17 1.87
CA LYS D 32 -29.57 -25.64 2.91
C LYS D 32 -29.45 -24.11 2.96
N LYS D 33 -28.20 -23.63 2.85
CA LYS D 33 -27.90 -22.22 3.02
C LYS D 33 -26.85 -21.81 2.00
N VAL D 34 -27.03 -20.65 1.39
CA VAL D 34 -26.06 -20.17 0.40
C VAL D 34 -25.77 -18.70 0.50
N ILE D 35 -24.51 -18.40 0.16
CA ILE D 35 -24.09 -17.01 0.08
C ILE D 35 -23.91 -16.54 -1.37
N CYS D 36 -24.59 -15.44 -1.66
CA CYS D 36 -24.44 -14.72 -2.89
C CYS D 36 -23.58 -13.47 -2.62
N ILE D 37 -22.35 -13.46 -3.12
CA ILE D 37 -21.44 -12.31 -2.94
C ILE D 37 -21.61 -11.36 -4.12
N GLU D 38 -22.00 -10.09 -3.91
CA GLU D 38 -22.14 -9.14 -5.00
C GLU D 38 -21.17 -7.98 -4.87
N PRO D 39 -20.66 -7.46 -6.00
CA PRO D 39 -19.73 -6.27 -5.96
C PRO D 39 -20.44 -4.97 -5.59
N HIS D 40 -21.67 -4.79 -6.08
CA HIS D 40 -22.48 -3.58 -5.81
C HIS D 40 -23.89 -4.00 -5.46
N PRO D 41 -24.68 -3.08 -4.88
CA PRO D 41 -26.13 -3.22 -4.79
C PRO D 41 -26.75 -3.33 -6.17
N ASP D 42 -27.35 -4.49 -6.44
CA ASP D 42 -27.99 -4.81 -7.70
C ASP D 42 -27.36 -5.94 -8.48
N ASP D 43 -26.16 -6.40 -8.11
CA ASP D 43 -25.56 -7.47 -8.95
C ASP D 43 -26.15 -8.85 -8.77
N CYS D 44 -26.42 -9.24 -7.53
CA CYS D 44 -27.11 -10.50 -7.27
C CYS D 44 -28.41 -10.66 -8.10
N ALA D 45 -29.21 -9.62 -8.08
CA ALA D 45 -30.45 -9.55 -8.81
C ALA D 45 -30.29 -9.57 -10.34
N ILE D 46 -29.27 -8.91 -10.87
CA ILE D 46 -29.02 -8.82 -12.32
C ILE D 46 -28.41 -10.11 -12.83
N GLY D 47 -27.47 -10.65 -12.06
CA GLY D 47 -26.70 -11.83 -12.48
C GLY D 47 -27.40 -13.12 -12.18
N MET D 48 -28.15 -13.20 -11.07
CA MET D 48 -28.74 -14.48 -10.75
C MET D 48 -30.06 -14.41 -9.98
N GLY D 49 -30.82 -13.34 -10.16
CA GLY D 49 -32.02 -13.09 -9.36
C GLY D 49 -33.12 -14.10 -9.62
N GLY D 50 -33.11 -14.72 -10.79
CA GLY D 50 -34.10 -15.72 -11.11
C GLY D 50 -33.82 -16.96 -10.28
N THR D 51 -32.53 -17.35 -10.22
CA THR D 51 -32.08 -18.53 -9.48
C THR D 51 -32.31 -18.32 -7.99
N ILE D 52 -32.31 -17.07 -7.57
CA ILE D 52 -32.48 -16.71 -6.16
C ILE D 52 -33.90 -16.86 -5.64
N LYS D 53 -34.90 -16.60 -6.48
CA LYS D 53 -36.27 -16.97 -6.09
C LYS D 53 -36.44 -18.47 -6.15
N LYS D 54 -35.82 -19.09 -7.14
CA LYS D 54 -35.88 -20.52 -7.32
C LYS D 54 -35.21 -21.23 -6.14
N LEU D 55 -34.49 -20.49 -5.32
CA LEU D 55 -33.75 -21.08 -4.20
C LEU D 55 -34.52 -20.85 -2.90
N SER D 56 -34.88 -19.61 -2.65
CA SER D 56 -35.87 -19.28 -1.65
C SER D 56 -37.03 -20.26 -1.68
N ASP D 57 -37.69 -20.37 -2.83
CA ASP D 57 -38.87 -21.24 -2.99
C ASP D 57 -38.72 -22.61 -2.33
N GLU D 58 -37.64 -23.33 -2.65
CA GLU D 58 -37.33 -24.62 -2.00
C GLU D 58 -36.85 -24.54 -0.52
N GLY D 59 -37.05 -23.40 0.13
CA GLY D 59 -36.60 -23.20 1.52
C GLY D 59 -35.08 -23.17 1.78
N VAL D 60 -34.29 -23.10 0.69
CA VAL D 60 -32.85 -22.76 0.81
C VAL D 60 -32.71 -21.31 1.30
N GLU D 61 -32.04 -21.14 2.43
CA GLU D 61 -31.87 -19.78 2.98
C GLU D 61 -30.74 -19.04 2.24
N VAL D 62 -31.11 -17.90 1.62
CA VAL D 62 -30.14 -17.15 0.81
C VAL D 62 -29.64 -15.88 1.48
N ILE D 63 -28.32 -15.79 1.65
CA ILE D 63 -27.67 -14.62 2.28
C ILE D 63 -26.81 -13.80 1.30
N TYR D 64 -27.07 -12.51 1.20
CA TYR D 64 -26.19 -11.61 0.45
C TYR D 64 -24.98 -11.16 1.27
N ILE D 65 -23.82 -11.07 0.61
CA ILE D 65 -22.75 -10.14 1.05
C ILE D 65 -22.60 -9.12 -0.11
N CYS D 66 -22.77 -7.84 0.20
CA CYS D 66 -22.54 -6.79 -0.76
C CYS D 66 -21.19 -6.09 -0.47
N MET D 67 -20.26 -6.19 -1.41
CA MET D 67 -18.83 -5.77 -1.23
C MET D 67 -18.71 -4.30 -1.04
N THR D 68 -19.47 -3.55 -1.83
CA THR D 68 -19.42 -2.09 -1.78
C THR D 68 -20.73 -1.39 -1.45
N ASP D 69 -20.66 -0.08 -1.31
CA ASP D 69 -21.82 0.73 -1.00
C ASP D 69 -22.44 1.34 -2.24
N GLY D 70 -21.78 1.21 -3.40
CA GLY D 70 -22.39 1.71 -4.67
C GLY D 70 -22.45 3.21 -4.74
N TYR D 71 -21.65 3.86 -3.92
CA TYR D 71 -21.46 5.33 -3.86
C TYR D 71 -21.24 6.12 -5.18
N MET D 72 -20.75 5.47 -6.24
CA MET D 72 -20.38 6.22 -7.42
C MET D 72 -21.38 6.10 -8.55
N GLY D 73 -22.30 5.14 -8.48
CA GLY D 73 -23.28 4.90 -9.59
C GLY D 73 -24.43 5.88 -9.84
N THR D 74 -24.08 7.09 -10.27
CA THR D 74 -25.04 8.09 -10.75
C THR D 74 -24.29 9.16 -11.57
N THR D 75 -24.95 9.72 -12.58
CA THR D 75 -24.45 10.89 -13.33
C THR D 75 -25.11 12.16 -12.84
N ASP D 76 -25.90 12.05 -11.79
CA ASP D 76 -26.61 13.21 -11.25
C ASP D 76 -25.70 14.02 -10.30
N GLU D 77 -25.32 15.24 -10.71
CA GLU D 77 -24.54 16.16 -9.87
C GLU D 77 -25.30 16.53 -8.59
N LYS D 78 -26.60 16.24 -8.54
CA LYS D 78 -27.42 16.54 -7.38
C LYS D 78 -27.12 15.63 -6.19
N LEU D 79 -26.88 14.37 -6.48
CA LEU D 79 -26.83 13.33 -5.48
C LEU D 79 -25.40 13.11 -5.00
N SER D 80 -25.16 13.38 -3.72
CA SER D 80 -23.88 13.03 -3.11
C SER D 80 -23.81 11.53 -2.95
N GLY D 81 -22.58 11.02 -3.03
CA GLY D 81 -22.30 9.59 -2.87
C GLY D 81 -22.88 9.10 -1.57
N HIS D 82 -22.70 9.86 -0.50
CA HIS D 82 -23.34 9.45 0.76
C HIS D 82 -24.86 9.27 0.66
N GLU D 83 -25.56 10.25 0.10
CA GLU D 83 -26.99 10.07 -0.16
C GLU D 83 -27.28 8.91 -1.12
N LEU D 84 -26.47 8.74 -2.17
CA LEU D 84 -26.72 7.59 -3.07
C LEU D 84 -26.59 6.28 -2.35
N ALA D 85 -25.60 6.17 -1.47
CA ALA D 85 -25.33 4.91 -0.83
C ALA D 85 -26.51 4.52 0.05
N LEU D 86 -27.02 5.48 0.80
CA LEU D 86 -28.26 5.37 1.52
C LEU D 86 -29.48 4.91 0.64
N ILE D 87 -29.82 5.70 -0.38
CA ILE D 87 -30.92 5.37 -1.32
C ILE D 87 -30.72 3.95 -1.77
N ARG D 88 -29.46 3.61 -2.07
CA ARG D 88 -29.21 2.29 -2.61
C ARG D 88 -29.35 1.15 -1.63
N ARG D 89 -29.13 1.43 -0.35
CA ARG D 89 -29.32 0.36 0.65
C ARG D 89 -30.81 -0.01 0.74
N ARG D 90 -31.67 1.00 0.65
CA ARG D 90 -33.13 0.82 0.68
C ARG D 90 -33.58 0.01 -0.52
N GLU D 91 -33.11 0.41 -1.70
CA GLU D 91 -33.42 -0.26 -2.95
C GLU D 91 -33.04 -1.72 -2.89
N GLU D 92 -31.95 -1.99 -2.18
CA GLU D 92 -31.46 -3.37 -2.09
C GLU D 92 -32.28 -4.23 -1.13
N GLU D 93 -32.78 -3.61 -0.08
CA GLU D 93 -33.66 -4.29 0.82
C GLU D 93 -34.97 -4.66 0.08
N GLU D 94 -35.53 -3.70 -0.66
CA GLU D 94 -36.72 -3.93 -1.47
C GLU D 94 -36.45 -5.04 -2.51
N SER D 95 -35.35 -4.94 -3.23
CA SER D 95 -35.05 -5.96 -4.26
C SER D 95 -34.94 -7.38 -3.70
N ALA D 96 -34.33 -7.52 -2.54
CA ALA D 96 -34.11 -8.84 -1.92
C ALA D 96 -35.39 -9.42 -1.29
N LYS D 97 -36.19 -8.55 -0.65
CA LYS D 97 -37.48 -8.96 -0.11
C LYS D 97 -38.28 -9.64 -1.22
N LEU D 98 -38.40 -8.96 -2.37
CA LEU D 98 -39.03 -9.52 -3.58
C LEU D 98 -38.51 -10.87 -4.00
N LEU D 99 -37.27 -11.18 -3.65
CA LEU D 99 -36.69 -12.44 -4.05
C LEU D 99 -36.59 -13.39 -2.86
N GLY D 100 -37.19 -12.96 -1.73
CA GLY D 100 -37.19 -13.75 -0.48
C GLY D 100 -35.83 -13.82 0.24
N VAL D 101 -35.04 -12.74 0.16
CA VAL D 101 -33.76 -12.71 0.84
C VAL D 101 -33.95 -11.87 2.09
N ARG D 102 -33.64 -12.47 3.23
CA ARG D 102 -33.81 -11.80 4.54
C ARG D 102 -32.48 -11.51 5.28
N LYS D 103 -31.34 -11.78 4.67
CA LYS D 103 -30.08 -11.29 5.27
C LYS D 103 -29.05 -10.74 4.29
N ILE D 104 -28.64 -9.47 4.52
CA ILE D 104 -27.57 -8.78 3.77
C ILE D 104 -26.46 -8.21 4.66
N TYR D 105 -25.27 -8.80 4.53
CA TYR D 105 -24.02 -8.20 5.03
C TYR D 105 -23.50 -7.10 4.10
N TRP D 106 -23.31 -5.89 4.63
CA TRP D 106 -22.74 -4.74 3.92
C TRP D 106 -21.31 -4.50 4.38
N LEU D 107 -20.34 -4.78 3.51
CA LEU D 107 -18.97 -4.49 3.86
C LEU D 107 -18.64 -3.02 3.81
N ASN D 108 -19.42 -2.24 3.06
CA ASN D 108 -19.25 -0.77 2.86
C ASN D 108 -17.87 -0.25 2.42
N TYR D 109 -17.05 -1.06 1.76
CA TYR D 109 -15.92 -0.48 0.98
C TYR D 109 -16.53 0.46 0.00
N ARG D 110 -15.89 1.59 -0.27
CA ARG D 110 -16.46 2.53 -1.25
C ARG D 110 -16.35 1.96 -2.65
N ASP D 111 -17.45 2.06 -3.37
CA ASP D 111 -17.62 1.79 -4.81
C ASP D 111 -16.42 2.36 -5.62
N THR D 112 -15.84 1.53 -6.48
CA THR D 112 -14.60 1.81 -7.24
C THR D 112 -13.31 1.77 -6.41
N GLU D 113 -13.39 1.42 -5.11
CA GLU D 113 -12.24 1.45 -4.18
C GLU D 113 -12.16 0.18 -3.39
N LEU D 114 -12.81 -0.86 -3.86
CA LEU D 114 -12.72 -2.12 -3.14
C LEU D 114 -11.30 -2.71 -3.23
N PRO D 115 -10.66 -2.94 -2.09
CA PRO D 115 -9.26 -3.36 -2.09
C PRO D 115 -9.10 -4.76 -2.56
N TYR D 116 -7.93 -5.07 -3.10
CA TYR D 116 -7.58 -6.47 -3.28
C TYR D 116 -6.53 -6.86 -2.26
N SER D 117 -6.95 -7.42 -1.11
CA SER D 117 -6.04 -7.53 0.02
C SER D 117 -6.52 -8.57 1.01
N ARG D 118 -5.58 -9.09 1.77
CA ARG D 118 -5.82 -9.95 2.92
C ARG D 118 -6.95 -9.42 3.83
N GLU D 119 -6.92 -8.12 4.10
CA GLU D 119 -7.95 -7.50 4.92
C GLU D 119 -9.37 -7.77 4.42
N VAL D 120 -9.61 -7.65 3.11
CA VAL D 120 -10.94 -8.00 2.60
C VAL D 120 -11.18 -9.51 2.70
N ARG D 121 -10.15 -10.34 2.51
CA ARG D 121 -10.40 -11.75 2.71
C ARG D 121 -10.94 -12.05 4.13
N LYS D 122 -10.42 -11.36 5.18
CA LYS D 122 -10.80 -11.59 6.57
C LYS D 122 -12.26 -11.29 6.76
N ASP D 123 -12.75 -10.22 6.13
CA ASP D 123 -14.20 -9.92 6.17
C ASP D 123 -15.03 -11.11 5.70
N LEU D 124 -14.67 -11.68 4.54
CA LEU D 124 -15.48 -12.70 3.90
C LEU D 124 -15.41 -14.00 4.66
N VAL D 125 -14.21 -14.32 5.11
CA VAL D 125 -13.94 -15.47 5.91
C VAL D 125 -14.71 -15.39 7.25
N LYS D 126 -14.82 -14.20 7.82
CA LYS D 126 -15.51 -14.03 9.10
C LYS D 126 -17.00 -14.40 8.90
N ILE D 127 -17.61 -13.79 7.88
CA ILE D 127 -18.95 -14.09 7.51
C ILE D 127 -19.11 -15.58 7.11
N ILE D 128 -18.13 -16.13 6.38
CA ILE D 128 -18.26 -17.48 5.89
C ILE D 128 -18.26 -18.52 7.04
N ARG D 129 -17.26 -18.42 7.89
CA ARG D 129 -17.13 -19.21 9.09
C ARG D 129 -18.34 -19.15 10.00
N LYS D 130 -18.95 -17.98 10.09
CA LYS D 130 -20.09 -17.76 10.96
C LYS D 130 -21.39 -18.41 10.40
N GLU D 131 -21.65 -18.19 9.12
CA GLU D 131 -22.89 -18.65 8.53
C GLU D 131 -22.77 -20.12 8.12
N LYS D 132 -21.55 -20.65 8.07
CA LYS D 132 -21.35 -22.00 7.56
C LYS D 132 -22.35 -22.32 6.41
N PRO D 133 -22.13 -21.75 5.18
CA PRO D 133 -22.93 -22.06 3.98
C PRO D 133 -22.49 -23.28 3.24
N ASP D 134 -23.45 -23.95 2.61
CA ASP D 134 -23.16 -25.08 1.77
C ASP D 134 -22.66 -24.56 0.45
N GLY D 135 -23.27 -23.47 -0.02
CA GLY D 135 -22.96 -22.87 -1.31
C GLY D 135 -22.51 -21.40 -1.33
N VAL D 136 -21.43 -21.10 -2.09
CA VAL D 136 -21.09 -19.68 -2.35
C VAL D 136 -21.28 -19.27 -3.85
N PHE D 137 -21.95 -18.16 -4.10
CA PHE D 137 -22.07 -17.59 -5.43
C PHE D 137 -21.29 -16.27 -5.56
N ALA D 138 -20.61 -16.12 -6.70
CA ALA D 138 -19.76 -14.93 -7.01
C ALA D 138 -19.50 -14.75 -8.51
N PRO D 139 -19.17 -13.50 -8.94
CA PRO D 139 -18.82 -13.24 -10.35
C PRO D 139 -17.61 -14.02 -10.81
N ASP D 140 -17.62 -14.44 -12.06
CA ASP D 140 -16.46 -15.03 -12.70
C ASP D 140 -15.41 -13.94 -12.79
N PRO D 141 -14.26 -14.09 -12.12
CA PRO D 141 -13.34 -12.95 -12.29
C PRO D 141 -12.69 -12.96 -13.67
N TRP D 142 -12.80 -14.08 -14.38
CA TRP D 142 -12.21 -14.18 -15.69
C TRP D 142 -13.16 -13.86 -16.81
N LEU D 143 -14.32 -13.30 -16.51
CA LEU D 143 -15.19 -12.83 -17.57
C LEU D 143 -14.35 -11.93 -18.47
N PRO D 144 -14.23 -12.27 -19.74
CA PRO D 144 -13.43 -11.40 -20.65
C PRO D 144 -13.99 -9.99 -20.84
N TYR D 145 -13.10 -8.97 -20.94
CA TYR D 145 -13.50 -7.60 -21.21
C TYR D 145 -14.17 -6.96 -20.01
N GLU D 146 -14.20 -7.63 -18.87
CA GLU D 146 -14.77 -7.07 -17.64
C GLU D 146 -13.84 -5.96 -17.15
N SER D 147 -14.38 -4.77 -17.12
CA SER D 147 -13.61 -3.60 -16.89
C SER D 147 -13.82 -3.00 -15.54
N HIS D 148 -14.71 -3.57 -14.73
CA HIS D 148 -14.82 -3.03 -13.37
C HIS D 148 -13.89 -3.74 -12.38
N PRO D 149 -12.88 -3.03 -11.83
CA PRO D 149 -11.99 -3.71 -10.87
C PRO D 149 -12.71 -4.32 -9.70
N ASP D 150 -13.74 -3.65 -9.17
CA ASP D 150 -14.58 -4.15 -8.07
C ASP D 150 -15.18 -5.53 -8.41
N HIS D 151 -15.46 -5.77 -9.70
CA HIS D 151 -16.05 -7.04 -10.15
C HIS D 151 -15.00 -8.10 -10.20
N ARG D 152 -13.94 -7.81 -10.91
CA ARG D 152 -12.83 -8.74 -10.94
C ARG D 152 -12.49 -9.05 -9.46
N ARG D 153 -12.39 -8.05 -8.61
CA ARG D 153 -11.81 -8.32 -7.31
C ARG D 153 -12.75 -9.14 -6.45
N THR D 154 -14.06 -8.88 -6.60
CA THR D 154 -15.05 -9.65 -5.86
C THR D 154 -14.94 -11.11 -6.20
N GLY D 155 -14.86 -11.43 -7.47
CA GLY D 155 -14.65 -12.82 -7.91
C GLY D 155 -13.41 -13.48 -7.33
N PHE D 156 -12.22 -12.89 -7.53
CA PHE D 156 -11.00 -13.46 -6.97
C PHE D 156 -11.12 -13.54 -5.40
N LEU D 157 -11.55 -12.46 -4.78
CA LEU D 157 -11.53 -12.49 -3.29
C LEU D 157 -12.48 -13.64 -2.78
N ALA D 158 -13.65 -13.77 -3.41
CA ALA D 158 -14.61 -14.82 -3.06
C ALA D 158 -14.08 -16.22 -3.17
N ILE D 159 -13.39 -16.55 -4.25
CA ILE D 159 -12.86 -17.88 -4.38
C ILE D 159 -11.74 -18.14 -3.41
N GLU D 160 -10.80 -17.20 -3.31
CA GLU D 160 -9.72 -17.34 -2.35
C GLU D 160 -10.23 -17.45 -0.93
N SER D 161 -11.25 -16.69 -0.54
CA SER D 161 -11.68 -16.80 0.85
C SER D 161 -12.47 -18.08 1.13
N VAL D 162 -13.13 -18.63 0.12
CA VAL D 162 -13.77 -19.93 0.29
C VAL D 162 -12.69 -20.91 0.63
N ALA D 163 -11.61 -20.88 -0.14
CA ALA D 163 -10.51 -21.80 0.12
C ALA D 163 -9.90 -21.54 1.49
N PHE D 164 -9.80 -20.28 1.93
CA PHE D 164 -8.97 -19.96 3.08
C PHE D 164 -9.75 -20.06 4.40
N SER D 165 -11.06 -19.87 4.32
CA SER D 165 -11.99 -20.29 5.36
C SER D 165 -11.70 -21.64 6.02
N GLN D 166 -11.08 -22.58 5.27
CA GLN D 166 -10.69 -23.93 5.79
C GLN D 166 -9.38 -23.96 6.59
N LEU D 167 -8.64 -22.85 6.64
CA LEU D 167 -7.31 -22.94 7.20
C LEU D 167 -7.30 -22.27 8.54
N PRO D 168 -7.00 -23.03 9.62
CA PRO D 168 -6.86 -22.51 10.97
C PRO D 168 -5.82 -21.40 11.16
N ASN D 169 -4.70 -21.47 10.46
CA ASN D 169 -3.70 -20.40 10.61
C ASN D 169 -4.06 -19.16 9.84
N PHE D 170 -5.18 -19.23 9.12
CA PHE D 170 -5.67 -18.09 8.40
C PHE D 170 -6.70 -17.31 9.18
N SER D 171 -6.34 -16.08 9.44
CA SER D 171 -7.13 -15.20 10.22
C SER D 171 -7.42 -15.91 11.54
N ASN D 172 -6.34 -16.27 12.20
CA ASN D 172 -6.37 -17.17 13.35
C ASN D 172 -7.11 -16.62 14.57
N ILE D 173 -7.45 -15.33 14.58
CA ILE D 173 -8.20 -14.79 15.75
C ILE D 173 -9.70 -15.13 15.70
N ASP D 174 -10.21 -15.46 14.50
CA ASP D 174 -11.59 -15.98 14.38
C ASP D 174 -11.74 -17.24 15.26
N ILE D 175 -10.77 -18.16 15.15
CA ILE D 175 -10.74 -19.40 15.96
C ILE D 175 -10.72 -19.09 17.47
N ASP D 176 -9.62 -18.52 17.95
CA ASP D 176 -9.53 -18.03 19.34
C ASP D 176 -10.80 -17.30 19.81
N ILE D 177 -11.71 -16.86 18.94
CA ILE D 177 -13.04 -16.35 19.42
C ILE D 177 -14.29 -17.23 19.22
N GLY D 178 -14.15 -18.47 18.72
CA GLY D 178 -15.33 -19.36 18.64
C GLY D 178 -15.92 -19.61 17.26
N LEU D 179 -15.27 -19.07 16.23
CA LEU D 179 -15.58 -19.41 14.85
C LEU D 179 -14.59 -20.46 14.39
N LYS D 180 -15.09 -21.64 14.04
CA LYS D 180 -14.23 -22.73 13.58
C LYS D 180 -14.04 -22.62 12.06
N PRO D 181 -12.98 -23.27 11.54
CA PRO D 181 -12.89 -23.32 10.11
C PRO D 181 -14.17 -23.88 9.50
N HIS D 182 -14.35 -23.62 8.21
CA HIS D 182 -15.53 -24.08 7.51
C HIS D 182 -15.17 -24.44 6.09
N SER D 183 -15.69 -25.59 5.66
CA SER D 183 -15.62 -26.02 4.29
C SER D 183 -16.96 -25.88 3.60
N VAL D 184 -17.03 -24.95 2.64
CA VAL D 184 -18.12 -24.82 1.65
C VAL D 184 -18.14 -26.06 0.72
N SER D 185 -19.33 -26.42 0.22
CA SER D 185 -19.45 -27.61 -0.63
C SER D 185 -19.23 -27.32 -2.11
N PHE D 186 -19.81 -26.23 -2.56
CA PHE D 186 -19.54 -25.79 -3.92
C PHE D 186 -19.41 -24.25 -4.03
N ILE D 187 -18.75 -23.83 -5.10
CA ILE D 187 -18.76 -22.47 -5.55
C ILE D 187 -19.46 -22.51 -6.89
N ALA D 188 -20.37 -21.57 -7.15
CA ALA D 188 -20.83 -21.34 -8.54
C ALA D 188 -20.60 -19.88 -9.00
N LEU D 189 -19.97 -19.72 -10.15
CA LEU D 189 -19.66 -18.36 -10.66
C LEU D 189 -20.75 -17.91 -11.64
N TYR D 190 -21.30 -16.75 -11.40
CA TYR D 190 -22.24 -16.19 -12.33
C TYR D 190 -21.61 -15.02 -13.06
N TYR D 191 -22.36 -14.42 -13.98
CA TYR D 191 -21.76 -13.48 -14.94
C TYR D 191 -20.58 -14.18 -15.59
N THR D 192 -20.81 -15.31 -16.26
CA THR D 192 -19.70 -16.08 -16.79
C THR D 192 -19.92 -16.30 -18.26
N HIS D 193 -18.84 -16.37 -19.05
CA HIS D 193 -19.01 -16.63 -20.45
C HIS D 193 -18.83 -18.12 -20.76
N LYS D 194 -18.40 -18.89 -19.75
CA LYS D 194 -18.20 -20.34 -19.87
C LYS D 194 -19.05 -21.17 -18.89
N PRO D 195 -20.38 -20.94 -18.88
CA PRO D 195 -21.19 -21.71 -17.92
C PRO D 195 -21.19 -23.20 -18.23
N ASN D 196 -21.53 -24.03 -17.24
CA ASN D 196 -21.66 -25.46 -17.50
C ASN D 196 -22.80 -26.03 -16.69
N TYR D 197 -23.63 -25.11 -16.18
CA TYR D 197 -24.91 -25.47 -15.62
C TYR D 197 -25.82 -24.27 -15.77
N ILE D 198 -27.02 -24.48 -16.34
CA ILE D 198 -27.98 -23.42 -16.57
C ILE D 198 -29.29 -23.67 -15.82
N VAL D 199 -29.87 -22.60 -15.29
CA VAL D 199 -31.12 -22.69 -14.62
C VAL D 199 -32.17 -22.00 -15.48
N ASP D 200 -33.26 -22.74 -15.75
CA ASP D 200 -34.41 -22.19 -16.47
C ASP D 200 -35.11 -21.14 -15.62
N ILE D 201 -35.20 -19.91 -16.09
CA ILE D 201 -35.95 -18.92 -15.33
C ILE D 201 -37.05 -18.28 -16.15
N THR D 202 -37.52 -18.99 -17.17
CA THR D 202 -38.53 -18.45 -18.08
C THR D 202 -39.76 -17.86 -17.35
N ASP D 203 -40.30 -18.61 -16.40
CA ASP D 203 -41.47 -18.19 -15.61
C ASP D 203 -41.28 -16.98 -14.70
N LEU D 204 -40.03 -16.73 -14.33
CA LEU D 204 -39.73 -15.72 -13.33
C LEU D 204 -39.18 -14.43 -13.89
N MET D 205 -38.99 -14.39 -15.21
CA MET D 205 -38.33 -13.26 -15.83
C MET D 205 -38.92 -11.92 -15.42
N GLU D 206 -40.24 -11.81 -15.43
CA GLU D 206 -40.84 -10.55 -15.04
C GLU D 206 -40.50 -10.27 -13.58
N LEU D 207 -40.18 -11.32 -12.83
CA LEU D 207 -39.84 -11.18 -11.41
C LEU D 207 -38.41 -10.61 -11.25
N LYS D 208 -37.45 -11.26 -11.87
CA LYS D 208 -36.08 -10.76 -11.92
C LYS D 208 -36.10 -9.30 -12.35
N LEU D 209 -36.79 -9.01 -13.44
CA LEU D 209 -36.82 -7.65 -13.97
C LEU D 209 -37.32 -6.69 -12.94
N LYS D 210 -38.43 -7.03 -12.28
CA LYS D 210 -39.04 -6.09 -11.33
C LYS D 210 -38.06 -5.83 -10.18
N ALA D 211 -37.40 -6.90 -9.73
CA ALA D 211 -36.42 -6.80 -8.64
C ALA D 211 -35.20 -5.95 -9.12
N ILE D 212 -34.85 -6.08 -10.40
CA ILE D 212 -33.77 -5.28 -10.90
C ILE D 212 -34.24 -3.86 -10.91
N ARG D 213 -35.46 -3.69 -11.42
CA ARG D 213 -36.03 -2.37 -11.54
C ARG D 213 -36.18 -1.67 -10.20
N ALA D 214 -36.34 -2.43 -9.11
CA ALA D 214 -36.38 -1.85 -7.75
C ALA D 214 -35.18 -0.93 -7.41
N HIS D 215 -34.03 -1.19 -7.99
CA HIS D 215 -32.89 -0.25 -7.90
C HIS D 215 -33.15 0.95 -8.83
N ARG D 216 -34.14 1.76 -8.45
CA ARG D 216 -34.56 2.90 -9.24
C ARG D 216 -33.38 3.77 -9.69
N SER D 217 -32.51 4.12 -8.73
CA SER D 217 -31.39 5.07 -8.96
C SER D 217 -30.54 4.64 -10.13
N GLN D 218 -30.47 3.35 -10.36
CA GLN D 218 -29.65 2.78 -11.44
C GLN D 218 -30.40 2.67 -12.77
N PHE D 219 -31.72 2.46 -12.68
CA PHE D 219 -32.53 2.19 -13.87
C PHE D 219 -33.63 3.20 -14.03
N THR D 220 -33.31 4.37 -14.58
CA THR D 220 -34.36 5.32 -14.89
C THR D 220 -35.04 4.82 -16.18
N ASP D 221 -36.19 5.41 -16.52
CA ASP D 221 -36.90 5.06 -17.77
C ASP D 221 -36.00 5.15 -19.00
N ASP D 222 -35.26 6.24 -19.13
CA ASP D 222 -34.37 6.40 -20.28
C ASP D 222 -33.23 5.37 -20.32
N ILE D 223 -32.73 4.95 -19.15
CA ILE D 223 -31.72 3.86 -19.09
C ILE D 223 -32.40 2.48 -19.32
N TRP D 224 -33.63 2.34 -18.82
CA TRP D 224 -34.36 1.07 -18.98
C TRP D 224 -34.56 0.66 -20.45
N GLU D 225 -34.65 1.66 -21.34
CA GLU D 225 -34.75 1.44 -22.79
C GLU D 225 -33.56 0.72 -23.41
N THR D 226 -32.40 0.86 -22.76
CA THR D 226 -31.19 0.17 -23.15
C THR D 226 -31.04 -1.14 -22.35
N TRP D 227 -31.16 -1.05 -21.03
CA TRP D 227 -30.92 -2.21 -20.17
C TRP D 227 -31.95 -3.34 -20.25
N GLU D 228 -33.25 -3.04 -20.36
CA GLU D 228 -34.25 -4.12 -20.58
C GLU D 228 -33.87 -5.02 -21.74
N PRO D 229 -33.46 -4.46 -22.89
CA PRO D 229 -33.10 -5.30 -24.02
C PRO D 229 -31.80 -6.01 -23.76
N PHE D 230 -30.83 -5.30 -23.17
CA PHE D 230 -29.56 -5.94 -22.72
C PHE D 230 -29.91 -7.10 -21.80
N LEU D 231 -30.68 -6.81 -20.76
CA LEU D 231 -31.02 -7.85 -19.78
C LEU D 231 -31.61 -9.07 -20.48
N ARG D 232 -32.62 -8.85 -21.34
CA ARG D 232 -33.32 -9.92 -22.05
C ARG D 232 -32.38 -10.67 -22.96
N THR D 233 -31.44 -9.94 -23.57
CA THR D 233 -30.51 -10.56 -24.48
C THR D 233 -29.60 -11.53 -23.71
N VAL D 234 -29.13 -11.11 -22.53
CA VAL D 234 -28.27 -11.98 -21.71
C VAL D 234 -28.98 -13.28 -21.35
N THR D 235 -30.21 -13.19 -20.82
CA THR D 235 -30.91 -14.41 -20.41
C THR D 235 -31.22 -15.30 -21.61
N MET D 236 -31.48 -14.69 -22.76
CA MET D 236 -31.59 -15.49 -24.01
C MET D 236 -30.30 -16.27 -24.32
N PHE D 237 -29.15 -15.58 -24.22
CA PHE D 237 -27.83 -16.19 -24.42
C PHE D 237 -27.70 -17.41 -23.52
N TYR D 238 -28.31 -17.35 -22.34
CA TYR D 238 -28.16 -18.49 -21.43
C TYR D 238 -29.16 -19.61 -21.75
N GLY D 239 -30.40 -19.21 -22.08
CA GLY D 239 -31.47 -20.16 -22.50
C GLY D 239 -31.08 -21.14 -23.61
N GLU D 240 -30.85 -20.58 -24.80
CA GLU D 240 -30.53 -21.36 -26.02
C GLU D 240 -29.65 -22.58 -25.74
N LYS D 241 -28.77 -22.44 -24.75
CA LYS D 241 -27.86 -23.50 -24.41
C LYS D 241 -28.57 -24.74 -23.86
N ILE D 242 -29.77 -24.57 -23.30
CA ILE D 242 -30.55 -25.73 -22.82
C ILE D 242 -31.98 -25.78 -23.35
N GLY D 243 -32.23 -25.06 -24.44
CA GLY D 243 -33.49 -25.17 -25.16
C GLY D 243 -34.62 -24.24 -24.77
N VAL D 244 -34.53 -23.60 -23.60
CA VAL D 244 -35.61 -22.72 -23.10
C VAL D 244 -35.41 -21.25 -23.51
N ARG D 245 -36.37 -20.38 -23.17
CA ARG D 245 -36.35 -19.00 -23.67
C ARG D 245 -35.39 -18.05 -22.92
N TYR D 246 -35.41 -18.19 -21.60
CA TYR D 246 -34.63 -17.36 -20.73
C TYR D 246 -33.93 -18.26 -19.73
N GLY D 247 -32.62 -18.12 -19.58
CA GLY D 247 -31.94 -18.80 -18.47
C GLY D 247 -30.87 -17.96 -17.76
N GLU D 248 -30.35 -18.51 -16.65
CA GLU D 248 -29.25 -17.92 -15.93
C GLU D 248 -28.11 -18.90 -15.88
N GLY D 249 -26.90 -18.48 -16.27
CA GLY D 249 -25.74 -19.38 -16.31
C GLY D 249 -24.88 -19.38 -15.05
N PHE D 250 -24.22 -20.49 -14.78
CA PHE D 250 -23.27 -20.61 -13.70
C PHE D 250 -22.17 -21.58 -14.12
N ARG D 251 -20.96 -21.34 -13.64
CA ARG D 251 -19.91 -22.29 -13.84
C ARG D 251 -19.58 -22.84 -12.47
N VAL D 252 -19.35 -24.15 -12.45
CA VAL D 252 -19.12 -24.89 -11.24
C VAL D 252 -18.03 -25.87 -11.59
N MET D 253 -16.97 -25.97 -10.78
CA MET D 253 -15.92 -26.96 -11.09
C MET D 253 -15.58 -27.79 -9.83
N PRO D 254 -14.85 -28.90 -9.98
CA PRO D 254 -14.35 -29.47 -8.74
C PRO D 254 -13.34 -28.53 -8.15
N GLY D 255 -13.48 -28.30 -6.84
CA GLY D 255 -12.49 -27.54 -6.03
C GLY D 255 -11.11 -27.61 -6.62
N LEU D 256 -10.68 -28.83 -6.91
CA LEU D 256 -9.33 -29.05 -7.41
C LEU D 256 -8.96 -28.26 -8.68
N PHE D 257 -9.96 -27.88 -9.49
CA PHE D 257 -9.74 -27.28 -10.83
C PHE D 257 -9.26 -25.81 -10.80
N TYR D 258 -9.49 -25.18 -9.65
CA TYR D 258 -9.10 -23.81 -9.34
C TYR D 258 -7.60 -23.67 -9.12
N HIS D 259 -6.86 -24.79 -9.26
CA HIS D 259 -5.43 -24.77 -8.96
C HIS D 259 -4.64 -25.71 -9.86
N ILE D 260 -3.59 -25.17 -10.48
CA ILE D 260 -2.66 -25.96 -11.33
C ILE D 260 -3.28 -27.02 -12.27
N THR D 261 -4.51 -26.79 -12.75
CA THR D 261 -5.17 -27.79 -13.55
C THR D 261 -5.11 -27.41 -15.05
N PRO D 262 -4.15 -27.95 -15.82
CA PRO D 262 -3.95 -27.47 -17.20
C PRO D 262 -5.09 -27.88 -18.13
N PHE D 263 -6.03 -28.68 -17.63
CA PHE D 263 -7.14 -29.21 -18.44
C PHE D 263 -8.47 -28.80 -17.85
N ALA D 264 -8.45 -27.78 -17.00
CA ALA D 264 -9.67 -27.23 -16.38
C ALA D 264 -10.70 -26.64 -17.37
N ASP D 265 -10.23 -26.22 -18.56
CA ASP D 265 -11.13 -25.69 -19.60
C ASP D 265 -12.06 -26.74 -20.21
N LEU D 266 -11.69 -28.02 -20.07
CA LEU D 266 -12.49 -29.14 -20.60
C LEU D 266 -13.84 -29.46 -19.89
N ILE D 267 -14.28 -28.62 -18.96
CA ILE D 267 -15.66 -28.69 -18.47
C ILE D 267 -16.33 -27.30 -18.64
N MET E 1 14.79 -4.54 -44.40
CA MET E 1 14.61 -6.00 -44.18
C MET E 1 13.14 -6.34 -44.22
N PHE E 2 12.78 -7.50 -44.80
CA PHE E 2 11.39 -7.97 -44.81
C PHE E 2 10.48 -7.11 -45.69
N GLU E 3 11.08 -6.32 -46.56
CA GLU E 3 10.32 -5.53 -47.51
C GLU E 3 9.90 -6.39 -48.69
N ASN E 4 10.55 -7.54 -48.87
CA ASN E 4 10.32 -8.36 -50.09
C ASN E 4 9.38 -9.58 -49.93
N VAL E 5 8.81 -9.75 -48.74
CA VAL E 5 8.00 -10.95 -48.44
C VAL E 5 6.50 -10.70 -48.68
N SER E 6 5.82 -11.66 -49.31
CA SER E 6 4.46 -11.43 -49.79
C SER E 6 3.43 -11.53 -48.69
N THR E 7 3.62 -12.50 -47.79
CA THR E 7 2.62 -12.88 -46.79
C THR E 7 3.09 -12.78 -45.32
N PHE E 8 2.11 -12.56 -44.41
CA PHE E 8 2.34 -12.60 -42.95
C PHE E 8 2.92 -13.93 -42.51
N GLU E 9 2.37 -15.03 -43.04
CA GLU E 9 2.86 -16.35 -42.69
C GLU E 9 4.38 -16.45 -42.95
N GLU E 10 4.82 -15.97 -44.10
CA GLU E 10 6.25 -16.02 -44.47
C GLU E 10 7.09 -15.06 -43.62
N ALA E 11 6.48 -13.91 -43.25
CA ALA E 11 7.13 -12.96 -42.34
C ALA E 11 7.30 -13.59 -40.95
N PHE E 12 6.24 -14.25 -40.50
CA PHE E 12 6.23 -15.01 -39.26
C PHE E 12 7.36 -16.04 -39.27
N ASN E 13 7.36 -16.91 -40.28
CA ASN E 13 8.39 -17.95 -40.37
C ASN E 13 9.78 -17.36 -40.50
N LYS E 14 9.91 -16.31 -41.29
CA LYS E 14 11.20 -15.64 -41.46
C LYS E 14 11.70 -15.10 -40.12
N LEU E 15 10.79 -14.46 -39.37
CA LEU E 15 11.10 -13.87 -38.07
C LEU E 15 11.65 -14.88 -37.09
N LEU E 16 10.97 -16.00 -36.97
CA LEU E 16 11.38 -17.04 -36.01
C LEU E 16 12.66 -17.80 -36.43
N LYS E 17 12.85 -17.99 -37.73
CA LYS E 17 13.95 -18.83 -38.22
C LYS E 17 15.22 -18.02 -38.43
N GLU E 18 15.12 -16.93 -39.18
CA GLU E 18 16.26 -16.11 -39.55
C GLU E 18 16.58 -15.04 -38.50
N VAL E 19 15.60 -14.25 -38.08
CA VAL E 19 15.89 -13.10 -37.21
C VAL E 19 16.04 -13.49 -35.75
N LEU E 20 15.15 -14.35 -35.26
CA LEU E 20 15.16 -14.72 -33.84
C LEU E 20 16.04 -15.92 -33.51
N GLU E 21 16.13 -16.88 -34.45
CA GLU E 21 16.86 -18.16 -34.29
C GLU E 21 16.21 -19.07 -33.22
N PHE E 22 14.88 -19.18 -33.28
CA PHE E 22 14.10 -19.88 -32.25
C PHE E 22 13.52 -21.19 -32.74
N ASN E 23 13.88 -22.28 -32.06
CA ASN E 23 13.26 -23.59 -32.26
C ASN E 23 12.87 -24.26 -30.93
N LEU E 24 12.09 -25.33 -31.04
CA LEU E 24 11.66 -26.11 -29.88
C LEU E 24 12.29 -27.49 -29.93
N GLU E 25 13.52 -27.55 -30.42
CA GLU E 25 14.17 -28.82 -30.70
C GLU E 25 14.84 -29.43 -29.47
N ASN E 26 15.78 -28.69 -28.86
CA ASN E 26 16.24 -29.01 -27.51
C ASN E 26 16.52 -27.72 -26.76
N PRO E 27 15.46 -26.96 -26.45
CA PRO E 27 15.60 -25.61 -25.93
C PRO E 27 16.57 -25.48 -24.77
N PHE E 28 16.76 -26.54 -23.98
CA PHE E 28 17.62 -26.49 -22.79
C PHE E 28 19.06 -26.96 -22.93
N GLU E 29 19.54 -27.22 -24.15
CA GLU E 29 20.79 -28.00 -24.28
C GLU E 29 22.02 -27.31 -23.66
N ASP E 30 22.15 -26.01 -23.92
CA ASP E 30 23.36 -25.29 -23.54
C ASP E 30 23.37 -24.85 -22.09
N ALA E 31 22.54 -25.50 -21.27
CA ALA E 31 22.29 -25.02 -19.92
C ALA E 31 23.28 -25.60 -18.95
N LYS E 32 24.03 -24.72 -18.30
CA LYS E 32 24.98 -25.15 -17.27
C LYS E 32 24.53 -24.77 -15.85
N LYS E 33 23.58 -23.80 -15.78
CA LYS E 33 22.94 -23.41 -14.53
C LYS E 33 21.47 -22.97 -14.69
N VAL E 34 20.57 -23.57 -13.94
CA VAL E 34 19.22 -23.07 -13.94
C VAL E 34 18.60 -22.79 -12.56
N ILE E 35 17.77 -21.75 -12.53
CA ILE E 35 16.97 -21.44 -11.36
C ILE E 35 15.53 -21.79 -11.64
N CYS E 36 14.89 -22.55 -10.73
CA CYS E 36 13.51 -22.94 -10.81
C CYS E 36 12.66 -22.27 -9.68
N ILE E 37 11.80 -21.32 -10.05
CA ILE E 37 11.03 -20.59 -9.07
C ILE E 37 9.72 -21.30 -8.71
N GLU E 38 9.47 -21.44 -7.42
CA GLU E 38 8.21 -22.01 -6.99
C GLU E 38 7.53 -21.10 -5.99
N PRO E 39 6.20 -21.03 -6.07
CA PRO E 39 5.53 -20.19 -5.08
C PRO E 39 5.63 -20.75 -3.67
N HIS E 40 5.42 -22.05 -3.53
CA HIS E 40 5.40 -22.75 -2.24
C HIS E 40 6.33 -23.97 -2.21
N PRO E 41 6.75 -24.43 -1.01
CA PRO E 41 7.54 -25.65 -0.81
C PRO E 41 6.75 -26.77 -1.37
N ASP E 42 7.24 -27.39 -2.46
CA ASP E 42 6.56 -28.53 -3.17
C ASP E 42 6.16 -28.26 -4.62
N ASP E 43 6.36 -27.04 -5.13
CA ASP E 43 5.85 -26.72 -6.47
C ASP E 43 6.84 -27.06 -7.58
N CYS E 44 8.13 -27.00 -7.30
CA CYS E 44 9.05 -27.38 -8.36
C CYS E 44 8.85 -28.87 -8.65
N ALA E 45 8.70 -29.63 -7.59
CA ALA E 45 8.64 -31.07 -7.67
C ALA E 45 7.35 -31.52 -8.36
N ILE E 46 6.19 -30.99 -7.91
CA ILE E 46 4.87 -31.32 -8.48
C ILE E 46 4.70 -30.95 -9.96
N GLY E 47 5.28 -29.83 -10.38
CA GLY E 47 5.04 -29.36 -11.75
C GLY E 47 6.20 -29.70 -12.67
N MET E 48 7.37 -29.88 -12.06
CA MET E 48 8.55 -29.98 -12.88
C MET E 48 9.61 -31.02 -12.42
N GLY E 49 9.28 -31.83 -11.42
CA GLY E 49 10.32 -32.62 -10.73
C GLY E 49 11.07 -33.58 -11.66
N GLY E 50 10.31 -34.28 -12.48
CA GLY E 50 10.87 -35.14 -13.52
C GLY E 50 11.92 -34.46 -14.38
N THR E 51 11.65 -33.23 -14.76
CA THR E 51 12.55 -32.53 -15.64
C THR E 51 13.76 -32.08 -14.86
N ILE E 52 13.58 -31.90 -13.55
CA ILE E 52 14.68 -31.41 -12.70
C ILE E 52 15.73 -32.51 -12.53
N LYS E 53 15.26 -33.74 -12.26
CA LYS E 53 16.09 -34.93 -12.31
C LYS E 53 16.92 -35.02 -13.63
N LYS E 54 16.22 -35.01 -14.77
CA LYS E 54 16.89 -35.02 -16.07
C LYS E 54 17.97 -33.95 -16.22
N LEU E 55 17.73 -32.74 -15.75
CA LEU E 55 18.73 -31.68 -15.98
C LEU E 55 19.90 -31.84 -15.02
N SER E 56 19.62 -32.54 -13.93
CA SER E 56 20.57 -32.74 -12.87
C SER E 56 21.52 -33.86 -13.30
N ASP E 57 20.94 -34.93 -13.81
CA ASP E 57 21.69 -36.03 -14.45
C ASP E 57 22.77 -35.55 -15.43
N GLU E 58 22.46 -34.52 -16.23
CA GLU E 58 23.42 -33.93 -17.16
C GLU E 58 24.45 -33.06 -16.47
N GLY E 59 24.39 -32.97 -15.14
CA GLY E 59 25.27 -32.01 -14.42
C GLY E 59 24.95 -30.52 -14.59
N VAL E 60 23.71 -30.21 -15.01
CA VAL E 60 23.25 -28.81 -15.05
C VAL E 60 22.97 -28.45 -13.59
N GLU E 61 23.62 -27.41 -13.06
CA GLU E 61 23.31 -26.99 -11.67
C GLU E 61 21.86 -26.47 -11.56
N VAL E 62 21.08 -27.08 -10.67
CA VAL E 62 19.70 -26.61 -10.41
C VAL E 62 19.57 -25.92 -9.06
N ILE E 63 19.40 -24.59 -9.10
CA ILE E 63 19.11 -23.73 -7.93
C ILE E 63 17.57 -23.42 -7.80
N TYR E 64 16.97 -23.67 -6.65
CA TYR E 64 15.57 -23.24 -6.39
C TYR E 64 15.49 -21.83 -5.77
N ILE E 65 14.44 -21.07 -6.13
CA ILE E 65 14.00 -19.93 -5.31
C ILE E 65 12.60 -20.31 -4.96
N CYS E 66 12.30 -20.29 -3.66
CA CYS E 66 10.97 -20.54 -3.13
C CYS E 66 10.39 -19.21 -2.52
N MET E 67 9.23 -18.77 -3.06
CA MET E 67 8.68 -17.45 -2.76
C MET E 67 8.14 -17.34 -1.36
N THR E 68 7.38 -18.33 -0.91
CA THR E 68 6.73 -18.26 0.42
C THR E 68 7.16 -19.40 1.35
N ASP E 69 6.60 -19.42 2.56
CA ASP E 69 7.00 -20.37 3.59
C ASP E 69 6.03 -21.49 3.87
N GLY E 70 4.89 -21.53 3.16
CA GLY E 70 3.99 -22.66 3.35
C GLY E 70 3.19 -22.64 4.64
N TYR E 71 3.47 -21.62 5.45
CA TYR E 71 2.84 -21.34 6.74
C TYR E 71 1.36 -21.68 6.80
N MET E 72 0.62 -21.54 5.70
CA MET E 72 -0.83 -21.80 5.74
C MET E 72 -1.29 -23.22 5.42
N GLY E 73 -0.46 -24.07 4.83
CA GLY E 73 -1.00 -25.33 4.31
C GLY E 73 -1.23 -26.49 5.28
N THR E 74 -2.18 -26.36 6.18
CA THR E 74 -2.56 -27.44 7.07
C THR E 74 -3.97 -27.15 7.51
N THR E 75 -4.74 -28.21 7.82
CA THR E 75 -6.12 -28.07 8.35
C THR E 75 -6.23 -28.42 9.84
N ASP E 76 -5.05 -28.69 10.41
CA ASP E 76 -4.86 -29.20 11.78
C ASP E 76 -4.82 -28.04 12.78
N GLU E 77 -5.90 -27.84 13.54
CA GLU E 77 -6.02 -26.66 14.39
C GLU E 77 -4.98 -26.58 15.51
N LYS E 78 -4.13 -27.60 15.64
CA LYS E 78 -3.03 -27.58 16.65
C LYS E 78 -1.64 -27.49 15.99
N LEU E 79 -1.60 -27.39 14.67
CA LEU E 79 -0.36 -27.04 14.02
C LEU E 79 -0.34 -25.50 13.86
N SER E 80 0.71 -24.84 14.36
CA SER E 80 0.89 -23.41 14.15
C SER E 80 1.70 -23.24 12.88
N GLY E 81 1.47 -22.16 12.13
CA GLY E 81 2.16 -21.92 10.86
C GLY E 81 3.65 -21.88 10.98
N HIS E 82 4.15 -21.39 12.10
CA HIS E 82 5.59 -21.36 12.36
C HIS E 82 6.18 -22.77 12.32
N GLU E 83 5.50 -23.70 13.00
CA GLU E 83 5.92 -25.10 13.06
C GLU E 83 5.84 -25.67 11.67
N LEU E 84 4.68 -25.44 11.02
CA LEU E 84 4.50 -25.88 9.62
C LEU E 84 5.61 -25.44 8.69
N ALA E 85 6.13 -24.23 8.85
CA ALA E 85 7.09 -23.70 7.88
C ALA E 85 8.42 -24.36 8.11
N LEU E 86 8.72 -24.57 9.40
CA LEU E 86 9.94 -25.26 9.82
C LEU E 86 10.04 -26.63 9.14
N ILE E 87 8.95 -27.35 9.28
CA ILE E 87 8.75 -28.68 8.76
C ILE E 87 8.94 -28.73 7.23
N ARG E 88 8.17 -27.89 6.52
CA ARG E 88 8.12 -27.86 5.08
C ARG E 88 9.44 -27.45 4.57
N ARG E 89 10.23 -26.73 5.37
CA ARG E 89 11.60 -26.50 4.93
C ARG E 89 12.42 -27.81 4.91
N ARG E 90 12.20 -28.69 5.89
CA ARG E 90 12.96 -29.92 5.96
C ARG E 90 12.47 -30.82 4.82
N GLU E 91 11.15 -31.03 4.76
CA GLU E 91 10.51 -31.78 3.66
C GLU E 91 10.96 -31.42 2.25
N GLU E 92 11.20 -30.12 2.02
CA GLU E 92 11.64 -29.63 0.73
C GLU E 92 13.10 -30.01 0.53
N GLU E 93 13.87 -29.96 1.61
CA GLU E 93 15.29 -30.34 1.57
C GLU E 93 15.47 -31.81 1.18
N GLU E 94 14.62 -32.68 1.73
CA GLU E 94 14.59 -34.09 1.29
C GLU E 94 14.26 -34.17 -0.21
N SER E 95 13.04 -33.78 -0.60
CA SER E 95 12.64 -33.71 -2.01
C SER E 95 13.75 -33.19 -2.93
N ALA E 96 14.29 -32.03 -2.58
CA ALA E 96 15.35 -31.43 -3.36
C ALA E 96 16.54 -32.39 -3.52
N LYS E 97 16.81 -33.17 -2.48
CA LYS E 97 17.98 -34.07 -2.44
C LYS E 97 17.85 -35.16 -3.49
N LEU E 98 16.67 -35.80 -3.51
CA LEU E 98 16.33 -36.81 -4.50
C LEU E 98 16.51 -36.36 -5.96
N LEU E 99 16.55 -35.06 -6.19
CA LEU E 99 16.48 -34.54 -7.54
C LEU E 99 17.78 -33.91 -7.97
N GLY E 100 18.77 -33.94 -7.07
CA GLY E 100 20.09 -33.33 -7.34
C GLY E 100 20.04 -31.82 -7.18
N VAL E 101 19.14 -31.36 -6.33
CA VAL E 101 19.03 -29.93 -6.07
C VAL E 101 19.81 -29.63 -4.79
N ARG E 102 20.83 -28.78 -4.90
CA ARG E 102 21.62 -28.47 -3.71
C ARG E 102 21.81 -26.96 -3.37
N LYS E 103 20.85 -26.14 -3.76
CA LYS E 103 20.78 -24.74 -3.35
C LYS E 103 19.33 -24.24 -3.36
N ILE E 104 18.86 -23.79 -2.19
CA ILE E 104 17.54 -23.19 -2.04
C ILE E 104 17.66 -21.82 -1.40
N TYR E 105 17.19 -20.83 -2.13
CA TYR E 105 16.99 -19.52 -1.60
C TYR E 105 15.57 -19.50 -1.16
N TRP E 106 15.36 -19.22 0.13
CA TRP E 106 13.99 -19.04 0.68
C TRP E 106 13.68 -17.53 0.81
N LEU E 107 12.61 -17.05 0.18
CA LEU E 107 12.31 -15.59 0.24
C LEU E 107 11.62 -15.26 1.53
N ASN E 108 10.91 -16.24 2.06
CA ASN E 108 10.22 -16.21 3.31
C ASN E 108 8.98 -15.27 3.33
N TYR E 109 8.33 -15.08 2.19
CA TYR E 109 7.12 -14.26 2.30
C TYR E 109 6.12 -15.19 2.88
N ARG E 110 5.16 -14.68 3.62
CA ARG E 110 4.25 -15.59 4.24
C ARG E 110 3.24 -16.14 3.22
N ASP E 111 3.09 -17.46 3.21
CA ASP E 111 2.06 -18.16 2.45
C ASP E 111 0.69 -17.40 2.41
N THR E 112 0.21 -17.12 1.19
CA THR E 112 -0.99 -16.33 0.89
C THR E 112 -0.79 -14.83 1.03
N GLU E 113 0.44 -14.37 1.26
CA GLU E 113 0.70 -12.96 1.40
C GLU E 113 1.88 -12.61 0.54
N LEU E 114 2.11 -13.35 -0.53
CA LEU E 114 3.27 -13.01 -1.37
C LEU E 114 2.98 -11.66 -2.07
N PRO E 115 3.85 -10.67 -1.96
CA PRO E 115 3.39 -9.40 -2.52
C PRO E 115 3.59 -9.31 -3.99
N TYR E 116 2.85 -8.41 -4.64
CA TYR E 116 3.16 -8.10 -6.03
C TYR E 116 3.78 -6.71 -6.04
N SER E 117 5.11 -6.58 -6.07
CA SER E 117 5.68 -5.22 -5.98
C SER E 117 7.08 -5.32 -6.44
N ARG E 118 7.64 -4.14 -6.69
CA ARG E 118 9.03 -3.92 -6.96
C ARG E 118 9.98 -4.57 -5.94
N GLU E 119 9.66 -4.46 -4.67
CA GLU E 119 10.44 -5.09 -3.62
C GLU E 119 10.79 -6.58 -3.90
N VAL E 120 9.81 -7.39 -4.30
CA VAL E 120 9.99 -8.82 -4.43
C VAL E 120 10.71 -9.03 -5.74
N ARG E 121 10.54 -8.09 -6.66
CA ARG E 121 11.26 -8.07 -7.89
C ARG E 121 12.74 -7.95 -7.61
N LYS E 122 13.14 -7.05 -6.70
CA LYS E 122 14.56 -6.86 -6.34
C LYS E 122 15.19 -8.11 -5.72
N ASP E 123 14.41 -8.86 -4.94
CA ASP E 123 14.82 -10.15 -4.44
C ASP E 123 15.20 -11.11 -5.58
N LEU E 124 14.33 -11.24 -6.54
CA LEU E 124 14.62 -12.12 -7.66
C LEU E 124 15.73 -11.61 -8.53
N VAL E 125 15.79 -10.30 -8.73
CA VAL E 125 16.81 -9.72 -9.55
C VAL E 125 18.21 -9.88 -8.87
N LYS E 126 18.27 -9.63 -7.57
CA LYS E 126 19.49 -9.85 -6.79
C LYS E 126 20.00 -11.28 -7.01
N ILE E 127 19.13 -12.28 -6.91
CA ILE E 127 19.50 -13.68 -7.03
C ILE E 127 19.76 -14.13 -8.47
N ILE E 128 19.25 -13.39 -9.44
CA ILE E 128 19.54 -13.70 -10.84
C ILE E 128 20.88 -13.08 -11.17
N ARG E 129 21.15 -11.88 -10.66
CA ARG E 129 22.39 -11.22 -10.99
C ARG E 129 23.69 -11.87 -10.43
N LYS E 130 23.48 -12.82 -9.52
CA LYS E 130 24.56 -13.38 -8.74
C LYS E 130 24.85 -14.81 -9.17
N GLU E 131 23.80 -15.59 -9.46
CA GLU E 131 23.96 -16.94 -9.95
C GLU E 131 24.12 -16.94 -11.46
N LYS E 132 23.83 -15.81 -12.10
CA LYS E 132 23.88 -15.67 -13.56
C LYS E 132 23.34 -16.91 -14.30
N PRO E 133 22.08 -17.32 -14.04
CA PRO E 133 21.61 -18.56 -14.66
C PRO E 133 21.37 -18.43 -16.17
N ASP E 134 21.34 -19.58 -16.86
CA ASP E 134 21.05 -19.59 -18.29
C ASP E 134 19.55 -19.66 -18.51
N GLY E 135 18.91 -20.49 -17.69
CA GLY E 135 17.48 -20.66 -17.71
C GLY E 135 16.85 -20.31 -16.36
N VAL E 136 15.65 -19.73 -16.42
CA VAL E 136 14.80 -19.61 -15.27
C VAL E 136 13.49 -20.33 -15.60
N PHE E 137 12.96 -21.04 -14.61
CA PHE E 137 11.67 -21.69 -14.71
C PHE E 137 10.62 -21.09 -13.70
N ALA E 138 9.37 -20.91 -14.16
CA ALA E 138 8.35 -20.25 -13.32
C ALA E 138 6.95 -20.70 -13.69
N PRO E 139 5.99 -20.64 -12.76
CA PRO E 139 4.63 -21.03 -13.26
C PRO E 139 4.14 -20.15 -14.39
N ASP E 140 3.30 -20.67 -15.26
CA ASP E 140 2.57 -19.84 -16.21
C ASP E 140 1.53 -18.96 -15.47
N PRO E 141 1.69 -17.64 -15.48
CA PRO E 141 0.74 -16.84 -14.67
C PRO E 141 -0.60 -16.60 -15.37
N TRP E 142 -0.69 -16.97 -16.62
CA TRP E 142 -1.92 -16.96 -17.37
C TRP E 142 -2.65 -18.29 -17.37
N LEU E 143 -2.21 -19.28 -16.59
CA LEU E 143 -2.95 -20.53 -16.44
C LEU E 143 -4.46 -20.35 -16.10
N PRO E 144 -5.34 -20.80 -17.00
CA PRO E 144 -6.76 -20.58 -16.70
C PRO E 144 -7.30 -21.17 -15.36
N TYR E 145 -8.12 -20.35 -14.68
CA TYR E 145 -8.79 -20.70 -13.42
C TYR E 145 -7.84 -20.85 -12.26
N GLU E 146 -6.59 -20.45 -12.44
CA GLU E 146 -5.64 -20.41 -11.36
C GLU E 146 -6.02 -19.38 -10.30
N SER E 147 -6.43 -19.90 -9.15
CA SER E 147 -7.01 -19.12 -8.09
C SER E 147 -6.09 -18.83 -6.93
N HIS E 148 -4.85 -19.27 -7.00
CA HIS E 148 -3.96 -18.94 -5.93
C HIS E 148 -3.09 -17.68 -6.21
N PRO E 149 -3.38 -16.55 -5.51
CA PRO E 149 -2.62 -15.33 -5.76
C PRO E 149 -1.10 -15.55 -5.74
N ASP E 150 -0.57 -16.28 -4.77
CA ASP E 150 0.85 -16.61 -4.75
C ASP E 150 1.39 -17.21 -6.09
N HIS E 151 0.54 -17.96 -6.79
CA HIS E 151 0.94 -18.63 -8.02
C HIS E 151 0.97 -17.64 -9.18
N ARG E 152 -0.09 -16.85 -9.35
CA ARG E 152 -0.12 -15.80 -10.37
C ARG E 152 1.07 -14.83 -10.19
N ARG E 153 1.24 -14.37 -8.96
CA ARG E 153 2.24 -13.34 -8.71
C ARG E 153 3.66 -13.85 -9.01
N THR E 154 3.99 -15.06 -8.57
CA THR E 154 5.30 -15.57 -8.83
C THR E 154 5.53 -15.66 -10.34
N GLY E 155 4.54 -16.15 -11.08
CA GLY E 155 4.70 -16.28 -12.54
C GLY E 155 5.06 -14.90 -13.10
N PHE E 156 4.28 -13.86 -12.78
CA PHE E 156 4.52 -12.49 -13.30
C PHE E 156 5.82 -11.94 -12.78
N LEU E 157 6.06 -12.09 -11.48
CA LEU E 157 7.24 -11.43 -10.94
C LEU E 157 8.44 -12.13 -11.51
N ALA E 158 8.35 -13.46 -11.68
CA ALA E 158 9.45 -14.19 -12.34
C ALA E 158 9.75 -13.69 -13.75
N ILE E 159 8.74 -13.41 -14.57
CA ILE E 159 9.00 -13.02 -15.95
C ILE E 159 9.59 -11.64 -16.01
N GLU E 160 9.01 -10.73 -15.27
CA GLU E 160 9.46 -9.37 -15.17
C GLU E 160 10.89 -9.15 -14.71
N SER E 161 11.28 -9.96 -13.72
CA SER E 161 12.57 -9.87 -13.10
C SER E 161 13.68 -10.39 -14.02
N VAL E 162 13.39 -11.41 -14.81
CA VAL E 162 14.30 -11.85 -15.87
C VAL E 162 14.58 -10.65 -16.80
N ALA E 163 13.53 -9.98 -17.22
CA ALA E 163 13.74 -8.83 -18.06
C ALA E 163 14.48 -7.72 -17.30
N PHE E 164 14.18 -7.53 -16.02
CA PHE E 164 14.65 -6.31 -15.40
C PHE E 164 16.10 -6.55 -14.88
N SER E 165 16.48 -7.81 -14.72
CA SER E 165 17.86 -8.12 -14.40
C SER E 165 18.87 -7.48 -15.35
N GLN E 166 18.47 -7.27 -16.61
CA GLN E 166 19.36 -6.73 -17.64
C GLN E 166 19.54 -5.27 -17.55
N LEU E 167 18.75 -4.62 -16.68
CA LEU E 167 18.75 -3.17 -16.72
C LEU E 167 19.49 -2.67 -15.49
N PRO E 168 20.55 -1.88 -15.71
CA PRO E 168 21.40 -1.33 -14.69
C PRO E 168 20.74 -0.22 -13.85
N ASN E 169 19.75 0.47 -14.39
CA ASN E 169 19.04 1.46 -13.59
C ASN E 169 18.00 0.82 -12.71
N PHE E 170 17.73 -0.46 -12.94
CA PHE E 170 16.83 -1.15 -12.10
C PHE E 170 17.59 -1.80 -10.94
N SER E 171 17.19 -1.45 -9.73
CA SER E 171 17.77 -1.94 -8.48
C SER E 171 19.28 -1.65 -8.52
N ASN E 172 19.60 -0.36 -8.62
CA ASN E 172 20.90 0.13 -9.03
C ASN E 172 21.99 0.04 -7.98
N ILE E 173 21.64 -0.41 -6.79
CA ILE E 173 22.59 -0.67 -5.70
C ILE E 173 23.32 -2.02 -5.90
N ASP E 174 22.66 -2.99 -6.54
CA ASP E 174 23.28 -4.24 -6.98
C ASP E 174 24.55 -3.97 -7.80
N ILE E 175 24.39 -3.16 -8.85
CA ILE E 175 25.50 -2.66 -9.69
C ILE E 175 26.56 -2.14 -8.75
N ASP E 176 26.18 -1.10 -7.98
CA ASP E 176 27.05 -0.48 -6.98
C ASP E 176 27.83 -1.44 -6.04
N ILE E 177 27.36 -2.64 -5.79
CA ILE E 177 28.09 -3.55 -4.91
C ILE E 177 28.64 -4.73 -5.71
N GLY E 178 28.95 -4.47 -6.97
CA GLY E 178 29.55 -5.47 -7.84
C GLY E 178 28.71 -6.57 -8.48
N LEU E 179 27.40 -6.58 -8.26
CA LEU E 179 26.50 -7.49 -8.99
C LEU E 179 26.09 -6.77 -10.25
N LYS E 180 26.51 -7.28 -11.41
CA LYS E 180 26.25 -6.58 -12.69
C LYS E 180 24.98 -7.13 -13.36
N PRO E 181 24.49 -6.44 -14.42
CA PRO E 181 23.39 -7.00 -15.19
C PRO E 181 23.62 -8.45 -15.57
N HIS E 182 22.53 -9.17 -15.80
CA HIS E 182 22.60 -10.50 -16.34
C HIS E 182 21.47 -10.68 -17.34
N SER E 183 21.81 -11.29 -18.48
CA SER E 183 20.81 -11.77 -19.39
C SER E 183 20.63 -13.26 -19.25
N VAL E 184 19.40 -13.68 -18.94
CA VAL E 184 19.00 -15.08 -18.91
C VAL E 184 18.76 -15.53 -20.35
N SER E 185 19.02 -16.81 -20.60
CA SER E 185 18.87 -17.33 -21.95
C SER E 185 17.46 -17.74 -22.27
N PHE E 186 16.84 -18.47 -21.36
CA PHE E 186 15.45 -18.83 -21.62
C PHE E 186 14.59 -18.83 -20.37
N ILE E 187 13.28 -18.76 -20.63
CA ILE E 187 12.30 -18.79 -19.61
C ILE E 187 11.52 -19.94 -20.08
N ALA E 188 11.14 -20.80 -19.16
CA ALA E 188 10.26 -21.85 -19.51
C ALA E 188 9.22 -21.81 -18.45
N LEU E 189 7.97 -21.70 -18.86
CA LEU E 189 6.85 -21.71 -17.94
C LEU E 189 6.33 -23.13 -17.71
N TYR E 190 6.23 -23.53 -16.46
CA TYR E 190 5.56 -24.80 -16.18
C TYR E 190 4.16 -24.57 -15.58
N TYR E 191 3.50 -25.61 -15.08
CA TYR E 191 2.08 -25.51 -14.81
C TYR E 191 1.34 -24.80 -15.95
N THR E 192 1.61 -25.17 -17.20
CA THR E 192 1.03 -24.44 -18.32
C THR E 192 -0.06 -25.23 -19.05
N HIS E 193 -1.01 -24.50 -19.58
CA HIS E 193 -1.97 -25.17 -20.41
C HIS E 193 -1.70 -24.99 -21.90
N LYS E 194 -0.64 -24.26 -22.26
CA LYS E 194 -0.22 -24.14 -23.67
C LYS E 194 1.25 -24.52 -23.81
N PRO E 195 1.59 -25.75 -23.41
CA PRO E 195 2.98 -26.16 -23.59
C PRO E 195 3.36 -26.19 -25.08
N ASN E 196 4.61 -25.90 -25.41
CA ASN E 196 5.09 -26.17 -26.77
C ASN E 196 6.37 -27.01 -26.81
N TYR E 197 6.76 -27.48 -25.65
CA TYR E 197 7.90 -28.37 -25.53
C TYR E 197 7.57 -29.33 -24.41
N ILE E 198 7.68 -30.61 -24.72
CA ILE E 198 7.35 -31.63 -23.75
C ILE E 198 8.62 -32.40 -23.40
N VAL E 199 8.67 -32.94 -22.19
CA VAL E 199 9.81 -33.74 -21.76
C VAL E 199 9.22 -35.09 -21.39
N ASP E 200 9.82 -36.19 -21.87
CA ASP E 200 9.40 -37.56 -21.50
C ASP E 200 9.83 -37.83 -20.06
N ILE E 201 8.88 -38.17 -19.19
CA ILE E 201 9.26 -38.49 -17.80
C ILE E 201 8.75 -39.87 -17.37
N THR E 202 8.44 -40.71 -18.36
CA THR E 202 7.86 -42.02 -18.09
C THR E 202 8.69 -42.83 -17.12
N ASP E 203 9.99 -42.94 -17.35
CA ASP E 203 10.84 -43.73 -16.44
C ASP E 203 10.92 -43.09 -15.05
N LEU E 204 11.20 -41.78 -15.04
CA LEU E 204 11.47 -41.03 -13.81
C LEU E 204 10.19 -40.70 -13.03
N MET E 205 9.05 -41.16 -13.52
CA MET E 205 7.79 -40.78 -12.92
C MET E 205 7.75 -41.16 -11.43
N GLU E 206 8.25 -42.35 -11.09
CA GLU E 206 8.20 -42.84 -9.71
C GLU E 206 9.13 -42.05 -8.78
N LEU E 207 10.27 -41.60 -9.28
CA LEU E 207 11.13 -40.71 -8.52
C LEU E 207 10.57 -39.27 -8.41
N LYS E 208 9.63 -38.90 -9.30
CA LYS E 208 8.88 -37.65 -9.17
C LYS E 208 7.86 -37.84 -8.06
N LEU E 209 7.05 -38.89 -8.13
CA LEU E 209 6.08 -39.15 -7.06
C LEU E 209 6.70 -39.37 -5.67
N LYS E 210 8.00 -39.59 -5.58
CA LYS E 210 8.64 -39.69 -4.26
C LYS E 210 9.21 -38.34 -3.86
N ALA E 211 9.66 -37.56 -4.83
CA ALA E 211 10.04 -36.20 -4.56
C ALA E 211 8.83 -35.43 -4.01
N ILE E 212 7.63 -35.79 -4.47
CA ILE E 212 6.39 -35.13 -4.09
C ILE E 212 5.98 -35.64 -2.73
N ARG E 213 6.05 -36.95 -2.54
CA ARG E 213 5.57 -37.63 -1.31
C ARG E 213 6.30 -37.20 -0.03
N ALA E 214 7.57 -36.83 -0.19
CA ALA E 214 8.41 -36.26 0.87
C ALA E 214 7.80 -35.00 1.55
N HIS E 215 6.87 -34.33 0.85
CA HIS E 215 6.06 -33.26 1.41
C HIS E 215 4.92 -33.90 2.14
N ARG E 216 5.29 -34.43 3.33
CA ARG E 216 4.44 -35.29 4.13
C ARG E 216 3.33 -34.50 4.79
N SER E 217 3.64 -33.25 5.18
CA SER E 217 2.64 -32.33 5.77
C SER E 217 1.45 -32.11 4.85
N GLN E 218 1.71 -32.17 3.55
CA GLN E 218 0.71 -31.97 2.50
C GLN E 218 0.03 -33.27 2.08
N PHE E 219 0.85 -34.27 1.76
CA PHE E 219 0.35 -35.52 1.19
C PHE E 219 0.28 -36.63 2.22
N THR E 220 -0.87 -36.70 2.89
CA THR E 220 -1.14 -37.72 3.89
C THR E 220 -1.72 -38.86 3.07
N ASP E 221 -1.90 -40.04 3.66
CA ASP E 221 -2.33 -41.19 2.87
C ASP E 221 -3.72 -40.97 2.30
N ASP E 222 -4.66 -40.55 3.15
CA ASP E 222 -6.03 -40.18 2.75
C ASP E 222 -6.09 -39.24 1.52
N ILE E 223 -5.13 -38.33 1.43
CA ILE E 223 -5.19 -37.26 0.46
C ILE E 223 -4.43 -37.70 -0.82
N TRP E 224 -3.47 -38.60 -0.64
CA TRP E 224 -2.81 -39.23 -1.77
C TRP E 224 -3.82 -40.00 -2.62
N GLU E 225 -4.98 -40.30 -2.03
CA GLU E 225 -6.07 -41.01 -2.72
C GLU E 225 -6.88 -40.15 -3.68
N THR E 226 -6.76 -38.83 -3.55
CA THR E 226 -7.29 -37.92 -4.53
C THR E 226 -6.12 -37.50 -5.42
N TRP E 227 -4.98 -37.20 -4.82
CA TRP E 227 -3.91 -36.59 -5.58
C TRP E 227 -3.15 -37.47 -6.55
N GLU E 228 -3.01 -38.76 -6.23
CA GLU E 228 -2.21 -39.66 -7.09
C GLU E 228 -2.90 -39.76 -8.43
N PRO E 229 -4.20 -40.00 -8.43
CA PRO E 229 -4.91 -39.96 -9.70
C PRO E 229 -4.68 -38.63 -10.44
N PHE E 230 -4.94 -37.51 -9.74
CA PHE E 230 -4.82 -36.18 -10.33
C PHE E 230 -3.42 -35.95 -10.92
N LEU E 231 -2.40 -36.31 -10.17
CA LEU E 231 -1.01 -36.18 -10.64
C LEU E 231 -0.66 -37.02 -11.88
N ARG E 232 -1.23 -38.23 -11.97
CA ARG E 232 -0.96 -39.09 -13.12
C ARG E 232 -1.77 -38.57 -14.29
N THR E 233 -2.98 -38.09 -14.02
CA THR E 233 -3.82 -37.50 -15.08
C THR E 233 -3.13 -36.28 -15.77
N VAL E 234 -2.47 -35.43 -14.98
CA VAL E 234 -1.74 -34.29 -15.53
C VAL E 234 -0.52 -34.75 -16.34
N THR E 235 0.11 -35.85 -15.91
CA THR E 235 1.32 -36.32 -16.62
C THR E 235 1.01 -36.98 -17.97
N MET E 236 -0.17 -37.57 -18.05
CA MET E 236 -0.70 -38.12 -19.29
C MET E 236 -1.05 -37.01 -20.31
N PHE E 237 -1.80 -35.99 -19.85
CA PHE E 237 -2.16 -34.76 -20.61
C PHE E 237 -1.01 -34.19 -21.43
N TYR E 238 0.14 -34.06 -20.79
CA TYR E 238 1.37 -33.64 -21.48
C TYR E 238 1.98 -34.75 -22.31
N GLY E 239 1.85 -35.99 -21.81
CA GLY E 239 2.45 -37.16 -22.47
C GLY E 239 1.84 -37.37 -23.85
N GLU E 240 0.53 -37.56 -23.88
CA GLU E 240 -0.26 -37.75 -25.11
C GLU E 240 0.24 -36.91 -26.29
N LYS E 241 0.65 -35.69 -25.97
CA LYS E 241 1.04 -34.70 -26.99
C LYS E 241 2.29 -35.05 -27.76
N ILE E 242 3.19 -35.85 -27.18
CA ILE E 242 4.36 -36.30 -27.96
C ILE E 242 4.36 -37.81 -28.05
N GLY E 243 3.23 -38.39 -27.70
CA GLY E 243 3.02 -39.81 -27.77
C GLY E 243 3.82 -40.67 -26.79
N VAL E 244 4.13 -40.13 -25.60
CA VAL E 244 4.68 -40.98 -24.54
C VAL E 244 3.65 -41.23 -23.40
N ARG E 245 4.10 -41.88 -22.31
CA ARG E 245 3.22 -42.22 -21.18
C ARG E 245 3.02 -40.99 -20.29
N TYR E 246 4.16 -40.41 -19.93
CA TYR E 246 4.25 -39.44 -18.87
C TYR E 246 5.11 -38.31 -19.36
N GLY E 247 4.52 -37.11 -19.40
CA GLY E 247 5.24 -35.88 -19.78
C GLY E 247 5.06 -34.72 -18.80
N GLU E 248 5.92 -33.71 -18.98
CA GLU E 248 5.89 -32.44 -18.28
C GLU E 248 6.01 -31.37 -19.35
N GLY E 249 5.05 -30.46 -19.41
CA GLY E 249 5.01 -29.41 -20.42
C GLY E 249 5.59 -28.07 -20.03
N PHE E 250 6.05 -27.32 -21.02
CA PHE E 250 6.67 -26.02 -20.83
C PHE E 250 6.29 -25.14 -22.00
N ARG E 251 6.14 -23.85 -21.74
CA ARG E 251 5.98 -22.93 -22.81
C ARG E 251 7.20 -22.05 -22.82
N VAL E 252 7.74 -21.86 -24.03
CA VAL E 252 9.02 -21.24 -24.26
C VAL E 252 8.76 -20.40 -25.48
N MET E 253 9.14 -19.14 -25.42
CA MET E 253 8.83 -18.23 -26.51
C MET E 253 10.04 -17.34 -26.70
N PRO E 254 10.19 -16.73 -27.86
CA PRO E 254 11.23 -15.72 -27.84
C PRO E 254 10.85 -14.60 -26.88
N GLY E 255 11.86 -13.97 -26.30
CA GLY E 255 11.68 -12.95 -25.29
C GLY E 255 10.83 -11.79 -25.81
N LEU E 256 11.03 -11.45 -27.08
CA LEU E 256 10.23 -10.48 -27.77
C LEU E 256 8.71 -10.71 -27.65
N PHE E 257 8.29 -11.97 -27.61
CA PHE E 257 6.87 -12.35 -27.64
C PHE E 257 6.10 -12.09 -26.30
N TYR E 258 6.86 -11.86 -25.22
CA TYR E 258 6.32 -11.50 -23.89
C TYR E 258 5.86 -10.05 -23.84
N HIS E 259 5.98 -9.35 -24.96
CA HIS E 259 5.69 -7.92 -25.05
C HIS E 259 5.08 -7.59 -26.40
N ILE E 260 4.00 -6.79 -26.38
CA ILE E 260 3.28 -6.27 -27.56
C ILE E 260 3.05 -7.19 -28.80
N THR E 261 3.00 -8.49 -28.57
CA THR E 261 2.99 -9.49 -29.66
C THR E 261 1.62 -10.20 -29.78
N PRO E 262 0.76 -9.72 -30.70
CA PRO E 262 -0.62 -10.20 -30.82
C PRO E 262 -0.80 -11.56 -31.49
N PHE E 263 0.31 -12.19 -31.89
CA PHE E 263 0.31 -13.53 -32.49
C PHE E 263 1.27 -14.43 -31.70
N ALA E 264 1.58 -13.97 -30.47
CA ALA E 264 2.32 -14.74 -29.48
C ALA E 264 1.74 -16.14 -29.34
N ASP E 265 0.43 -16.25 -29.52
CA ASP E 265 -0.29 -17.49 -29.29
C ASP E 265 -0.29 -18.44 -30.46
N LEU E 266 0.50 -18.16 -31.48
CA LEU E 266 0.59 -19.04 -32.66
C LEU E 266 1.70 -20.05 -32.56
N ILE E 267 2.53 -19.89 -31.54
CA ILE E 267 3.54 -20.90 -31.20
C ILE E 267 3.18 -21.64 -29.91
N MET F 1 -40.00 -3.89 -24.13
CA MET F 1 -39.30 -4.18 -25.41
C MET F 1 -38.66 -5.56 -25.40
N PHE F 2 -38.46 -6.11 -26.60
CA PHE F 2 -37.74 -7.37 -26.84
C PHE F 2 -38.50 -8.63 -26.44
N GLU F 3 -39.72 -8.48 -25.93
CA GLU F 3 -40.59 -9.65 -25.71
C GLU F 3 -40.82 -10.38 -27.06
N ASN F 4 -40.60 -9.66 -28.16
CA ASN F 4 -40.92 -10.16 -29.50
C ASN F 4 -39.91 -11.13 -30.10
N VAL F 5 -38.63 -10.77 -30.01
CA VAL F 5 -37.53 -11.53 -30.67
C VAL F 5 -37.48 -13.04 -30.31
N SER F 6 -37.04 -13.87 -31.23
CA SER F 6 -37.16 -15.30 -30.98
C SER F 6 -35.87 -16.07 -30.71
N THR F 7 -34.79 -15.83 -31.47
CA THR F 7 -33.53 -16.49 -31.14
C THR F 7 -32.58 -15.55 -30.38
N PHE F 8 -31.48 -16.08 -29.85
CA PHE F 8 -30.49 -15.19 -29.26
C PHE F 8 -29.77 -14.37 -30.36
N GLU F 9 -29.36 -15.08 -31.43
CA GLU F 9 -28.73 -14.45 -32.60
C GLU F 9 -29.55 -13.23 -33.02
N GLU F 10 -30.85 -13.32 -32.80
CA GLU F 10 -31.77 -12.29 -33.23
C GLU F 10 -31.70 -11.10 -32.29
N ALA F 11 -31.72 -11.38 -30.99
CA ALA F 11 -31.72 -10.31 -30.01
C ALA F 11 -30.38 -9.55 -30.03
N PHE F 12 -29.32 -10.32 -30.23
CA PHE F 12 -27.95 -9.82 -30.27
C PHE F 12 -27.83 -8.79 -31.41
N ASN F 13 -28.31 -9.16 -32.60
CA ASN F 13 -28.37 -8.24 -33.73
C ASN F 13 -29.22 -6.99 -33.49
N LYS F 14 -30.44 -7.18 -33.02
CA LYS F 14 -31.29 -6.05 -32.68
C LYS F 14 -30.64 -5.09 -31.66
N LEU F 15 -30.03 -5.66 -30.62
CA LEU F 15 -29.32 -4.87 -29.60
C LEU F 15 -28.20 -3.99 -30.19
N LEU F 16 -27.35 -4.60 -31.00
CA LEU F 16 -26.28 -3.89 -31.69
C LEU F 16 -26.68 -2.75 -32.68
N LYS F 17 -27.56 -3.07 -33.64
CA LYS F 17 -27.99 -2.16 -34.69
C LYS F 17 -28.89 -1.12 -34.08
N GLU F 18 -29.84 -1.56 -33.24
CA GLU F 18 -30.98 -0.71 -32.86
C GLU F 18 -30.90 -0.06 -31.49
N VAL F 19 -30.40 -0.80 -30.51
CA VAL F 19 -30.36 -0.30 -29.13
C VAL F 19 -29.10 0.49 -28.93
N LEU F 20 -27.99 -0.12 -29.34
CA LEU F 20 -26.67 0.43 -29.07
C LEU F 20 -26.15 1.32 -30.19
N GLU F 21 -26.74 1.18 -31.39
CA GLU F 21 -26.37 1.92 -32.63
C GLU F 21 -24.87 1.92 -32.88
N PHE F 22 -24.32 0.73 -33.02
CA PHE F 22 -22.88 0.62 -33.05
C PHE F 22 -22.51 -0.11 -34.31
N ASN F 23 -21.58 0.47 -35.08
CA ASN F 23 -20.94 -0.29 -36.15
C ASN F 23 -19.45 0.01 -36.36
N LEU F 24 -18.84 -0.83 -37.17
CA LEU F 24 -17.41 -0.92 -37.32
C LEU F 24 -16.99 -0.51 -38.72
N GLU F 25 -17.75 0.38 -39.31
CA GLU F 25 -17.48 0.78 -40.68
C GLU F 25 -16.57 2.03 -40.79
N ASN F 26 -16.81 3.06 -39.98
CA ASN F 26 -15.84 4.14 -39.81
C ASN F 26 -15.90 4.77 -38.41
N PRO F 27 -15.48 3.99 -37.41
CA PRO F 27 -15.68 4.33 -36.00
C PRO F 27 -15.09 5.67 -35.61
N PHE F 28 -14.04 6.11 -36.29
CA PHE F 28 -13.37 7.39 -35.97
C PHE F 28 -13.86 8.65 -36.76
N GLU F 29 -15.00 8.56 -37.45
CA GLU F 29 -15.38 9.55 -38.49
C GLU F 29 -15.47 10.98 -37.99
N ASP F 30 -16.11 11.16 -36.85
CA ASP F 30 -16.56 12.47 -36.39
C ASP F 30 -15.66 13.00 -35.25
N ALA F 31 -14.53 12.32 -35.01
CA ALA F 31 -13.66 12.76 -33.91
C ALA F 31 -12.95 13.99 -34.34
N LYS F 32 -13.15 15.03 -33.56
CA LYS F 32 -12.42 16.26 -33.70
C LYS F 32 -11.21 16.40 -32.73
N LYS F 33 -11.25 15.64 -31.61
CA LYS F 33 -10.16 15.59 -30.64
C LYS F 33 -10.11 14.23 -30.01
N VAL F 34 -8.93 13.64 -30.06
CA VAL F 34 -8.68 12.36 -29.44
C VAL F 34 -7.41 12.40 -28.56
N ILE F 35 -7.36 11.47 -27.60
CA ILE F 35 -6.22 11.37 -26.73
C ILE F 35 -5.70 9.98 -26.89
N CYS F 36 -4.39 9.86 -27.06
CA CYS F 36 -3.75 8.58 -27.17
C CYS F 36 -2.95 8.43 -25.91
N ILE F 37 -3.13 7.30 -25.23
CA ILE F 37 -2.50 7.11 -23.93
C ILE F 37 -1.46 6.07 -24.21
N GLU F 38 -0.22 6.33 -23.80
CA GLU F 38 0.87 5.37 -23.94
C GLU F 38 1.58 5.11 -22.63
N PRO F 39 2.04 3.87 -22.43
CA PRO F 39 2.77 3.61 -21.17
C PRO F 39 4.12 4.26 -21.14
N HIS F 40 4.79 4.28 -22.29
CA HIS F 40 6.21 4.62 -22.34
C HIS F 40 6.37 5.46 -23.56
N PRO F 41 7.31 6.44 -23.52
CA PRO F 41 7.66 7.23 -24.72
C PRO F 41 8.01 6.27 -25.85
N ASP F 42 7.29 6.36 -26.98
CA ASP F 42 7.46 5.47 -28.16
C ASP F 42 6.25 4.55 -28.42
N ASP F 43 5.33 4.43 -27.47
CA ASP F 43 4.26 3.45 -27.63
C ASP F 43 3.16 3.85 -28.59
N CYS F 44 2.72 5.10 -28.55
CA CYS F 44 1.79 5.59 -29.55
C CYS F 44 2.40 5.42 -30.93
N ALA F 45 3.62 5.95 -31.08
CA ALA F 45 4.26 5.87 -32.36
C ALA F 45 4.18 4.45 -32.87
N ILE F 46 4.60 3.50 -32.04
CA ILE F 46 4.68 2.07 -32.43
C ILE F 46 3.34 1.36 -32.60
N GLY F 47 2.40 1.62 -31.68
CA GLY F 47 1.10 0.91 -31.70
C GLY F 47 0.19 1.52 -32.74
N MET F 48 0.24 2.82 -32.90
CA MET F 48 -0.67 3.38 -33.85
C MET F 48 -0.10 4.58 -34.61
N GLY F 49 1.20 4.59 -34.84
CA GLY F 49 1.82 5.71 -35.58
C GLY F 49 1.13 6.13 -36.88
N GLY F 50 0.76 5.16 -37.70
CA GLY F 50 0.15 5.49 -38.97
C GLY F 50 -1.22 6.11 -38.81
N THR F 51 -1.98 5.61 -37.84
CA THR F 51 -3.33 6.11 -37.61
C THR F 51 -3.28 7.53 -37.03
N ILE F 52 -2.29 7.82 -36.22
CA ILE F 52 -2.15 9.15 -35.67
C ILE F 52 -1.89 10.17 -36.79
N LYS F 53 -0.97 9.85 -37.71
CA LYS F 53 -0.78 10.68 -38.89
C LYS F 53 -2.05 10.80 -39.69
N LYS F 54 -2.69 9.66 -39.98
CA LYS F 54 -3.92 9.69 -40.77
C LYS F 54 -4.89 10.67 -40.15
N LEU F 55 -5.05 10.61 -38.82
CA LEU F 55 -5.99 11.46 -38.12
C LEU F 55 -5.48 12.90 -38.07
N SER F 56 -4.17 13.03 -37.88
CA SER F 56 -3.51 14.33 -37.94
C SER F 56 -3.84 15.05 -39.23
N ASP F 57 -3.69 14.34 -40.35
CA ASP F 57 -3.97 14.90 -41.70
C ASP F 57 -5.44 15.33 -41.86
N GLU F 58 -6.38 14.48 -41.49
CA GLU F 58 -7.77 14.85 -41.56
C GLU F 58 -8.13 15.98 -40.64
N GLY F 59 -7.16 16.58 -39.98
CA GLY F 59 -7.46 17.72 -39.13
C GLY F 59 -7.87 17.40 -37.69
N VAL F 60 -7.68 16.16 -37.25
CA VAL F 60 -8.03 15.75 -35.86
C VAL F 60 -6.98 16.27 -34.87
N GLU F 61 -7.38 16.94 -33.82
CA GLU F 61 -6.38 17.30 -32.78
C GLU F 61 -6.03 16.00 -31.98
N VAL F 62 -4.80 15.51 -32.13
CA VAL F 62 -4.32 14.33 -31.41
C VAL F 62 -3.41 14.72 -30.25
N ILE F 63 -3.84 14.33 -29.04
CA ILE F 63 -3.13 14.57 -27.78
C ILE F 63 -2.64 13.25 -27.18
N TYR F 64 -1.36 13.24 -26.75
CA TYR F 64 -0.78 12.18 -25.92
C TYR F 64 -0.95 12.41 -24.41
N ILE F 65 -1.27 11.35 -23.68
CA ILE F 65 -0.88 11.21 -22.30
C ILE F 65 0.17 10.08 -22.22
N CYS F 66 1.38 10.42 -21.75
CA CYS F 66 2.45 9.41 -21.54
C CYS F 66 2.49 9.01 -20.02
N MET F 67 2.19 7.76 -19.72
CA MET F 67 2.09 7.29 -18.31
C MET F 67 3.47 7.39 -17.57
N THR F 68 4.54 6.95 -18.22
CA THR F 68 5.82 6.92 -17.54
C THR F 68 6.92 7.74 -18.25
N ASP F 69 8.06 7.84 -17.60
CA ASP F 69 9.14 8.64 -18.10
C ASP F 69 10.19 7.85 -18.88
N GLY F 70 10.08 6.52 -18.98
CA GLY F 70 11.07 5.72 -19.76
C GLY F 70 12.42 5.47 -19.03
N TYR F 71 12.42 5.59 -17.73
CA TYR F 71 13.65 5.62 -16.91
C TYR F 71 14.54 4.43 -17.06
N MET F 72 13.96 3.28 -17.38
CA MET F 72 14.71 2.06 -17.25
C MET F 72 15.24 1.50 -18.57
N GLY F 73 14.86 2.12 -19.69
CA GLY F 73 15.11 1.50 -21.01
C GLY F 73 16.45 1.81 -21.69
N THR F 74 17.56 1.47 -21.04
CA THR F 74 18.91 1.41 -21.63
C THR F 74 19.67 0.24 -21.01
N THR F 75 20.63 -0.33 -21.73
CA THR F 75 21.52 -1.32 -21.12
C THR F 75 22.87 -0.73 -20.77
N ASP F 76 23.02 0.56 -21.03
CA ASP F 76 24.25 1.27 -20.74
C ASP F 76 24.40 1.70 -19.26
N GLU F 77 25.31 1.00 -18.56
CA GLU F 77 25.75 1.38 -17.21
C GLU F 77 26.09 2.83 -17.00
N LYS F 78 26.25 3.61 -18.08
CA LYS F 78 26.70 4.99 -17.93
C LYS F 78 25.54 5.97 -18.12
N LEU F 79 24.38 5.45 -18.49
CA LEU F 79 23.24 6.32 -18.66
C LEU F 79 22.34 6.20 -17.42
N SER F 80 22.27 7.28 -16.64
CA SER F 80 21.40 7.31 -15.47
C SER F 80 19.95 7.56 -15.89
N GLY F 81 19.05 6.90 -15.15
CA GLY F 81 17.64 6.97 -15.43
C GLY F 81 17.24 8.39 -15.64
N HIS F 82 17.79 9.31 -14.84
CA HIS F 82 17.35 10.69 -14.99
C HIS F 82 17.76 11.28 -16.35
N GLU F 83 18.95 10.92 -16.79
CA GLU F 83 19.39 11.41 -18.07
C GLU F 83 18.63 10.73 -19.22
N LEU F 84 18.39 9.43 -19.10
CA LEU F 84 17.66 8.74 -20.17
C LEU F 84 16.26 9.36 -20.32
N ALA F 85 15.68 9.83 -19.22
CA ALA F 85 14.34 10.36 -19.29
C ALA F 85 14.36 11.76 -19.90
N LEU F 86 15.38 12.54 -19.58
CA LEU F 86 15.65 13.73 -20.36
C LEU F 86 15.73 13.42 -21.88
N ILE F 87 16.56 12.45 -22.23
CA ILE F 87 16.78 12.09 -23.62
C ILE F 87 15.46 11.70 -24.29
N ARG F 88 14.61 11.04 -23.50
CA ARG F 88 13.43 10.44 -24.10
C ARG F 88 12.30 11.40 -24.26
N ARG F 89 12.26 12.45 -23.46
CA ARG F 89 11.33 13.52 -23.75
C ARG F 89 11.59 14.23 -25.09
N ARG F 90 12.85 14.36 -25.46
CA ARG F 90 13.17 14.95 -26.74
C ARG F 90 12.83 13.96 -27.83
N GLU F 91 13.31 12.73 -27.72
CA GLU F 91 12.95 11.74 -28.73
C GLU F 91 11.43 11.77 -29.00
N GLU F 92 10.62 11.89 -27.93
CA GLU F 92 9.17 11.79 -28.13
C GLU F 92 8.61 13.03 -28.83
N GLU F 93 9.01 14.23 -28.37
CA GLU F 93 8.68 15.49 -29.03
C GLU F 93 8.95 15.50 -30.56
N GLU F 94 10.10 14.96 -30.91
CA GLU F 94 10.61 14.87 -32.24
C GLU F 94 9.74 13.91 -33.05
N SER F 95 9.31 12.82 -32.40
CA SER F 95 8.48 11.76 -32.99
C SER F 95 7.02 12.14 -33.24
N ALA F 96 6.50 12.94 -32.32
CA ALA F 96 5.13 13.41 -32.38
C ALA F 96 4.92 14.49 -33.44
N LYS F 97 5.92 15.35 -33.64
CA LYS F 97 5.92 16.34 -34.77
C LYS F 97 5.87 15.65 -36.13
N LEU F 98 6.58 14.55 -36.27
CA LEU F 98 6.50 13.77 -37.51
C LEU F 98 5.09 13.27 -37.77
N LEU F 99 4.34 13.07 -36.69
CA LEU F 99 3.03 12.48 -36.75
C LEU F 99 1.92 13.49 -36.62
N GLY F 100 2.28 14.77 -36.46
CA GLY F 100 1.28 15.83 -36.44
C GLY F 100 0.77 16.15 -35.06
N VAL F 101 1.46 15.63 -34.03
CA VAL F 101 1.02 15.74 -32.62
C VAL F 101 1.70 16.93 -31.96
N ARG F 102 0.90 17.79 -31.32
CA ARG F 102 1.40 19.04 -30.69
C ARG F 102 1.35 19.12 -29.14
N LYS F 103 0.54 18.27 -28.51
CA LYS F 103 0.40 18.28 -27.03
C LYS F 103 0.67 16.92 -26.40
N ILE F 104 1.48 16.95 -25.34
CA ILE F 104 1.87 15.78 -24.60
C ILE F 104 1.79 16.07 -23.10
N TYR F 105 0.93 15.30 -22.42
CA TYR F 105 0.92 15.23 -20.97
C TYR F 105 1.89 14.14 -20.52
N TRP F 106 2.86 14.53 -19.70
CA TRP F 106 3.71 13.63 -18.97
C TRP F 106 3.21 13.49 -17.53
N LEU F 107 2.80 12.27 -17.15
CA LEU F 107 2.45 12.03 -15.78
C LEU F 107 3.72 11.82 -14.92
N ASN F 108 4.79 11.29 -15.50
CA ASN F 108 6.13 11.21 -14.86
C ASN F 108 6.25 10.15 -13.78
N TYR F 109 5.31 9.20 -13.79
CA TYR F 109 5.50 8.00 -13.01
C TYR F 109 6.75 7.32 -13.60
N ARG F 110 7.47 6.62 -12.74
CA ARG F 110 8.68 5.99 -13.17
C ARG F 110 8.38 4.65 -13.85
N ASP F 111 9.03 4.50 -14.98
CA ASP F 111 8.97 3.28 -15.80
C ASP F 111 9.26 2.05 -14.92
N THR F 112 8.45 1.00 -15.06
CA THR F 112 8.40 -0.21 -14.21
C THR F 112 7.67 -0.04 -12.84
N GLU F 113 7.21 1.17 -12.52
CA GLU F 113 6.70 1.54 -11.18
C GLU F 113 5.42 2.35 -11.33
N LEU F 114 4.66 2.07 -12.37
CA LEU F 114 3.43 2.83 -12.64
C LEU F 114 2.44 2.14 -11.68
N PRO F 115 1.89 2.92 -10.73
CA PRO F 115 0.95 2.30 -9.80
C PRO F 115 -0.39 1.93 -10.50
N TYR F 116 -1.11 0.94 -9.96
CA TYR F 116 -2.45 0.66 -10.38
C TYR F 116 -3.30 1.19 -9.21
N SER F 117 -3.80 2.40 -9.28
CA SER F 117 -4.53 2.87 -8.08
C SER F 117 -5.47 4.00 -8.45
N ARG F 118 -6.24 4.49 -7.49
CA ARG F 118 -7.14 5.63 -7.73
C ARG F 118 -6.42 6.88 -8.12
N GLU F 119 -5.33 7.13 -7.41
CA GLU F 119 -4.49 8.26 -7.66
C GLU F 119 -4.17 8.40 -9.13
N VAL F 120 -3.83 7.31 -9.83
CA VAL F 120 -3.54 7.46 -11.26
C VAL F 120 -4.85 7.76 -12.02
N ARG F 121 -5.91 7.04 -11.66
CA ARG F 121 -7.19 7.28 -12.32
C ARG F 121 -7.49 8.78 -12.22
N LYS F 122 -7.18 9.41 -11.08
CA LYS F 122 -7.53 10.82 -10.93
C LYS F 122 -6.69 11.63 -11.89
N ASP F 123 -5.49 11.14 -12.24
CA ASP F 123 -4.65 11.88 -13.17
C ASP F 123 -5.30 11.91 -14.54
N LEU F 124 -5.65 10.72 -15.02
CA LEU F 124 -6.30 10.55 -16.30
C LEU F 124 -7.63 11.29 -16.42
N VAL F 125 -8.42 11.25 -15.32
CA VAL F 125 -9.73 11.83 -15.31
C VAL F 125 -9.69 13.35 -15.39
N LYS F 126 -8.73 13.95 -14.67
CA LYS F 126 -8.46 15.38 -14.73
C LYS F 126 -8.19 15.79 -16.20
N ILE F 127 -7.35 15.07 -16.92
CA ILE F 127 -7.02 15.43 -18.28
C ILE F 127 -8.22 15.17 -19.22
N ILE F 128 -8.95 14.08 -19.00
CA ILE F 128 -10.11 13.77 -19.80
C ILE F 128 -11.17 14.88 -19.55
N ARG F 129 -11.45 15.23 -18.30
CA ARG F 129 -12.42 16.31 -18.04
C ARG F 129 -12.01 17.69 -18.61
N LYS F 130 -10.70 17.98 -18.60
CA LYS F 130 -10.16 19.24 -19.14
C LYS F 130 -10.36 19.35 -20.65
N GLU F 131 -9.92 18.33 -21.37
CA GLU F 131 -9.81 18.34 -22.80
C GLU F 131 -11.08 17.90 -23.51
N LYS F 132 -11.95 17.20 -22.80
CA LYS F 132 -13.20 16.65 -23.37
C LYS F 132 -13.00 15.98 -24.75
N PRO F 133 -12.12 14.95 -24.84
CA PRO F 133 -11.95 14.33 -26.16
C PRO F 133 -13.16 13.46 -26.56
N ASP F 134 -13.29 13.21 -27.86
CA ASP F 134 -14.40 12.43 -28.38
C ASP F 134 -13.91 11.00 -28.34
N GLY F 135 -12.61 10.83 -28.42
CA GLY F 135 -12.01 9.53 -28.54
C GLY F 135 -10.80 9.31 -27.66
N VAL F 136 -10.70 8.11 -27.06
CA VAL F 136 -9.52 7.70 -26.30
C VAL F 136 -8.91 6.42 -26.81
N PHE F 137 -7.60 6.45 -26.99
CA PHE F 137 -6.81 5.32 -27.46
C PHE F 137 -5.90 4.79 -26.36
N ALA F 138 -5.85 3.44 -26.16
CA ALA F 138 -4.95 2.88 -25.13
C ALA F 138 -4.63 1.46 -25.47
N PRO F 139 -3.61 0.85 -24.84
CA PRO F 139 -3.32 -0.59 -25.02
C PRO F 139 -4.42 -1.49 -24.51
N ASP F 140 -4.69 -2.55 -25.24
CA ASP F 140 -5.52 -3.61 -24.83
C ASP F 140 -4.93 -4.36 -23.62
N PRO F 141 -5.50 -4.13 -22.42
CA PRO F 141 -4.84 -4.77 -21.26
C PRO F 141 -4.97 -6.29 -21.27
N TRP F 142 -5.75 -6.83 -22.20
CA TRP F 142 -6.06 -8.27 -22.24
C TRP F 142 -5.20 -9.04 -23.23
N LEU F 143 -4.30 -8.31 -23.90
CA LEU F 143 -3.33 -8.88 -24.85
C LEU F 143 -2.63 -10.10 -24.23
N PRO F 144 -2.79 -11.26 -24.86
CA PRO F 144 -2.12 -12.43 -24.26
C PRO F 144 -0.62 -12.31 -24.16
N TYR F 145 -0.08 -12.90 -23.11
CA TYR F 145 1.33 -12.86 -22.80
C TYR F 145 1.96 -11.46 -22.61
N GLU F 146 1.15 -10.42 -22.52
CA GLU F 146 1.73 -9.13 -22.22
C GLU F 146 2.27 -9.15 -20.79
N SER F 147 3.58 -9.00 -20.69
CA SER F 147 4.31 -9.17 -19.44
C SER F 147 4.85 -7.87 -18.84
N HIS F 148 4.49 -6.73 -19.40
CA HIS F 148 4.88 -5.45 -18.81
C HIS F 148 3.73 -4.79 -18.04
N PRO F 149 3.89 -4.71 -16.70
CA PRO F 149 2.84 -4.20 -15.80
C PRO F 149 2.42 -2.83 -16.18
N ASP F 150 3.37 -1.97 -16.59
CA ASP F 150 3.07 -0.65 -16.99
C ASP F 150 2.09 -0.71 -18.20
N HIS F 151 2.20 -1.74 -19.02
CA HIS F 151 1.34 -1.80 -20.21
C HIS F 151 -0.03 -2.29 -19.79
N ARG F 152 -0.09 -3.38 -19.06
CA ARG F 152 -1.37 -3.89 -18.58
C ARG F 152 -2.10 -2.78 -17.81
N ARG F 153 -1.36 -2.10 -16.95
CA ARG F 153 -2.02 -1.17 -16.05
C ARG F 153 -2.56 -0.01 -16.82
N THR F 154 -1.80 0.46 -17.80
CA THR F 154 -2.22 1.57 -18.63
C THR F 154 -3.52 1.25 -19.37
N GLY F 155 -3.66 0.04 -19.86
CA GLY F 155 -4.95 -0.33 -20.50
C GLY F 155 -6.10 -0.25 -19.50
N PHE F 156 -5.99 -1.02 -18.42
CA PHE F 156 -7.05 -1.01 -17.42
C PHE F 156 -7.35 0.35 -16.91
N LEU F 157 -6.31 1.12 -16.58
CA LEU F 157 -6.56 2.47 -16.05
C LEU F 157 -7.18 3.40 -17.08
N ALA F 158 -6.84 3.21 -18.37
CA ALA F 158 -7.53 3.98 -19.40
C ALA F 158 -9.08 3.71 -19.49
N ILE F 159 -9.47 2.46 -19.65
CA ILE F 159 -10.86 2.10 -19.72
C ILE F 159 -11.57 2.64 -18.50
N GLU F 160 -11.06 2.30 -17.32
CA GLU F 160 -11.69 2.73 -16.07
C GLU F 160 -11.89 4.25 -16.01
N SER F 161 -10.88 5.04 -16.36
CA SER F 161 -10.96 6.48 -16.18
C SER F 161 -11.88 7.12 -17.20
N VAL F 162 -11.89 6.54 -18.40
CA VAL F 162 -12.91 6.90 -19.34
C VAL F 162 -14.28 6.72 -18.71
N ALA F 163 -14.55 5.55 -18.13
CA ALA F 163 -15.88 5.38 -17.52
C ALA F 163 -16.08 6.33 -16.35
N PHE F 164 -15.05 6.58 -15.52
CA PHE F 164 -15.30 7.28 -14.25
C PHE F 164 -15.32 8.78 -14.45
N SER F 165 -14.88 9.22 -15.62
CA SER F 165 -14.95 10.61 -16.03
C SER F 165 -16.37 11.21 -16.00
N GLN F 166 -17.39 10.40 -16.26
CA GLN F 166 -18.82 10.83 -16.32
C GLN F 166 -19.45 10.87 -14.97
N LEU F 167 -18.70 10.45 -13.95
CA LEU F 167 -19.32 10.24 -12.66
C LEU F 167 -18.89 11.34 -11.70
N PRO F 168 -19.82 12.26 -11.37
CA PRO F 168 -19.41 13.50 -10.68
C PRO F 168 -18.91 13.33 -9.23
N ASN F 169 -19.24 12.19 -8.62
CA ASN F 169 -18.75 11.83 -7.31
C ASN F 169 -17.37 11.20 -7.41
N PHE F 170 -16.94 10.86 -8.62
CA PHE F 170 -15.55 10.45 -8.81
C PHE F 170 -14.67 11.67 -8.86
N SER F 171 -13.73 11.71 -7.92
CA SER F 171 -12.75 12.80 -7.88
C SER F 171 -13.49 14.18 -7.85
N ASN F 172 -14.24 14.40 -6.80
CA ASN F 172 -15.23 15.49 -6.78
C ASN F 172 -14.69 16.88 -6.72
N ILE F 173 -13.40 17.05 -6.42
CA ILE F 173 -12.77 18.38 -6.37
C ILE F 173 -12.63 18.98 -7.79
N ASP F 174 -12.52 18.09 -8.77
CA ASP F 174 -12.47 18.55 -10.15
C ASP F 174 -13.72 19.37 -10.45
N ILE F 175 -14.87 18.81 -10.08
CA ILE F 175 -16.17 19.42 -10.39
C ILE F 175 -16.28 20.74 -9.64
N ASP F 176 -15.90 20.70 -8.37
CA ASP F 176 -15.87 21.91 -7.55
C ASP F 176 -14.96 22.99 -8.08
N ILE F 177 -14.08 22.70 -9.03
CA ILE F 177 -13.18 23.75 -9.49
C ILE F 177 -13.28 24.07 -10.97
N GLY F 178 -14.40 23.67 -11.57
CA GLY F 178 -14.68 24.01 -12.97
C GLY F 178 -14.69 22.86 -13.95
N LEU F 179 -14.11 21.72 -13.56
CA LEU F 179 -13.95 20.57 -14.47
C LEU F 179 -15.15 19.65 -14.41
N LYS F 180 -16.05 19.76 -15.40
CA LYS F 180 -17.27 18.98 -15.37
C LYS F 180 -17.04 17.55 -15.87
N PRO F 181 -17.95 16.66 -15.51
CA PRO F 181 -17.91 15.34 -16.04
C PRO F 181 -17.85 15.40 -17.57
N HIS F 182 -17.37 14.34 -18.19
CA HIS F 182 -17.25 14.26 -19.64
C HIS F 182 -17.56 12.86 -20.00
N SER F 183 -18.33 12.69 -21.09
CA SER F 183 -18.61 11.39 -21.67
C SER F 183 -17.91 11.25 -23.00
N VAL F 184 -16.87 10.43 -23.00
CA VAL F 184 -16.09 10.16 -24.18
C VAL F 184 -16.98 9.39 -25.16
N SER F 185 -16.93 9.75 -26.44
CA SER F 185 -17.76 9.06 -27.46
C SER F 185 -17.35 7.66 -27.68
N PHE F 186 -16.08 7.41 -27.86
CA PHE F 186 -15.66 5.99 -28.00
C PHE F 186 -14.27 5.66 -27.40
N ILE F 187 -13.94 4.36 -27.37
CA ILE F 187 -12.63 3.92 -26.93
C ILE F 187 -12.07 3.02 -27.99
N ALA F 188 -10.76 3.05 -28.23
CA ALA F 188 -10.19 2.01 -29.11
C ALA F 188 -8.87 1.50 -28.59
N LEU F 189 -8.75 0.19 -28.55
CA LEU F 189 -7.60 -0.44 -27.93
C LEU F 189 -6.64 -0.84 -29.01
N TYR F 190 -5.40 -0.37 -28.93
CA TYR F 190 -4.39 -0.84 -29.83
C TYR F 190 -3.54 -1.87 -29.14
N TYR F 191 -2.51 -2.35 -29.85
CA TYR F 191 -1.72 -3.48 -29.36
C TYR F 191 -2.70 -4.58 -28.99
N THR F 192 -3.63 -4.91 -29.87
CA THR F 192 -4.70 -5.86 -29.50
C THR F 192 -4.54 -7.07 -30.33
N HIS F 193 -5.04 -8.18 -29.84
CA HIS F 193 -4.95 -9.38 -30.62
C HIS F 193 -6.30 -9.86 -31.13
N LYS F 194 -7.36 -9.17 -30.74
CA LYS F 194 -8.64 -9.34 -31.40
C LYS F 194 -9.11 -7.99 -31.99
N PRO F 195 -8.33 -7.46 -32.96
CA PRO F 195 -8.77 -6.23 -33.61
C PRO F 195 -10.15 -6.45 -34.22
N ASN F 196 -10.97 -5.43 -34.35
CA ASN F 196 -12.22 -5.59 -35.11
C ASN F 196 -12.50 -4.47 -36.09
N TYR F 197 -11.69 -3.44 -35.98
CA TYR F 197 -11.57 -2.40 -37.00
C TYR F 197 -10.09 -2.26 -37.35
N ILE F 198 -9.78 -2.31 -38.65
CA ILE F 198 -8.39 -2.19 -39.07
C ILE F 198 -8.19 -1.03 -40.06
N VAL F 199 -7.03 -0.35 -39.96
CA VAL F 199 -6.75 0.85 -40.74
C VAL F 199 -5.58 0.61 -41.66
N ASP F 200 -5.81 0.90 -42.95
CA ASP F 200 -4.78 0.89 -43.99
C ASP F 200 -3.78 1.99 -43.74
N ILE F 201 -2.55 1.56 -43.48
CA ILE F 201 -1.41 2.47 -43.31
C ILE F 201 -0.29 2.08 -44.28
N THR F 202 -0.61 1.35 -45.36
CA THR F 202 0.45 0.88 -46.27
C THR F 202 1.27 2.09 -46.81
N ASP F 203 0.60 3.21 -47.07
CA ASP F 203 1.23 4.42 -47.63
C ASP F 203 1.83 5.32 -46.55
N LEU F 204 1.68 4.89 -45.28
CA LEU F 204 2.27 5.64 -44.17
C LEU F 204 3.35 4.82 -43.50
N MET F 205 3.47 3.55 -43.86
CA MET F 205 4.44 2.68 -43.23
C MET F 205 5.78 3.36 -43.01
N GLU F 206 6.28 4.01 -44.05
CA GLU F 206 7.65 4.52 -43.99
C GLU F 206 7.70 5.70 -43.07
N LEU F 207 6.68 6.52 -43.04
CA LEU F 207 6.66 7.61 -42.11
C LEU F 207 6.62 7.04 -40.67
N LYS F 208 5.74 6.05 -40.42
CA LYS F 208 5.61 5.44 -39.10
C LYS F 208 6.96 4.99 -38.58
N LEU F 209 7.68 4.21 -39.40
CA LEU F 209 9.03 3.82 -39.02
C LEU F 209 9.93 5.02 -38.69
N LYS F 210 9.89 6.06 -39.51
CA LYS F 210 10.74 7.21 -39.17
C LYS F 210 10.41 7.82 -37.78
N ALA F 211 9.12 7.82 -37.43
CA ALA F 211 8.63 8.34 -36.16
C ALA F 211 9.04 7.45 -34.95
N ILE F 212 9.13 6.14 -35.21
CA ILE F 212 9.58 5.14 -34.28
C ILE F 212 11.07 5.23 -34.06
N ARG F 213 11.81 5.40 -35.17
CA ARG F 213 13.29 5.51 -35.12
C ARG F 213 13.83 6.79 -34.48
N ALA F 214 13.04 7.86 -34.47
CA ALA F 214 13.42 9.07 -33.76
C ALA F 214 13.57 8.86 -32.24
N HIS F 215 13.03 7.74 -31.72
CA HIS F 215 13.39 7.19 -30.40
C HIS F 215 14.74 6.46 -30.48
N ARG F 216 15.82 7.20 -30.68
CA ARG F 216 17.17 6.63 -30.92
C ARG F 216 17.70 5.79 -29.76
N SER F 217 17.57 6.33 -28.54
CA SER F 217 17.90 5.62 -27.30
C SER F 217 17.40 4.19 -27.33
N GLN F 218 16.20 4.01 -27.91
CA GLN F 218 15.52 2.72 -27.91
C GLN F 218 15.84 1.82 -29.11
N PHE F 219 16.11 2.41 -30.26
CA PHE F 219 16.42 1.62 -31.48
C PHE F 219 17.79 2.01 -32.05
N THR F 220 18.83 1.29 -31.61
CA THR F 220 20.15 1.40 -32.22
C THR F 220 20.11 0.59 -33.53
N ASP F 221 21.14 0.69 -34.38
CA ASP F 221 21.28 -0.16 -35.58
C ASP F 221 21.20 -1.66 -35.27
N ASP F 222 21.80 -2.09 -34.14
CA ASP F 222 21.78 -3.53 -33.79
C ASP F 222 20.39 -4.00 -33.32
N ILE F 223 19.65 -3.12 -32.66
CA ILE F 223 18.27 -3.44 -32.23
C ILE F 223 17.33 -3.46 -33.45
N TRP F 224 17.58 -2.54 -34.37
CA TRP F 224 16.78 -2.35 -35.59
C TRP F 224 16.79 -3.53 -36.56
N GLU F 225 17.85 -4.37 -36.51
CA GLU F 225 17.96 -5.61 -37.30
C GLU F 225 16.81 -6.54 -36.94
N THR F 226 16.43 -6.49 -35.67
CA THR F 226 15.41 -7.37 -35.08
C THR F 226 14.03 -6.69 -35.15
N TRP F 227 14.00 -5.41 -34.77
CA TRP F 227 12.75 -4.69 -34.62
C TRP F 227 12.04 -4.30 -35.91
N GLU F 228 12.79 -3.88 -36.94
CA GLU F 228 12.13 -3.55 -38.22
C GLU F 228 11.35 -4.74 -38.76
N PRO F 229 11.95 -5.93 -38.76
CA PRO F 229 11.15 -7.05 -39.22
C PRO F 229 10.00 -7.39 -38.27
N PHE F 230 10.22 -7.22 -36.97
CA PHE F 230 9.15 -7.49 -36.00
C PHE F 230 7.97 -6.60 -36.31
N LEU F 231 8.27 -5.33 -36.56
CA LEU F 231 7.26 -4.32 -36.78
C LEU F 231 6.52 -4.55 -38.09
N ARG F 232 7.25 -5.06 -39.08
CA ARG F 232 6.64 -5.27 -40.37
C ARG F 232 5.74 -6.47 -40.19
N THR F 233 6.26 -7.52 -39.54
CA THR F 233 5.45 -8.74 -39.25
C THR F 233 4.10 -8.39 -38.57
N VAL F 234 4.14 -7.50 -37.56
CA VAL F 234 2.94 -7.13 -36.85
C VAL F 234 1.99 -6.42 -37.79
N THR F 235 2.53 -5.52 -38.61
CA THR F 235 1.66 -4.67 -39.45
C THR F 235 1.03 -5.50 -40.55
N MET F 236 1.75 -6.55 -40.95
CA MET F 236 1.26 -7.49 -41.94
C MET F 236 0.13 -8.34 -41.38
N PHE F 237 0.27 -8.71 -40.10
CA PHE F 237 -0.70 -9.54 -39.36
C PHE F 237 -2.04 -8.87 -39.36
N TYR F 238 -2.01 -7.54 -39.19
CA TYR F 238 -3.21 -6.74 -39.20
C TYR F 238 -3.71 -6.48 -40.61
N GLY F 239 -2.79 -6.20 -41.53
CA GLY F 239 -3.15 -5.96 -42.93
C GLY F 239 -3.81 -7.13 -43.63
N GLU F 240 -3.21 -8.31 -43.50
CA GLU F 240 -3.74 -9.55 -44.11
C GLU F 240 -5.23 -9.72 -43.82
N LYS F 241 -5.74 -9.03 -42.81
CA LYS F 241 -7.10 -9.25 -42.33
C LYS F 241 -8.14 -8.47 -43.12
N ILE F 242 -7.74 -7.31 -43.66
CA ILE F 242 -8.57 -6.55 -44.60
C ILE F 242 -7.92 -6.52 -45.99
N GLY F 243 -7.13 -7.56 -46.25
CA GLY F 243 -6.45 -7.84 -47.49
C GLY F 243 -5.55 -6.73 -48.05
N VAL F 244 -4.64 -6.19 -47.23
CA VAL F 244 -3.74 -5.07 -47.64
C VAL F 244 -2.40 -5.35 -47.01
N ARG F 245 -1.35 -4.57 -47.34
CA ARG F 245 0.01 -4.98 -46.96
C ARG F 245 0.41 -4.67 -45.52
N TYR F 246 0.11 -3.44 -45.09
CA TYR F 246 0.39 -3.00 -43.72
C TYR F 246 -0.85 -2.39 -43.12
N GLY F 247 -1.24 -2.93 -41.96
CA GLY F 247 -2.41 -2.44 -41.21
C GLY F 247 -2.15 -2.10 -39.73
N GLU F 248 -3.00 -1.25 -39.17
CA GLU F 248 -3.02 -1.04 -37.73
C GLU F 248 -4.37 -1.46 -37.19
N GLY F 249 -4.33 -2.47 -36.31
CA GLY F 249 -5.53 -3.04 -35.71
C GLY F 249 -5.93 -2.41 -34.39
N PHE F 250 -7.23 -2.20 -34.27
CA PHE F 250 -7.86 -1.64 -33.10
C PHE F 250 -9.09 -2.49 -32.69
N ARG F 251 -9.35 -2.54 -31.38
CA ARG F 251 -10.60 -3.10 -30.90
C ARG F 251 -11.49 -2.00 -30.38
N VAL F 252 -12.72 -1.99 -30.88
CA VAL F 252 -13.78 -1.07 -30.48
C VAL F 252 -15.03 -1.86 -30.10
N MET F 253 -15.67 -1.51 -28.98
CA MET F 253 -16.88 -2.18 -28.56
C MET F 253 -17.83 -1.16 -27.95
N PRO F 254 -19.16 -1.42 -28.01
CA PRO F 254 -20.07 -0.56 -27.29
C PRO F 254 -19.60 -0.44 -25.82
N GLY F 255 -19.78 0.73 -25.21
CA GLY F 255 -19.44 0.95 -23.81
C GLY F 255 -19.97 -0.19 -22.95
N LEU F 256 -21.20 -0.62 -23.24
CA LEU F 256 -21.87 -1.63 -22.44
C LEU F 256 -21.06 -2.90 -22.36
N PHE F 257 -20.40 -3.29 -23.44
CA PHE F 257 -19.70 -4.56 -23.50
C PHE F 257 -18.51 -4.69 -22.55
N TYR F 258 -18.11 -3.57 -21.96
CA TYR F 258 -16.97 -3.58 -21.05
C TYR F 258 -17.35 -4.12 -19.66
N HIS F 259 -18.59 -4.49 -19.47
CA HIS F 259 -19.08 -4.81 -18.14
C HIS F 259 -20.15 -5.89 -18.24
N ILE F 260 -19.93 -7.01 -17.56
CA ILE F 260 -20.94 -8.09 -17.41
C ILE F 260 -21.58 -8.61 -18.70
N THR F 261 -20.79 -8.56 -19.76
CA THR F 261 -21.22 -9.03 -21.09
C THR F 261 -20.61 -10.42 -21.50
N PRO F 262 -21.40 -11.51 -21.41
CA PRO F 262 -20.86 -12.83 -21.65
C PRO F 262 -20.66 -13.13 -23.13
N PHE F 263 -21.11 -12.19 -23.95
CA PHE F 263 -20.95 -12.27 -25.39
C PHE F 263 -20.23 -11.04 -25.93
N ALA F 264 -19.40 -10.39 -25.11
CA ALA F 264 -18.48 -9.33 -25.64
C ALA F 264 -17.55 -9.87 -26.74
N ASP F 265 -17.09 -11.11 -26.61
CA ASP F 265 -16.17 -11.74 -27.57
C ASP F 265 -16.71 -12.07 -28.99
N LEU F 266 -18.01 -11.89 -29.23
CA LEU F 266 -18.60 -12.18 -30.56
C LEU F 266 -18.29 -11.12 -31.56
N ILE F 267 -18.30 -9.87 -31.12
CA ILE F 267 -17.81 -8.77 -31.98
C ILE F 267 -16.29 -8.59 -31.95
#